data_3MSH
# 
_entry.id   3MSH 
# 
_audit_conform.dict_name       mmcif_pdbx.dic 
_audit_conform.dict_version    5.399 
_audit_conform.dict_location   http://mmcif.pdb.org/dictionaries/ascii/mmcif_pdbx.dic 
# 
loop_
_database_2.database_id 
_database_2.database_code 
_database_2.pdbx_database_accession 
_database_2.pdbx_DOI 
PDB   3MSH         pdb_00003msh 10.2210/pdb3msh/pdb 
RCSB  RCSB058942   ?            ?                   
WWPDB D_1000058942 ?            ?                   
# 
loop_
_pdbx_audit_revision_history.ordinal 
_pdbx_audit_revision_history.data_content_type 
_pdbx_audit_revision_history.major_revision 
_pdbx_audit_revision_history.minor_revision 
_pdbx_audit_revision_history.revision_date 
1 'Structure model' 1 0 2010-11-10 
2 'Structure model' 1 1 2011-07-13 
3 'Structure model' 1 2 2023-09-06 
4 'Structure model' 1 3 2024-11-20 
# 
_pdbx_audit_revision_details.ordinal             1 
_pdbx_audit_revision_details.revision_ordinal    1 
_pdbx_audit_revision_details.data_content_type   'Structure model' 
_pdbx_audit_revision_details.provider            repository 
_pdbx_audit_revision_details.type                'Initial release' 
_pdbx_audit_revision_details.description         ? 
_pdbx_audit_revision_details.details             ? 
# 
loop_
_pdbx_audit_revision_group.ordinal 
_pdbx_audit_revision_group.revision_ordinal 
_pdbx_audit_revision_group.data_content_type 
_pdbx_audit_revision_group.group 
1 2 'Structure model' 'Version format compliance' 
2 3 'Structure model' 'Data collection'           
3 3 'Structure model' 'Database references'       
4 3 'Structure model' 'Derived calculations'      
5 3 'Structure model' 'Refinement description'    
6 4 'Structure model' 'Structure summary'         
# 
loop_
_pdbx_audit_revision_category.ordinal 
_pdbx_audit_revision_category.revision_ordinal 
_pdbx_audit_revision_category.data_content_type 
_pdbx_audit_revision_category.category 
1 3 'Structure model' chem_comp_atom                
2 3 'Structure model' chem_comp_bond                
3 3 'Structure model' database_2                    
4 3 'Structure model' pdbx_initial_refinement_model 
5 3 'Structure model' struct_ref_seq_dif            
6 3 'Structure model' struct_site                   
7 4 'Structure model' pdbx_entry_details            
8 4 'Structure model' pdbx_modification_feature     
# 
loop_
_pdbx_audit_revision_item.ordinal 
_pdbx_audit_revision_item.revision_ordinal 
_pdbx_audit_revision_item.data_content_type 
_pdbx_audit_revision_item.item 
1 3 'Structure model' '_database_2.pdbx_DOI'                
2 3 'Structure model' '_database_2.pdbx_database_accession' 
3 3 'Structure model' '_struct_ref_seq_dif.details'         
4 3 'Structure model' '_struct_site.pdbx_auth_asym_id'      
5 3 'Structure model' '_struct_site.pdbx_auth_comp_id'      
6 3 'Structure model' '_struct_site.pdbx_auth_seq_id'       
# 
_pdbx_database_status.status_code                     REL 
_pdbx_database_status.entry_id                        3MSH 
_pdbx_database_status.recvd_initial_deposition_date   2010-04-29 
_pdbx_database_status.deposit_site                    RCSB 
_pdbx_database_status.process_site                    RCSB 
_pdbx_database_status.status_code_sf                  REL 
_pdbx_database_status.status_code_mr                  ? 
_pdbx_database_status.SG_entry                        ? 
_pdbx_database_status.status_code_cs                  ? 
_pdbx_database_status.pdb_format_compatible           Y 
_pdbx_database_status.status_code_nmr_data            ? 
_pdbx_database_status.methods_development_category    ? 
# 
_pdbx_database_related.db_name        PDB 
_pdbx_database_related.db_id          3MS6 
_pdbx_database_related.details        'The same protein but structure obtained at higher resolution' 
_pdbx_database_related.content_type   unspecified 
# 
loop_
_audit_author.name 
_audit_author.pdbx_ordinal 
'Garcia-Saez, I.' 1 
'Skoufias, D.'    2 
# 
_citation.id                        primary 
_citation.title                     
;Structural Characterization of HBXIP: The Protein That Interacts with the Anti-Apoptotic Protein Survivin and the Oncogenic Viral Protein HBx.
;
_citation.journal_abbrev            J.Mol.Biol. 
_citation.journal_volume            405 
_citation.page_first                331 
_citation.page_last                 340 
_citation.year                      2011 
_citation.journal_id_ASTM           JMOBAK 
_citation.country                   UK 
_citation.journal_id_ISSN           0022-2836 
_citation.journal_id_CSD            0070 
_citation.book_publisher            ? 
_citation.pdbx_database_id_PubMed   21059355 
_citation.pdbx_database_id_DOI      10.1016/j.jmb.2010.10.046 
# 
loop_
_citation_author.citation_id 
_citation_author.name 
_citation_author.ordinal 
_citation_author.identifier_ORCID 
primary 'Garcia-Saez, I.' 1 ? 
primary 'Lacroix, F.B.'   2 ? 
primary 'Blot, D.'        3 ? 
primary 'Gabel, F.'       4 ? 
primary 'Skoufias, D.A.'  5 ? 
# 
loop_
_entity.id 
_entity.type 
_entity.src_method 
_entity.pdbx_description 
_entity.formula_weight 
_entity.pdbx_number_of_molecules 
_entity.pdbx_ec 
_entity.pdbx_mutation 
_entity.pdbx_fragment 
_entity.details 
1 polymer     man 'Hepatitis B virus X-interacting protein' 10694.054 1  ? ? ? ? 
2 non-polymer syn GLYCEROL                                  92.094    1  ? ? ? ? 
3 non-polymer syn 'ISOPROPYL ALCOHOL'                       60.095    3  ? ? ? ? 
4 non-polymer syn 'PHOSPHATE ION'                           94.971    1  ? ? ? ? 
5 non-polymer syn 'TETRAETHYLENE GLYCOL'                    194.226   1  ? ? ? ? 
6 water       nat water                                     18.015    68 ? ? ? ? 
# 
_entity_name_com.entity_id   1 
_entity_name_com.name        'HBV X-interacting protein, HBX-interacting protein' 
# 
_entity_poly.entity_id                      1 
_entity_poly.type                           'polypeptide(L)' 
_entity_poly.nstd_linkage                   no 
_entity_poly.nstd_monomer                   no 
_entity_poly.pdbx_seq_one_letter_code       
;MEATLEQHLEDTMKNPSIVGVLCTDSQGLNLGCRGTLSDEHAGVISVLAQQAAKLTSDPTDIPVVCLESDNGNIMIQKHD
GITVAVHKMASLEHHHHHH
;
_entity_poly.pdbx_seq_one_letter_code_can   
;MEATLEQHLEDTMKNPSIVGVLCTDSQGLNLGCRGTLSDEHAGVISVLAQQAAKLTSDPTDIPVVCLESDNGNIMIQKHD
GITVAVHKMASLEHHHHHH
;
_entity_poly.pdbx_strand_id                 A 
_entity_poly.pdbx_target_identifier         ? 
# 
loop_
_pdbx_entity_nonpoly.entity_id 
_pdbx_entity_nonpoly.name 
_pdbx_entity_nonpoly.comp_id 
2 GLYCEROL               GOL 
3 'ISOPROPYL ALCOHOL'    IPA 
4 'PHOSPHATE ION'        PO4 
5 'TETRAETHYLENE GLYCOL' PG4 
6 water                  HOH 
# 
loop_
_entity_poly_seq.entity_id 
_entity_poly_seq.num 
_entity_poly_seq.mon_id 
_entity_poly_seq.hetero 
1 1  MET n 
1 2  GLU n 
1 3  ALA n 
1 4  THR n 
1 5  LEU n 
1 6  GLU n 
1 7  GLN n 
1 8  HIS n 
1 9  LEU n 
1 10 GLU n 
1 11 ASP n 
1 12 THR n 
1 13 MET n 
1 14 LYS n 
1 15 ASN n 
1 16 PRO n 
1 17 SER n 
1 18 ILE n 
1 19 VAL n 
1 20 GLY n 
1 21 VAL n 
1 22 LEU n 
1 23 CYS n 
1 24 THR n 
1 25 ASP n 
1 26 SER n 
1 27 GLN n 
1 28 GLY n 
1 29 LEU n 
1 30 ASN n 
1 31 LEU n 
1 32 GLY n 
1 33 CYS n 
1 34 ARG n 
1 35 GLY n 
1 36 THR n 
1 37 LEU n 
1 38 SER n 
1 39 ASP n 
1 40 GLU n 
1 41 HIS n 
1 42 ALA n 
1 43 GLY n 
1 44 VAL n 
1 45 ILE n 
1 46 SER n 
1 47 VAL n 
1 48 LEU n 
1 49 ALA n 
1 50 GLN n 
1 51 GLN n 
1 52 ALA n 
1 53 ALA n 
1 54 LYS n 
1 55 LEU n 
1 56 THR n 
1 57 SER n 
1 58 ASP n 
1 59 PRO n 
1 60 THR n 
1 61 ASP n 
1 62 ILE n 
1 63 PRO n 
1 64 VAL n 
1 65 VAL n 
1 66 CYS n 
1 67 LEU n 
1 68 GLU n 
1 69 SER n 
1 70 ASP n 
1 71 ASN n 
1 72 GLY n 
1 73 ASN n 
1 74 ILE n 
1 75 MET n 
1 76 ILE n 
1 77 GLN n 
1 78 LYS n 
1 79 HIS n 
1 80 ASP n 
1 81 GLY n 
1 82 ILE n 
1 83 THR n 
1 84 VAL n 
1 85 ALA n 
1 86 VAL n 
1 87 HIS n 
1 88 LYS n 
1 89 MET n 
1 90 ALA n 
1 91 SER n 
1 92 LEU n 
1 93 GLU n 
1 94 HIS n 
1 95 HIS n 
1 96 HIS n 
1 97 HIS n 
1 98 HIS n 
1 99 HIS n 
# 
_entity_src_gen.entity_id                          1 
_entity_src_gen.pdbx_src_id                        1 
_entity_src_gen.pdbx_alt_source_flag               sample 
_entity_src_gen.pdbx_seq_type                      ? 
_entity_src_gen.pdbx_beg_seq_num                   ? 
_entity_src_gen.pdbx_end_seq_num                   ? 
_entity_src_gen.gene_src_common_name               human 
_entity_src_gen.gene_src_genus                     ? 
_entity_src_gen.pdbx_gene_src_gene                 'HBXIP, XIP' 
_entity_src_gen.gene_src_species                   ? 
_entity_src_gen.gene_src_strain                    ? 
_entity_src_gen.gene_src_tissue                    ? 
_entity_src_gen.gene_src_tissue_fraction           ? 
_entity_src_gen.gene_src_details                   ? 
_entity_src_gen.pdbx_gene_src_fragment             ? 
_entity_src_gen.pdbx_gene_src_scientific_name      'Homo sapiens' 
_entity_src_gen.pdbx_gene_src_ncbi_taxonomy_id     9606 
_entity_src_gen.pdbx_gene_src_variant              ? 
_entity_src_gen.pdbx_gene_src_cell_line            ? 
_entity_src_gen.pdbx_gene_src_atcc                 ? 
_entity_src_gen.pdbx_gene_src_organ                ? 
_entity_src_gen.pdbx_gene_src_organelle            ? 
_entity_src_gen.pdbx_gene_src_cell                 ? 
_entity_src_gen.pdbx_gene_src_cellular_location    ? 
_entity_src_gen.host_org_common_name               ? 
_entity_src_gen.pdbx_host_org_scientific_name      'Escherichia coli' 
_entity_src_gen.pdbx_host_org_ncbi_taxonomy_id     469008 
_entity_src_gen.host_org_genus                     ? 
_entity_src_gen.pdbx_host_org_gene                 ? 
_entity_src_gen.pdbx_host_org_organ                ? 
_entity_src_gen.host_org_species                   ? 
_entity_src_gen.pdbx_host_org_tissue               ? 
_entity_src_gen.pdbx_host_org_tissue_fraction      ? 
_entity_src_gen.pdbx_host_org_strain               'BL21(DE3)' 
_entity_src_gen.pdbx_host_org_variant              ? 
_entity_src_gen.pdbx_host_org_cell_line            ? 
_entity_src_gen.pdbx_host_org_atcc                 ? 
_entity_src_gen.pdbx_host_org_culture_collection   ? 
_entity_src_gen.pdbx_host_org_cell                 ? 
_entity_src_gen.pdbx_host_org_organelle            ? 
_entity_src_gen.pdbx_host_org_cellular_location    ? 
_entity_src_gen.pdbx_host_org_vector_type          plasmid 
_entity_src_gen.pdbx_host_org_vector               ? 
_entity_src_gen.host_org_details                   ? 
_entity_src_gen.expression_system_id               ? 
_entity_src_gen.plasmid_name                       'pET-23d(+)' 
_entity_src_gen.plasmid_details                    ? 
_entity_src_gen.pdbx_description                   ? 
# 
loop_
_chem_comp.id 
_chem_comp.type 
_chem_comp.mon_nstd_flag 
_chem_comp.name 
_chem_comp.pdbx_synonyms 
_chem_comp.formula 
_chem_comp.formula_weight 
ALA 'L-peptide linking' y ALANINE                ?                               'C3 H7 N O2'     89.093  
ARG 'L-peptide linking' y ARGININE               ?                               'C6 H15 N4 O2 1' 175.209 
ASN 'L-peptide linking' y ASPARAGINE             ?                               'C4 H8 N2 O3'    132.118 
ASP 'L-peptide linking' y 'ASPARTIC ACID'        ?                               'C4 H7 N O4'     133.103 
CYS 'L-peptide linking' y CYSTEINE               ?                               'C3 H7 N O2 S'   121.158 
GLN 'L-peptide linking' y GLUTAMINE              ?                               'C5 H10 N2 O3'   146.144 
GLU 'L-peptide linking' y 'GLUTAMIC ACID'        ?                               'C5 H9 N O4'     147.129 
GLY 'peptide linking'   y GLYCINE                ?                               'C2 H5 N O2'     75.067  
GOL non-polymer         . GLYCEROL               'GLYCERIN; PROPANE-1,2,3-TRIOL' 'C3 H8 O3'       92.094  
HIS 'L-peptide linking' y HISTIDINE              ?                               'C6 H10 N3 O2 1' 156.162 
HOH non-polymer         . WATER                  ?                               'H2 O'           18.015  
ILE 'L-peptide linking' y ISOLEUCINE             ?                               'C6 H13 N O2'    131.173 
IPA non-polymer         . 'ISOPROPYL ALCOHOL'    2-PROPANOL                      'C3 H8 O'        60.095  
LEU 'L-peptide linking' y LEUCINE                ?                               'C6 H13 N O2'    131.173 
LYS 'L-peptide linking' y LYSINE                 ?                               'C6 H15 N2 O2 1' 147.195 
MET 'L-peptide linking' y METHIONINE             ?                               'C5 H11 N O2 S'  149.211 
PG4 non-polymer         . 'TETRAETHYLENE GLYCOL' ?                               'C8 H18 O5'      194.226 
PO4 non-polymer         . 'PHOSPHATE ION'        ?                               'O4 P -3'        94.971  
PRO 'L-peptide linking' y PROLINE                ?                               'C5 H9 N O2'     115.130 
SER 'L-peptide linking' y SERINE                 ?                               'C3 H7 N O3'     105.093 
THR 'L-peptide linking' y THREONINE              ?                               'C4 H9 N O3'     119.119 
VAL 'L-peptide linking' y VALINE                 ?                               'C5 H11 N O2'    117.146 
# 
loop_
_pdbx_poly_seq_scheme.asym_id 
_pdbx_poly_seq_scheme.entity_id 
_pdbx_poly_seq_scheme.seq_id 
_pdbx_poly_seq_scheme.mon_id 
_pdbx_poly_seq_scheme.ndb_seq_num 
_pdbx_poly_seq_scheme.pdb_seq_num 
_pdbx_poly_seq_scheme.auth_seq_num 
_pdbx_poly_seq_scheme.pdb_mon_id 
_pdbx_poly_seq_scheme.auth_mon_id 
_pdbx_poly_seq_scheme.pdb_strand_id 
_pdbx_poly_seq_scheme.pdb_ins_code 
_pdbx_poly_seq_scheme.hetero 
A 1 1  MET 1  1  1  MET MET A . n 
A 1 2  GLU 2  2  2  GLU GLU A . n 
A 1 3  ALA 3  3  3  ALA ALA A . n 
A 1 4  THR 4  4  4  THR THR A . n 
A 1 5  LEU 5  5  5  LEU LEU A . n 
A 1 6  GLU 6  6  6  GLU GLU A . n 
A 1 7  GLN 7  7  7  GLN GLN A . n 
A 1 8  HIS 8  8  8  HIS HIS A . n 
A 1 9  LEU 9  9  9  LEU LEU A . n 
A 1 10 GLU 10 10 10 GLU GLU A . n 
A 1 11 ASP 11 11 11 ASP ASP A . n 
A 1 12 THR 12 12 12 THR THR A . n 
A 1 13 MET 13 13 13 MET MET A . n 
A 1 14 LYS 14 14 14 LYS LYS A . n 
A 1 15 ASN 15 15 15 ASN ASN A . n 
A 1 16 PRO 16 16 16 PRO PRO A . n 
A 1 17 SER 17 17 17 SER SER A . n 
A 1 18 ILE 18 18 18 ILE ILE A . n 
A 1 19 VAL 19 19 19 VAL VAL A . n 
A 1 20 GLY 20 20 20 GLY GLY A . n 
A 1 21 VAL 21 21 21 VAL VAL A . n 
A 1 22 LEU 22 22 22 LEU LEU A . n 
A 1 23 CYS 23 23 23 CYS CYS A . n 
A 1 24 THR 24 24 24 THR THR A . n 
A 1 25 ASP 25 25 25 ASP ASP A . n 
A 1 26 SER 26 26 26 SER SER A . n 
A 1 27 GLN 27 27 27 GLN GLN A . n 
A 1 28 GLY 28 28 28 GLY GLY A . n 
A 1 29 LEU 29 29 29 LEU LEU A . n 
A 1 30 ASN 30 30 30 ASN ASN A . n 
A 1 31 LEU 31 31 31 LEU LEU A . n 
A 1 32 GLY 32 32 32 GLY GLY A . n 
A 1 33 CYS 33 33 33 CYS CYS A . n 
A 1 34 ARG 34 34 34 ARG ARG A . n 
A 1 35 GLY 35 35 35 GLY GLY A . n 
A 1 36 THR 36 36 36 THR THR A . n 
A 1 37 LEU 37 37 37 LEU LEU A . n 
A 1 38 SER 38 38 38 SER SER A . n 
A 1 39 ASP 39 39 39 ASP ASP A . n 
A 1 40 GLU 40 40 40 GLU GLU A . n 
A 1 41 HIS 41 41 41 HIS HIS A . n 
A 1 42 ALA 42 42 42 ALA ALA A . n 
A 1 43 GLY 43 43 43 GLY GLY A . n 
A 1 44 VAL 44 44 44 VAL VAL A . n 
A 1 45 ILE 45 45 45 ILE ILE A . n 
A 1 46 SER 46 46 46 SER SER A . n 
A 1 47 VAL 47 47 47 VAL VAL A . n 
A 1 48 LEU 48 48 48 LEU LEU A . n 
A 1 49 ALA 49 49 49 ALA ALA A . n 
A 1 50 GLN 50 50 50 GLN GLN A . n 
A 1 51 GLN 51 51 51 GLN GLN A . n 
A 1 52 ALA 52 52 52 ALA ALA A . n 
A 1 53 ALA 53 53 53 ALA ALA A . n 
A 1 54 LYS 54 54 54 LYS LYS A . n 
A 1 55 LEU 55 55 55 LEU LEU A . n 
A 1 56 THR 56 56 56 THR THR A . n 
A 1 57 SER 57 57 57 SER SER A . n 
A 1 58 ASP 58 58 58 ASP ASP A . n 
A 1 59 PRO 59 59 59 PRO PRO A . n 
A 1 60 THR 60 60 60 THR THR A . n 
A 1 61 ASP 61 61 61 ASP ASP A . n 
A 1 62 ILE 62 62 62 ILE ILE A . n 
A 1 63 PRO 63 63 63 PRO PRO A . n 
A 1 64 VAL 64 64 64 VAL VAL A . n 
A 1 65 VAL 65 65 65 VAL VAL A . n 
A 1 66 CYS 66 66 66 CYS CYS A . n 
A 1 67 LEU 67 67 67 LEU LEU A . n 
A 1 68 GLU 68 68 68 GLU GLU A . n 
A 1 69 SER 69 69 69 SER SER A . n 
A 1 70 ASP 70 70 70 ASP ASP A . n 
A 1 71 ASN 71 71 71 ASN ASN A . n 
A 1 72 GLY 72 72 72 GLY GLY A . n 
A 1 73 ASN 73 73 73 ASN ASN A . n 
A 1 74 ILE 74 74 74 ILE ILE A . n 
A 1 75 MET 75 75 75 MET MET A . n 
A 1 76 ILE 76 76 76 ILE ILE A . n 
A 1 77 GLN 77 77 77 GLN GLN A . n 
A 1 78 LYS 78 78 78 LYS LYS A . n 
A 1 79 HIS 79 79 79 HIS HIS A . n 
A 1 80 ASP 80 80 80 ASP ASP A . n 
A 1 81 GLY 81 81 81 GLY GLY A . n 
A 1 82 ILE 82 82 82 ILE ILE A . n 
A 1 83 THR 83 83 83 THR THR A . n 
A 1 84 VAL 84 84 84 VAL VAL A . n 
A 1 85 ALA 85 85 85 ALA ALA A . n 
A 1 86 VAL 86 86 86 VAL VAL A . n 
A 1 87 HIS 87 87 87 HIS HIS A . n 
A 1 88 LYS 88 88 88 LYS LYS A . n 
A 1 89 MET 89 89 89 MET MET A . n 
A 1 90 ALA 90 90 90 ALA ALA A . n 
A 1 91 SER 91 91 ?  ?   ?   A . n 
A 1 92 LEU 92 92 ?  ?   ?   A . n 
A 1 93 GLU 93 93 ?  ?   ?   A . n 
A 1 94 HIS 94 94 ?  ?   ?   A . n 
A 1 95 HIS 95 95 ?  ?   ?   A . n 
A 1 96 HIS 96 96 ?  ?   ?   A . n 
A 1 97 HIS 97 97 ?  ?   ?   A . n 
A 1 98 HIS 98 98 ?  ?   ?   A . n 
A 1 99 HIS 99 99 ?  ?   ?   A . n 
# 
loop_
_pdbx_nonpoly_scheme.asym_id 
_pdbx_nonpoly_scheme.entity_id 
_pdbx_nonpoly_scheme.mon_id 
_pdbx_nonpoly_scheme.ndb_seq_num 
_pdbx_nonpoly_scheme.pdb_seq_num 
_pdbx_nonpoly_scheme.auth_seq_num 
_pdbx_nonpoly_scheme.pdb_mon_id 
_pdbx_nonpoly_scheme.auth_mon_id 
_pdbx_nonpoly_scheme.pdb_strand_id 
_pdbx_nonpoly_scheme.pdb_ins_code 
B 2 GOL 1  998 998 GOL GOL A . 
C 3 IPA 1  100 100 IPA IPA A . 
D 3 IPA 1  101 101 IPA IPA A . 
E 3 IPA 1  104 104 IPA IPA A . 
F 4 PO4 1  105 105 PO4 PO4 A . 
G 5 PG4 1  106 106 PG4 PG4 A . 
H 6 HOH 1  102 1   HOH HOH A . 
H 6 HOH 2  103 2   HOH HOH A . 
H 6 HOH 3  107 3   HOH HOH A . 
H 6 HOH 4  108 4   HOH HOH A . 
H 6 HOH 5  109 5   HOH HOH A . 
H 6 HOH 6  110 6   HOH HOH A . 
H 6 HOH 7  111 7   HOH HOH A . 
H 6 HOH 8  112 8   HOH HOH A . 
H 6 HOH 9  113 9   HOH HOH A . 
H 6 HOH 10 114 10  HOH HOH A . 
H 6 HOH 11 115 11  HOH HOH A . 
H 6 HOH 12 116 12  HOH HOH A . 
H 6 HOH 13 117 13  HOH HOH A . 
H 6 HOH 14 118 14  HOH HOH A . 
H 6 HOH 15 119 15  HOH HOH A . 
H 6 HOH 16 120 16  HOH HOH A . 
H 6 HOH 17 121 17  HOH HOH A . 
H 6 HOH 18 122 18  HOH HOH A . 
H 6 HOH 19 123 19  HOH HOH A . 
H 6 HOH 20 124 20  HOH HOH A . 
H 6 HOH 21 125 21  HOH HOH A . 
H 6 HOH 22 126 22  HOH HOH A . 
H 6 HOH 23 127 23  HOH HOH A . 
H 6 HOH 24 128 24  HOH HOH A . 
H 6 HOH 25 129 25  HOH HOH A . 
H 6 HOH 26 130 26  HOH HOH A . 
H 6 HOH 27 131 27  HOH HOH A . 
H 6 HOH 28 132 28  HOH HOH A . 
H 6 HOH 29 133 29  HOH HOH A . 
H 6 HOH 30 134 30  HOH HOH A . 
H 6 HOH 31 135 31  HOH HOH A . 
H 6 HOH 32 136 32  HOH HOH A . 
H 6 HOH 33 137 33  HOH HOH A . 
H 6 HOH 34 138 34  HOH HOH A . 
H 6 HOH 35 139 35  HOH HOH A . 
H 6 HOH 36 140 36  HOH HOH A . 
H 6 HOH 37 141 37  HOH HOH A . 
H 6 HOH 38 142 38  HOH HOH A . 
H 6 HOH 39 143 39  HOH HOH A . 
H 6 HOH 40 144 40  HOH HOH A . 
H 6 HOH 41 145 41  HOH HOH A . 
H 6 HOH 42 146 42  HOH HOH A . 
H 6 HOH 43 147 43  HOH HOH A . 
H 6 HOH 44 148 44  HOH HOH A . 
H 6 HOH 45 149 45  HOH HOH A . 
H 6 HOH 46 150 46  HOH HOH A . 
H 6 HOH 47 151 47  HOH HOH A . 
H 6 HOH 48 152 48  HOH HOH A . 
H 6 HOH 49 153 49  HOH HOH A . 
H 6 HOH 50 154 50  HOH HOH A . 
H 6 HOH 51 155 51  HOH HOH A . 
H 6 HOH 52 156 52  HOH HOH A . 
H 6 HOH 53 157 53  HOH HOH A . 
H 6 HOH 54 158 54  HOH HOH A . 
H 6 HOH 55 159 55  HOH HOH A . 
H 6 HOH 56 160 56  HOH HOH A . 
H 6 HOH 57 161 57  HOH HOH A . 
H 6 HOH 58 162 58  HOH HOH A . 
H 6 HOH 59 163 59  HOH HOH A . 
H 6 HOH 60 164 60  HOH HOH A . 
H 6 HOH 61 165 61  HOH HOH A . 
H 6 HOH 62 166 62  HOH HOH A . 
H 6 HOH 63 167 63  HOH HOH A . 
H 6 HOH 64 168 64  HOH HOH A . 
H 6 HOH 65 169 65  HOH HOH A . 
H 6 HOH 66 170 66  HOH HOH A . 
H 6 HOH 67 171 67  HOH HOH A . 
H 6 HOH 68 172 68  HOH HOH A . 
# 
loop_
_software.name 
_software.classification 
_software.version 
_software.citation_id 
_software.pdbx_ordinal 
DNA    'data collection' .                        ? 1 
PHASER phasing           .                        ? 2 
PHENIX refinement        '(phenix.refine: 1.5_2)' ? 3 
XDS    'data reduction'  .                        ? 4 
SCALA  'data scaling'    .                        ? 5 
# 
_cell.entry_id           3MSH 
_cell.length_a           49.161 
_cell.length_b           49.161 
_cell.length_c           72.195 
_cell.angle_alpha        90.00 
_cell.angle_beta         90.00 
_cell.angle_gamma        90.00 
_cell.Z_PDB              8 
_cell.pdbx_unique_axis   ? 
_cell.length_a_esd       ? 
_cell.length_b_esd       ? 
_cell.length_c_esd       ? 
_cell.angle_alpha_esd    ? 
_cell.angle_beta_esd     ? 
_cell.angle_gamma_esd    ? 
# 
_symmetry.entry_id                         3MSH 
_symmetry.space_group_name_H-M             'P 41 21 2' 
_symmetry.pdbx_full_space_group_name_H-M   ? 
_symmetry.cell_setting                     ? 
_symmetry.Int_Tables_number                92 
_symmetry.space_group_name_Hall            ? 
# 
_exptl.entry_id          3MSH 
_exptl.method            'X-RAY DIFFRACTION' 
_exptl.crystals_number   1 
# 
_exptl_crystal.id                    1 
_exptl_crystal.density_meas          ? 
_exptl_crystal.density_Matthews      2.04 
_exptl_crystal.density_percent_sol   39.69 
_exptl_crystal.description           ? 
_exptl_crystal.F_000                 ? 
_exptl_crystal.preparation           ? 
# 
_exptl_crystal_grow.crystal_id      1 
_exptl_crystal_grow.method          'VAPOR DIFFUSION, HANGING DROP' 
_exptl_crystal_grow.temp            292 
_exptl_crystal_grow.temp_details    ? 
_exptl_crystal_grow.pH              5.6 
_exptl_crystal_grow.pdbx_details    
'20-24% PEG3350, 20% isopropanol, 0.1M tri-sodium citrate dihydrate, pH 5.6, VAPOR DIFFUSION, HANGING DROP, temperature 292K' 
_exptl_crystal_grow.pdbx_pH_range   ? 
# 
_diffrn.id                     1 
_diffrn.ambient_temp           100 
_diffrn.ambient_temp_details   ? 
_diffrn.crystal_id             1 
# 
_diffrn_detector.diffrn_id              1 
_diffrn_detector.detector               CCD 
_diffrn_detector.type                   'ADSC QUANTUM 210' 
_diffrn_detector.pdbx_collection_date   2009-09-21 
_diffrn_detector.details                
;Optics: Horizontally bended Ge(220).  
Mirrors: Vertically bended multilayer
;
# 
_diffrn_radiation.diffrn_id                        1 
_diffrn_radiation.wavelength_id                    1 
_diffrn_radiation.pdbx_monochromatic_or_laue_m_l   M 
_diffrn_radiation.monochromator                    'Diamond (111)' 
_diffrn_radiation.pdbx_diffrn_protocol             'SINGLE WAVELENGTH' 
_diffrn_radiation.pdbx_scattering_type             x-ray 
# 
_diffrn_radiation_wavelength.id           1 
_diffrn_radiation_wavelength.wavelength   0.934 
_diffrn_radiation_wavelength.wt           1.0 
# 
_diffrn_source.diffrn_id                   1 
_diffrn_source.source                      SYNCHROTRON 
_diffrn_source.type                        'ESRF BEAMLINE ID14-1' 
_diffrn_source.pdbx_synchrotron_site       ESRF 
_diffrn_source.pdbx_synchrotron_beamline   ID14-1 
_diffrn_source.pdbx_wavelength             ? 
_diffrn_source.pdbx_wavelength_list        0.934 
# 
_reflns.entry_id                     3MSH 
_reflns.observed_criterion_sigma_I   1 
_reflns.observed_criterion_sigma_F   ? 
_reflns.d_resolution_low             40.63 
_reflns.d_resolution_high            1.51 
_reflns.number_obs                   14314 
_reflns.number_all                   14364 
_reflns.percent_possible_obs         99.3 
_reflns.pdbx_Rmerge_I_obs            0.051 
_reflns.pdbx_Rsym_value              0.049 
_reflns.pdbx_netI_over_sigmaI        11.4 
_reflns.B_iso_Wilson_estimate        19.6 
_reflns.pdbx_redundancy              13.1 
_reflns.R_free_details               ? 
_reflns.limit_h_max                  ? 
_reflns.limit_h_min                  ? 
_reflns.limit_k_max                  ? 
_reflns.limit_k_min                  ? 
_reflns.limit_l_max                  ? 
_reflns.limit_l_min                  ? 
_reflns.observed_criterion_F_max     ? 
_reflns.observed_criterion_F_min     ? 
_reflns.pdbx_chi_squared             ? 
_reflns.pdbx_scaling_rejects         ? 
_reflns.pdbx_diffrn_id               1 
_reflns.pdbx_ordinal                 1 
# 
_reflns_shell.d_res_high             1.51 
_reflns_shell.d_res_low              1.59 
_reflns_shell.percent_possible_all   96.8 
_reflns_shell.Rmerge_I_obs           0.69 
_reflns_shell.pdbx_Rsym_value        0.65 
_reflns_shell.meanI_over_sigI_obs    3.3 
_reflns_shell.pdbx_redundancy        9.2 
_reflns_shell.percent_possible_obs   ? 
_reflns_shell.number_unique_all      1994 
_reflns_shell.number_measured_all    ? 
_reflns_shell.number_measured_obs    ? 
_reflns_shell.number_unique_obs      ? 
_reflns_shell.pdbx_chi_squared       ? 
_reflns_shell.pdbx_diffrn_id         ? 
_reflns_shell.pdbx_ordinal           1 
# 
_refine.entry_id                                 3MSH 
_refine.ls_number_reflns_obs                     13713 
_refine.ls_number_reflns_all                     ? 
_refine.pdbx_ls_sigma_I                          ? 
_refine.pdbx_ls_sigma_F                          0.03 
_refine.pdbx_data_cutoff_high_absF               ? 
_refine.pdbx_data_cutoff_low_absF                ? 
_refine.pdbx_data_cutoff_high_rms_absF           ? 
_refine.ls_d_res_low                             40.63 
_refine.ls_d_res_high                            1.51 
_refine.ls_percent_reflns_obs                    95.08 
_refine.ls_R_factor_obs                          0.1833 
_refine.ls_R_factor_all                          ? 
_refine.ls_R_factor_R_work                       0.1802 
_refine.ls_R_factor_R_free                       0.2122 
_refine.ls_R_factor_R_free_error                 ? 
_refine.ls_R_factor_R_free_error_details         ? 
_refine.ls_percent_reflns_R_free                 9.95 
_refine.ls_number_reflns_R_free                  1364 
_refine.ls_number_parameters                     ? 
_refine.ls_number_restraints                     ? 
_refine.occupancy_min                            ? 
_refine.occupancy_max                            ? 
_refine.correlation_coeff_Fo_to_Fc               ? 
_refine.correlation_coeff_Fo_to_Fc_free          ? 
_refine.B_iso_mean                               ? 
_refine.aniso_B[1][1]                            -0.3052 
_refine.aniso_B[2][2]                            -0.3052 
_refine.aniso_B[3][3]                            0.6103 
_refine.aniso_B[1][2]                            -0.0000 
_refine.aniso_B[1][3]                            0.0000 
_refine.aniso_B[2][3]                            -0.0000 
_refine.solvent_model_details                    'FLAT BULK SOLVENT MODEL' 
_refine.solvent_model_param_ksol                 0.387 
_refine.solvent_model_param_bsol                 51.240 
_refine.pdbx_solvent_vdw_probe_radii             1.11 
_refine.pdbx_solvent_ion_probe_radii             ? 
_refine.pdbx_solvent_shrinkage_radii             0.90 
_refine.pdbx_ls_cross_valid_method               ? 
_refine.details                                  ? 
_refine.pdbx_starting_model                      'PDB entry 3MS6' 
_refine.pdbx_method_to_determine_struct          'MOLECULAR REPLACEMENT' 
_refine.pdbx_isotropic_thermal_model             ? 
_refine.pdbx_stereochemistry_target_values       ML 
_refine.pdbx_stereochem_target_val_spec_case     ? 
_refine.pdbx_R_Free_selection_details            ? 
_refine.pdbx_overall_ESU_R_Free                  ? 
_refine.overall_SU_ML                            0.18 
_refine.overall_SU_B                             ? 
_refine.overall_SU_R_Cruickshank_DPI             ? 
_refine.ls_redundancy_reflns_obs                 ? 
_refine.B_iso_min                                ? 
_refine.B_iso_max                                ? 
_refine.overall_SU_R_free                        ? 
_refine.ls_wR_factor_R_free                      ? 
_refine.ls_wR_factor_R_work                      ? 
_refine.overall_FOM_free_R_set                   ? 
_refine.overall_FOM_work_R_set                   ? 
_refine.pdbx_overall_phase_error                 ? 
_refine.pdbx_refine_id                           'X-RAY DIFFRACTION' 
_refine.pdbx_overall_ESU_R                       ? 
_refine.pdbx_diffrn_id                           1 
_refine.pdbx_TLS_residual_ADP_flag               ? 
_refine.pdbx_overall_SU_R_free_Cruickshank_DPI   ? 
_refine.pdbx_overall_SU_R_Blow_DPI               ? 
_refine.pdbx_overall_SU_R_free_Blow_DPI          ? 
# 
_refine_hist.pdbx_refine_id                   'X-RAY DIFFRACTION' 
_refine_hist.cycle_id                         LAST 
_refine_hist.pdbx_number_atoms_protein        660 
_refine_hist.pdbx_number_atoms_nucleic_acid   0 
_refine_hist.pdbx_number_atoms_ligand         36 
_refine_hist.number_atoms_solvent             68 
_refine_hist.number_atoms_total               764 
_refine_hist.d_res_high                       1.51 
_refine_hist.d_res_low                        40.63 
# 
loop_
_refine_ls_restr.type 
_refine_ls_restr.dev_ideal 
_refine_ls_restr.dev_ideal_target 
_refine_ls_restr.weight 
_refine_ls_restr.number 
_refine_ls_restr.pdbx_refine_id 
_refine_ls_restr.pdbx_restraint_function 
f_bond_d           0.006  ? ? 744  'X-RAY DIFFRACTION' ? 
f_angle_d          1.046  ? ? 1011 'X-RAY DIFFRACTION' ? 
f_dihedral_angle_d 18.170 ? ? 288  'X-RAY DIFFRACTION' ? 
f_chiral_restr     0.072  ? ? 123  'X-RAY DIFFRACTION' ? 
f_plane_restr      0.003  ? ? 129  'X-RAY DIFFRACTION' ? 
# 
loop_
_refine_ls_shell.pdbx_total_number_of_bins_used 
_refine_ls_shell.d_res_high 
_refine_ls_shell.d_res_low 
_refine_ls_shell.number_reflns_R_work 
_refine_ls_shell.R_factor_R_work 
_refine_ls_shell.percent_reflns_obs 
_refine_ls_shell.R_factor_R_free 
_refine_ls_shell.R_factor_R_free_error 
_refine_ls_shell.percent_reflns_R_free 
_refine_ls_shell.number_reflns_R_free 
_refine_ls_shell.number_reflns_all 
_refine_ls_shell.R_factor_all 
_refine_ls_shell.number_reflns_obs 
_refine_ls_shell.redundancy_reflns_obs 
_refine_ls_shell.pdbx_refine_id 
. 1.51   1.5669 1061 0.2319 83.00 0.2607 . . 114 . . . . 'X-RAY DIFFRACTION' 
. 1.5669 1.6297 1140 0.1855 91.00 0.2152 . . 126 . . . . 'X-RAY DIFFRACTION' 
. 1.6297 1.7038 1173 0.1804 93.00 0.2139 . . 134 . . . . 'X-RAY DIFFRACTION' 
. 1.7038 1.7937 1213 0.1758 95.00 0.2365 . . 135 . . . . 'X-RAY DIFFRACTION' 
. 1.7937 1.9060 1242 0.1792 96.00 0.2171 . . 133 . . . . 'X-RAY DIFFRACTION' 
. 1.9060 2.0532 1261 0.1588 98.00 0.2006 . . 141 . . . . 'X-RAY DIFFRACTION' 
. 2.0532 2.2598 1275 0.1551 99.00 0.1834 . . 139 . . . . 'X-RAY DIFFRACTION' 
. 2.2598 2.5868 1300 0.1697 99.00 0.2046 . . 143 . . . . 'X-RAY DIFFRACTION' 
. 2.5868 3.2588 1312 0.1791 99.00 0.2087 . . 146 . . . . 'X-RAY DIFFRACTION' 
. 3.2588 40.63  1372 0.1835 97.00 0.2137 . . 153 . . . . 'X-RAY DIFFRACTION' 
# 
_struct.entry_id                  3MSH 
_struct.title                     'Crystal structure of Hepatitis B X-Interacting Protein at high resolution' 
_struct.pdbx_model_details        ? 
_struct.pdbx_CASP_flag            ? 
_struct.pdbx_model_type_details   ? 
# 
_struct_keywords.entry_id        3MSH 
_struct_keywords.pdbx_keywords   'PROTEIN BINDING' 
_struct_keywords.text            'alpha-beta proteins, profilin-like fold, Roadblock/LC7 domain superfamily, PROTEIN BINDING' 
# 
loop_
_struct_asym.id 
_struct_asym.pdbx_blank_PDB_chainid_flag 
_struct_asym.pdbx_modified 
_struct_asym.entity_id 
_struct_asym.details 
A N N 1 ? 
B N N 2 ? 
C N N 3 ? 
D N N 3 ? 
E N N 3 ? 
F N N 4 ? 
G N N 5 ? 
H N N 6 ? 
# 
_struct_ref.id                         1 
_struct_ref.db_name                    UNP 
_struct_ref.db_code                    HBXIP_HUMAN 
_struct_ref.pdbx_db_accession          O43504 
_struct_ref.entity_id                  1 
_struct_ref.pdbx_seq_one_letter_code   
;MEATLEQHLEDTMKNPSIVGVLCTDSQGLNLGCRGTLSDEHAGVISVLAQQAAKLTSDPTDIPVVCLESDNGNIMIQKHD
GITVAVHKMAS
;
_struct_ref.pdbx_align_begin           1 
_struct_ref.pdbx_db_isoform            ? 
# 
_struct_ref_seq.align_id                      1 
_struct_ref_seq.ref_id                        1 
_struct_ref_seq.pdbx_PDB_id_code              3MSH 
_struct_ref_seq.pdbx_strand_id                A 
_struct_ref_seq.seq_align_beg                 1 
_struct_ref_seq.pdbx_seq_align_beg_ins_code   ? 
_struct_ref_seq.seq_align_end                 91 
_struct_ref_seq.pdbx_seq_align_end_ins_code   ? 
_struct_ref_seq.pdbx_db_accession             O43504 
_struct_ref_seq.db_align_beg                  1 
_struct_ref_seq.pdbx_db_align_beg_ins_code    ? 
_struct_ref_seq.db_align_end                  91 
_struct_ref_seq.pdbx_db_align_end_ins_code    ? 
_struct_ref_seq.pdbx_auth_seq_align_beg       1 
_struct_ref_seq.pdbx_auth_seq_align_end       91 
# 
loop_
_struct_ref_seq_dif.align_id 
_struct_ref_seq_dif.pdbx_pdb_id_code 
_struct_ref_seq_dif.mon_id 
_struct_ref_seq_dif.pdbx_pdb_strand_id 
_struct_ref_seq_dif.seq_num 
_struct_ref_seq_dif.pdbx_pdb_ins_code 
_struct_ref_seq_dif.pdbx_seq_db_name 
_struct_ref_seq_dif.pdbx_seq_db_accession_code 
_struct_ref_seq_dif.db_mon_id 
_struct_ref_seq_dif.pdbx_seq_db_seq_num 
_struct_ref_seq_dif.details 
_struct_ref_seq_dif.pdbx_auth_seq_num 
_struct_ref_seq_dif.pdbx_ordinal 
1 3MSH LEU A 92 ? UNP O43504 ? ? 'expression tag' 92 1 
1 3MSH GLU A 93 ? UNP O43504 ? ? 'expression tag' 93 2 
1 3MSH HIS A 94 ? UNP O43504 ? ? 'expression tag' 94 3 
1 3MSH HIS A 95 ? UNP O43504 ? ? 'expression tag' 95 4 
1 3MSH HIS A 96 ? UNP O43504 ? ? 'expression tag' 96 5 
1 3MSH HIS A 97 ? UNP O43504 ? ? 'expression tag' 97 6 
1 3MSH HIS A 98 ? UNP O43504 ? ? 'expression tag' 98 7 
1 3MSH HIS A 99 ? UNP O43504 ? ? 'expression tag' 99 8 
# 
_pdbx_struct_assembly.id                   1 
_pdbx_struct_assembly.details              author_and_software_defined_assembly 
_pdbx_struct_assembly.method_details       PISA 
_pdbx_struct_assembly.oligomeric_details   dimeric 
_pdbx_struct_assembly.oligomeric_count     2 
# 
loop_
_pdbx_struct_assembly_prop.biol_id 
_pdbx_struct_assembly_prop.type 
_pdbx_struct_assembly_prop.value 
_pdbx_struct_assembly_prop.details 
1 'ABSA (A^2)' 3430  ? 
1 MORE         -20   ? 
1 'SSA (A^2)'  11040 ? 
# 
_pdbx_struct_assembly_gen.assembly_id       1 
_pdbx_struct_assembly_gen.oper_expression   1,2 
_pdbx_struct_assembly_gen.asym_id_list      A,B,C,D,E,F,G,H 
# 
loop_
_pdbx_struct_oper_list.id 
_pdbx_struct_oper_list.type 
_pdbx_struct_oper_list.name 
_pdbx_struct_oper_list.symmetry_operation 
_pdbx_struct_oper_list.matrix[1][1] 
_pdbx_struct_oper_list.matrix[1][2] 
_pdbx_struct_oper_list.matrix[1][3] 
_pdbx_struct_oper_list.vector[1] 
_pdbx_struct_oper_list.matrix[2][1] 
_pdbx_struct_oper_list.matrix[2][2] 
_pdbx_struct_oper_list.matrix[2][3] 
_pdbx_struct_oper_list.vector[2] 
_pdbx_struct_oper_list.matrix[3][1] 
_pdbx_struct_oper_list.matrix[3][2] 
_pdbx_struct_oper_list.matrix[3][3] 
_pdbx_struct_oper_list.vector[3] 
1 'identity operation'         1_555 x,y,z        1.0000000000 0.0000000000 0.0000000000 0.0000000000 0.0000000000 1.0000000000  0.0000000000 0.0000000000  0.0000000000 0.0000000000 1.0000000000  0.0000000000  
2 'crystal symmetry operation' 8_555 -y,-x,-z+1/2 0.1065723390 0.2338158077 0.9664225291 0.5896668565 0.2338158077 -0.9505953384 0.2042025236 21.8347179498 0.9664225291 0.2042025236 -0.1559770005 -5.9578611548 
# 
_struct_biol.id        1 
_struct_biol.details   ? 
# 
loop_
_struct_conf.conf_type_id 
_struct_conf.id 
_struct_conf.pdbx_PDB_helix_id 
_struct_conf.beg_label_comp_id 
_struct_conf.beg_label_asym_id 
_struct_conf.beg_label_seq_id 
_struct_conf.pdbx_beg_PDB_ins_code 
_struct_conf.end_label_comp_id 
_struct_conf.end_label_asym_id 
_struct_conf.end_label_seq_id 
_struct_conf.pdbx_end_PDB_ins_code 
_struct_conf.beg_auth_comp_id 
_struct_conf.beg_auth_asym_id 
_struct_conf.beg_auth_seq_id 
_struct_conf.end_auth_comp_id 
_struct_conf.end_auth_asym_id 
_struct_conf.end_auth_seq_id 
_struct_conf.pdbx_PDB_helix_class 
_struct_conf.details 
_struct_conf.pdbx_PDB_helix_length 
HELX_P HELX_P1 1 THR A 4  ? LYS A 14 ? THR A 4  LYS A 14 1 ? 11 
HELX_P HELX_P2 2 SER A 38 ? GLU A 40 ? SER A 38 GLU A 40 5 ? 3  
HELX_P HELX_P3 3 HIS A 41 ? LEU A 55 ? HIS A 41 LEU A 55 1 ? 15 
# 
_struct_conf_type.id          HELX_P 
_struct_conf_type.criteria    ? 
_struct_conf_type.reference   ? 
# 
_struct_conn.id                            disulf1 
_struct_conn.conn_type_id                  disulf 
_struct_conn.pdbx_leaving_atom_flag        ? 
_struct_conn.pdbx_PDB_id                   ? 
_struct_conn.ptnr1_label_asym_id           A 
_struct_conn.ptnr1_label_comp_id           CYS 
_struct_conn.ptnr1_label_seq_id            66 
_struct_conn.ptnr1_label_atom_id           SG 
_struct_conn.pdbx_ptnr1_label_alt_id       B 
_struct_conn.pdbx_ptnr1_PDB_ins_code       ? 
_struct_conn.pdbx_ptnr1_standard_comp_id   ? 
_struct_conn.ptnr1_symmetry                1_555 
_struct_conn.ptnr2_label_asym_id           A 
_struct_conn.ptnr2_label_comp_id           CYS 
_struct_conn.ptnr2_label_seq_id            66 
_struct_conn.ptnr2_label_atom_id           SG 
_struct_conn.pdbx_ptnr2_label_alt_id       B 
_struct_conn.pdbx_ptnr2_PDB_ins_code       ? 
_struct_conn.ptnr1_auth_asym_id            A 
_struct_conn.ptnr1_auth_comp_id            CYS 
_struct_conn.ptnr1_auth_seq_id             66 
_struct_conn.ptnr2_auth_asym_id            A 
_struct_conn.ptnr2_auth_comp_id            CYS 
_struct_conn.ptnr2_auth_seq_id             66 
_struct_conn.ptnr2_symmetry                8_555 
_struct_conn.pdbx_ptnr3_label_atom_id      ? 
_struct_conn.pdbx_ptnr3_label_seq_id       ? 
_struct_conn.pdbx_ptnr3_label_comp_id      ? 
_struct_conn.pdbx_ptnr3_label_asym_id      ? 
_struct_conn.pdbx_ptnr3_label_alt_id       ? 
_struct_conn.pdbx_ptnr3_PDB_ins_code       ? 
_struct_conn.details                       ? 
_struct_conn.pdbx_dist_value               2.027 
_struct_conn.pdbx_value_order              ? 
_struct_conn.pdbx_role                     ? 
# 
_struct_conn_type.id          disulf 
_struct_conn_type.criteria    ? 
_struct_conn_type.reference   ? 
# 
_pdbx_modification_feature.ordinal                            1 
_pdbx_modification_feature.label_comp_id                      CYS 
_pdbx_modification_feature.label_asym_id                      A 
_pdbx_modification_feature.label_seq_id                       66 
_pdbx_modification_feature.label_alt_id                       B 
_pdbx_modification_feature.modified_residue_label_comp_id     CYS 
_pdbx_modification_feature.modified_residue_label_asym_id     A 
_pdbx_modification_feature.modified_residue_label_seq_id      66 
_pdbx_modification_feature.modified_residue_label_alt_id      B 
_pdbx_modification_feature.auth_comp_id                       CYS 
_pdbx_modification_feature.auth_asym_id                       A 
_pdbx_modification_feature.auth_seq_id                        66 
_pdbx_modification_feature.PDB_ins_code                       ? 
_pdbx_modification_feature.symmetry                           1_555 
_pdbx_modification_feature.modified_residue_auth_comp_id      CYS 
_pdbx_modification_feature.modified_residue_auth_asym_id      A 
_pdbx_modification_feature.modified_residue_auth_seq_id       66 
_pdbx_modification_feature.modified_residue_PDB_ins_code      ? 
_pdbx_modification_feature.modified_residue_symmetry          8_555 
_pdbx_modification_feature.comp_id_linking_atom               SG 
_pdbx_modification_feature.modified_residue_id_linking_atom   SG 
_pdbx_modification_feature.modified_residue_id                . 
_pdbx_modification_feature.ref_pcm_id                         . 
_pdbx_modification_feature.ref_comp_id                        . 
_pdbx_modification_feature.type                               None 
_pdbx_modification_feature.category                           'Disulfide bridge' 
# 
_struct_mon_prot_cis.pdbx_id                1 
_struct_mon_prot_cis.label_comp_id          ASP 
_struct_mon_prot_cis.label_seq_id           58 
_struct_mon_prot_cis.label_asym_id          A 
_struct_mon_prot_cis.label_alt_id           . 
_struct_mon_prot_cis.pdbx_PDB_ins_code      ? 
_struct_mon_prot_cis.auth_comp_id           ASP 
_struct_mon_prot_cis.auth_seq_id            58 
_struct_mon_prot_cis.auth_asym_id           A 
_struct_mon_prot_cis.pdbx_label_comp_id_2   PRO 
_struct_mon_prot_cis.pdbx_label_seq_id_2    59 
_struct_mon_prot_cis.pdbx_label_asym_id_2   A 
_struct_mon_prot_cis.pdbx_PDB_ins_code_2    ? 
_struct_mon_prot_cis.pdbx_auth_comp_id_2    PRO 
_struct_mon_prot_cis.pdbx_auth_seq_id_2     59 
_struct_mon_prot_cis.pdbx_auth_asym_id_2    A 
_struct_mon_prot_cis.pdbx_PDB_model_num     1 
_struct_mon_prot_cis.pdbx_omega_angle       1.07 
# 
_struct_sheet.id               A 
_struct_sheet.type             ? 
_struct_sheet.number_strands   5 
_struct_sheet.details          ? 
# 
loop_
_struct_sheet_order.sheet_id 
_struct_sheet_order.range_id_1 
_struct_sheet_order.range_id_2 
_struct_sheet_order.offset 
_struct_sheet_order.sense 
A 1 2 ? anti-parallel 
A 2 3 ? anti-parallel 
A 3 4 ? anti-parallel 
A 4 5 ? anti-parallel 
# 
loop_
_struct_sheet_range.sheet_id 
_struct_sheet_range.id 
_struct_sheet_range.beg_label_comp_id 
_struct_sheet_range.beg_label_asym_id 
_struct_sheet_range.beg_label_seq_id 
_struct_sheet_range.pdbx_beg_PDB_ins_code 
_struct_sheet_range.end_label_comp_id 
_struct_sheet_range.end_label_asym_id 
_struct_sheet_range.end_label_seq_id 
_struct_sheet_range.pdbx_end_PDB_ins_code 
_struct_sheet_range.beg_auth_comp_id 
_struct_sheet_range.beg_auth_asym_id 
_struct_sheet_range.beg_auth_seq_id 
_struct_sheet_range.end_auth_comp_id 
_struct_sheet_range.end_auth_asym_id 
_struct_sheet_range.end_auth_seq_id 
A 1 ASN A 30 ? GLY A 35 ? ASN A 30 GLY A 35 
A 2 ILE A 18 ? THR A 24 ? ILE A 18 THR A 24 
A 3 ILE A 82 ? LYS A 88 ? ILE A 82 LYS A 88 
A 4 GLY A 72 ? HIS A 79 ? GLY A 72 HIS A 79 
A 5 VAL A 65 ? SER A 69 ? VAL A 65 SER A 69 
# 
loop_
_pdbx_struct_sheet_hbond.sheet_id 
_pdbx_struct_sheet_hbond.range_id_1 
_pdbx_struct_sheet_hbond.range_id_2 
_pdbx_struct_sheet_hbond.range_1_label_atom_id 
_pdbx_struct_sheet_hbond.range_1_label_comp_id 
_pdbx_struct_sheet_hbond.range_1_label_asym_id 
_pdbx_struct_sheet_hbond.range_1_label_seq_id 
_pdbx_struct_sheet_hbond.range_1_PDB_ins_code 
_pdbx_struct_sheet_hbond.range_1_auth_atom_id 
_pdbx_struct_sheet_hbond.range_1_auth_comp_id 
_pdbx_struct_sheet_hbond.range_1_auth_asym_id 
_pdbx_struct_sheet_hbond.range_1_auth_seq_id 
_pdbx_struct_sheet_hbond.range_2_label_atom_id 
_pdbx_struct_sheet_hbond.range_2_label_comp_id 
_pdbx_struct_sheet_hbond.range_2_label_asym_id 
_pdbx_struct_sheet_hbond.range_2_label_seq_id 
_pdbx_struct_sheet_hbond.range_2_PDB_ins_code 
_pdbx_struct_sheet_hbond.range_2_auth_atom_id 
_pdbx_struct_sheet_hbond.range_2_auth_comp_id 
_pdbx_struct_sheet_hbond.range_2_auth_asym_id 
_pdbx_struct_sheet_hbond.range_2_auth_seq_id 
A 1 2 O LEU A 31 ? O LEU A 31 N CYS A 23 ? N CYS A 23 
A 2 3 N LEU A 22 ? N LEU A 22 O ALA A 85 ? O ALA A 85 
A 3 4 O VAL A 84 ? O VAL A 84 N GLN A 77 ? N GLN A 77 
A 4 5 O ILE A 76 ? O ILE A 76 N VAL A 65 ? N VAL A 65 
# 
loop_
_struct_site.id 
_struct_site.pdbx_evidence_code 
_struct_site.pdbx_auth_asym_id 
_struct_site.pdbx_auth_comp_id 
_struct_site.pdbx_auth_seq_id 
_struct_site.pdbx_auth_ins_code 
_struct_site.pdbx_num_residues 
_struct_site.details 
AC1 Software A GOL 998 ? 7  'BINDING SITE FOR RESIDUE GOL A 998' 
AC2 Software A IPA 100 ? 6  'BINDING SITE FOR RESIDUE IPA A 100' 
AC3 Software A IPA 101 ? 2  'BINDING SITE FOR RESIDUE IPA A 101' 
AC4 Software A IPA 104 ? 8  'BINDING SITE FOR RESIDUE IPA A 104' 
AC5 Software A PO4 105 ? 4  'BINDING SITE FOR RESIDUE PO4 A 105' 
AC6 Software A PG4 106 ? 12 'BINDING SITE FOR RESIDUE PG4 A 106' 
# 
loop_
_struct_site_gen.id 
_struct_site_gen.site_id 
_struct_site_gen.pdbx_num_res 
_struct_site_gen.label_comp_id 
_struct_site_gen.label_asym_id 
_struct_site_gen.label_seq_id 
_struct_site_gen.pdbx_auth_ins_code 
_struct_site_gen.auth_comp_id 
_struct_site_gen.auth_asym_id 
_struct_site_gen.auth_seq_id 
_struct_site_gen.label_atom_id 
_struct_site_gen.label_alt_id 
_struct_site_gen.symmetry 
_struct_site_gen.details 
1  AC1 7  HIS A 8  ? HIS A 8   . ? 3_555 ? 
2  AC1 7  ASP A 11 ? ASP A 11  . ? 3_555 ? 
3  AC1 7  MET A 13 ? MET A 13  . ? 1_555 ? 
4  AC1 7  PRO A 16 ? PRO A 16  . ? 1_555 ? 
5  AC1 7  ILE A 18 ? ILE A 18  . ? 1_555 ? 
6  AC1 7  PG4 G .  ? PG4 A 106 . ? 3_555 ? 
7  AC1 7  HOH H .  ? HOH A 155 . ? 1_555 ? 
8  AC2 6  GLU A 6  ? GLU A 6   . ? 1_555 ? 
9  AC2 6  GLY A 32 ? GLY A 32  . ? 1_555 ? 
10 AC2 6  CYS A 33 ? CYS A 33  . ? 1_555 ? 
11 AC2 6  ARG A 34 ? ARG A 34  . ? 1_555 ? 
12 AC2 6  HOH H .  ? HOH A 153 . ? 1_555 ? 
13 AC2 6  HOH H .  ? HOH A 166 . ? 1_555 ? 
14 AC3 2  GLU A 68 ? GLU A 68  . ? 1_555 ? 
15 AC3 2  ASP A 70 ? ASP A 70  . ? 1_555 ? 
16 AC4 8  LEU A 55 ? LEU A 55  . ? 8_555 ? 
17 AC4 8  THR A 56 ? THR A 56  . ? 8_555 ? 
18 AC4 8  LEU A 67 ? LEU A 67  . ? 1_555 ? 
19 AC4 8  GLU A 68 ? GLU A 68  . ? 1_555 ? 
20 AC4 8  SER A 69 ? SER A 69  . ? 1_555 ? 
21 AC4 8  ASN A 71 ? ASN A 71  . ? 1_555 ? 
22 AC4 8  GLY A 72 ? GLY A 72  . ? 1_555 ? 
23 AC4 8  HIS A 87 ? HIS A 87  . ? 1_555 ? 
24 AC5 4  THR A 36 ? THR A 36  . ? 1_555 ? 
25 AC5 4  LEU A 55 ? LEU A 55  . ? 8_555 ? 
26 AC5 4  ASN A 71 ? ASN A 71  . ? 1_555 ? 
27 AC5 4  HIS A 87 ? HIS A 87  . ? 1_555 ? 
28 AC6 12 HIS A 8  ? HIS A 8   . ? 1_555 ? 
29 AC6 12 ASP A 11 ? ASP A 11  . ? 1_555 ? 
30 AC6 12 THR A 12 ? THR A 12  . ? 1_555 ? 
31 AC6 12 ASP A 25 ? ASP A 25  . ? 7_555 ? 
32 AC6 12 LEU A 29 ? LEU A 29  . ? 7_555 ? 
33 AC6 12 HIS A 79 ? HIS A 79  . ? 1_555 ? 
34 AC6 12 ASP A 80 ? ASP A 80  . ? 1_555 ? 
35 AC6 12 ILE A 82 ? ILE A 82  . ? 1_555 ? 
36 AC6 12 HOH H .  ? HOH A 102 . ? 4_454 ? 
37 AC6 12 HOH H .  ? HOH A 142 . ? 7_555 ? 
38 AC6 12 HOH H .  ? HOH A 165 . ? 4_454 ? 
39 AC6 12 GOL B .  ? GOL A 998 . ? 4_454 ? 
# 
_pdbx_entry_details.entry_id                   3MSH 
_pdbx_entry_details.compound_details           ? 
_pdbx_entry_details.source_details             ? 
_pdbx_entry_details.nonpolymer_details         ? 
_pdbx_entry_details.sequence_details           ? 
_pdbx_entry_details.has_ligand_of_interest     ? 
_pdbx_entry_details.has_protein_modification   Y 
# 
loop_
_pdbx_validate_torsion.id 
_pdbx_validate_torsion.PDB_model_num 
_pdbx_validate_torsion.auth_comp_id 
_pdbx_validate_torsion.auth_asym_id 
_pdbx_validate_torsion.auth_seq_id 
_pdbx_validate_torsion.PDB_ins_code 
_pdbx_validate_torsion.label_alt_id 
_pdbx_validate_torsion.phi 
_pdbx_validate_torsion.psi 
1 1 ASP A 58 ? ? -59.73 -153.42 
2 1 THR A 60 ? ? 44.16  28.64   
# 
loop_
_pdbx_refine_tls.pdbx_refine_id 
_pdbx_refine_tls.id 
_pdbx_refine_tls.details 
_pdbx_refine_tls.method 
_pdbx_refine_tls.origin_x 
_pdbx_refine_tls.origin_y 
_pdbx_refine_tls.origin_z 
_pdbx_refine_tls.T[1][1] 
_pdbx_refine_tls.T[2][2] 
_pdbx_refine_tls.T[3][3] 
_pdbx_refine_tls.T[1][2] 
_pdbx_refine_tls.T[1][3] 
_pdbx_refine_tls.T[2][3] 
_pdbx_refine_tls.L[1][1] 
_pdbx_refine_tls.L[2][2] 
_pdbx_refine_tls.L[3][3] 
_pdbx_refine_tls.L[1][2] 
_pdbx_refine_tls.L[1][3] 
_pdbx_refine_tls.L[2][3] 
_pdbx_refine_tls.S[1][1] 
_pdbx_refine_tls.S[1][2] 
_pdbx_refine_tls.S[1][3] 
_pdbx_refine_tls.S[2][1] 
_pdbx_refine_tls.S[2][2] 
_pdbx_refine_tls.S[2][3] 
_pdbx_refine_tls.S[3][1] 
_pdbx_refine_tls.S[3][2] 
_pdbx_refine_tls.S[3][3] 
'X-RAY DIFFRACTION' 1 ? refined 1.9237  -3.7425 1.4046  0.1075 0.1217 0.1017 0.0016 0.0058 0.0104 0.8069 1.4453 1.7071 0.0895  0.4581  -0.1520 0.0422  -0.0177 -0.0215 0.1641  -0.0474 -0.1154 0.0469  -0.1000 -0.0109 
'X-RAY DIFFRACTION' 2 ? refined -9.2401 11.5928 7.3812  0.3072 0.4057 0.2235 0.1881 0.2147 0.1121 0.9500 1.4592 1.9191 -1.0814 -1.0990 0.8661  -0.2016 -0.3407 -0.2384 0.2655  0.2652  0.2823  0.1676  0.0118  0.0169  
'X-RAY DIFFRACTION' 3 ? refined -1.6032 2.5279  -4.5708 0.1143 0.1182 0.1016 0.0174 0.0276 0.0287 0.5053 1.8591 2.2965 -0.5400 0.7784  -0.5694 0.1066  0.0223  -0.0347 -0.1625 0.1795  0.0717  -0.0736 -0.3830 -0.2523  
# 
loop_
_pdbx_refine_tls_group.pdbx_refine_id 
_pdbx_refine_tls_group.id 
_pdbx_refine_tls_group.refine_tls_id 
_pdbx_refine_tls_group.beg_auth_asym_id 
_pdbx_refine_tls_group.beg_auth_seq_id 
_pdbx_refine_tls_group.beg_label_asym_id 
_pdbx_refine_tls_group.beg_label_seq_id 
_pdbx_refine_tls_group.end_auth_asym_id 
_pdbx_refine_tls_group.end_auth_seq_id 
_pdbx_refine_tls_group.end_label_asym_id 
_pdbx_refine_tls_group.end_label_seq_id 
_pdbx_refine_tls_group.selection 
_pdbx_refine_tls_group.selection_details 
'X-RAY DIFFRACTION' 1 1 ? ? ? ? ? ? ? ? ? '(chain A and resid 0:54)'  
'X-RAY DIFFRACTION' 2 2 ? ? ? ? ? ? ? ? ? '(chain A and resid 55:63)' 
'X-RAY DIFFRACTION' 3 3 ? ? ? ? ? ? ? ? ? '(chain A and resid 64:89)' 
# 
loop_
_pdbx_unobs_or_zero_occ_residues.id 
_pdbx_unobs_or_zero_occ_residues.PDB_model_num 
_pdbx_unobs_or_zero_occ_residues.polymer_flag 
_pdbx_unobs_or_zero_occ_residues.occupancy_flag 
_pdbx_unobs_or_zero_occ_residues.auth_asym_id 
_pdbx_unobs_or_zero_occ_residues.auth_comp_id 
_pdbx_unobs_or_zero_occ_residues.auth_seq_id 
_pdbx_unobs_or_zero_occ_residues.PDB_ins_code 
_pdbx_unobs_or_zero_occ_residues.label_asym_id 
_pdbx_unobs_or_zero_occ_residues.label_comp_id 
_pdbx_unobs_or_zero_occ_residues.label_seq_id 
1 1 Y 1 A SER 91 ? A SER 91 
2 1 Y 1 A LEU 92 ? A LEU 92 
3 1 Y 1 A GLU 93 ? A GLU 93 
4 1 Y 1 A HIS 94 ? A HIS 94 
5 1 Y 1 A HIS 95 ? A HIS 95 
6 1 Y 1 A HIS 96 ? A HIS 96 
7 1 Y 1 A HIS 97 ? A HIS 97 
8 1 Y 1 A HIS 98 ? A HIS 98 
9 1 Y 1 A HIS 99 ? A HIS 99 
# 
loop_
_chem_comp_atom.comp_id 
_chem_comp_atom.atom_id 
_chem_comp_atom.type_symbol 
_chem_comp_atom.pdbx_aromatic_flag 
_chem_comp_atom.pdbx_stereo_config 
_chem_comp_atom.pdbx_ordinal 
ALA N    N N N 1   
ALA CA   C N S 2   
ALA C    C N N 3   
ALA O    O N N 4   
ALA CB   C N N 5   
ALA OXT  O N N 6   
ALA H    H N N 7   
ALA H2   H N N 8   
ALA HA   H N N 9   
ALA HB1  H N N 10  
ALA HB2  H N N 11  
ALA HB3  H N N 12  
ALA HXT  H N N 13  
ARG N    N N N 14  
ARG CA   C N S 15  
ARG C    C N N 16  
ARG O    O N N 17  
ARG CB   C N N 18  
ARG CG   C N N 19  
ARG CD   C N N 20  
ARG NE   N N N 21  
ARG CZ   C N N 22  
ARG NH1  N N N 23  
ARG NH2  N N N 24  
ARG OXT  O N N 25  
ARG H    H N N 26  
ARG H2   H N N 27  
ARG HA   H N N 28  
ARG HB2  H N N 29  
ARG HB3  H N N 30  
ARG HG2  H N N 31  
ARG HG3  H N N 32  
ARG HD2  H N N 33  
ARG HD3  H N N 34  
ARG HE   H N N 35  
ARG HH11 H N N 36  
ARG HH12 H N N 37  
ARG HH21 H N N 38  
ARG HH22 H N N 39  
ARG HXT  H N N 40  
ASN N    N N N 41  
ASN CA   C N S 42  
ASN C    C N N 43  
ASN O    O N N 44  
ASN CB   C N N 45  
ASN CG   C N N 46  
ASN OD1  O N N 47  
ASN ND2  N N N 48  
ASN OXT  O N N 49  
ASN H    H N N 50  
ASN H2   H N N 51  
ASN HA   H N N 52  
ASN HB2  H N N 53  
ASN HB3  H N N 54  
ASN HD21 H N N 55  
ASN HD22 H N N 56  
ASN HXT  H N N 57  
ASP N    N N N 58  
ASP CA   C N S 59  
ASP C    C N N 60  
ASP O    O N N 61  
ASP CB   C N N 62  
ASP CG   C N N 63  
ASP OD1  O N N 64  
ASP OD2  O N N 65  
ASP OXT  O N N 66  
ASP H    H N N 67  
ASP H2   H N N 68  
ASP HA   H N N 69  
ASP HB2  H N N 70  
ASP HB3  H N N 71  
ASP HD2  H N N 72  
ASP HXT  H N N 73  
CYS N    N N N 74  
CYS CA   C N R 75  
CYS C    C N N 76  
CYS O    O N N 77  
CYS CB   C N N 78  
CYS SG   S N N 79  
CYS OXT  O N N 80  
CYS H    H N N 81  
CYS H2   H N N 82  
CYS HA   H N N 83  
CYS HB2  H N N 84  
CYS HB3  H N N 85  
CYS HG   H N N 86  
CYS HXT  H N N 87  
GLN N    N N N 88  
GLN CA   C N S 89  
GLN C    C N N 90  
GLN O    O N N 91  
GLN CB   C N N 92  
GLN CG   C N N 93  
GLN CD   C N N 94  
GLN OE1  O N N 95  
GLN NE2  N N N 96  
GLN OXT  O N N 97  
GLN H    H N N 98  
GLN H2   H N N 99  
GLN HA   H N N 100 
GLN HB2  H N N 101 
GLN HB3  H N N 102 
GLN HG2  H N N 103 
GLN HG3  H N N 104 
GLN HE21 H N N 105 
GLN HE22 H N N 106 
GLN HXT  H N N 107 
GLU N    N N N 108 
GLU CA   C N S 109 
GLU C    C N N 110 
GLU O    O N N 111 
GLU CB   C N N 112 
GLU CG   C N N 113 
GLU CD   C N N 114 
GLU OE1  O N N 115 
GLU OE2  O N N 116 
GLU OXT  O N N 117 
GLU H    H N N 118 
GLU H2   H N N 119 
GLU HA   H N N 120 
GLU HB2  H N N 121 
GLU HB3  H N N 122 
GLU HG2  H N N 123 
GLU HG3  H N N 124 
GLU HE2  H N N 125 
GLU HXT  H N N 126 
GLY N    N N N 127 
GLY CA   C N N 128 
GLY C    C N N 129 
GLY O    O N N 130 
GLY OXT  O N N 131 
GLY H    H N N 132 
GLY H2   H N N 133 
GLY HA2  H N N 134 
GLY HA3  H N N 135 
GLY HXT  H N N 136 
GOL C1   C N N 137 
GOL O1   O N N 138 
GOL C2   C N N 139 
GOL O2   O N N 140 
GOL C3   C N N 141 
GOL O3   O N N 142 
GOL H11  H N N 143 
GOL H12  H N N 144 
GOL HO1  H N N 145 
GOL H2   H N N 146 
GOL HO2  H N N 147 
GOL H31  H N N 148 
GOL H32  H N N 149 
GOL HO3  H N N 150 
HIS N    N N N 151 
HIS CA   C N S 152 
HIS C    C N N 153 
HIS O    O N N 154 
HIS CB   C N N 155 
HIS CG   C Y N 156 
HIS ND1  N Y N 157 
HIS CD2  C Y N 158 
HIS CE1  C Y N 159 
HIS NE2  N Y N 160 
HIS OXT  O N N 161 
HIS H    H N N 162 
HIS H2   H N N 163 
HIS HA   H N N 164 
HIS HB2  H N N 165 
HIS HB3  H N N 166 
HIS HD1  H N N 167 
HIS HD2  H N N 168 
HIS HE1  H N N 169 
HIS HE2  H N N 170 
HIS HXT  H N N 171 
HOH O    O N N 172 
HOH H1   H N N 173 
HOH H2   H N N 174 
ILE N    N N N 175 
ILE CA   C N S 176 
ILE C    C N N 177 
ILE O    O N N 178 
ILE CB   C N S 179 
ILE CG1  C N N 180 
ILE CG2  C N N 181 
ILE CD1  C N N 182 
ILE OXT  O N N 183 
ILE H    H N N 184 
ILE H2   H N N 185 
ILE HA   H N N 186 
ILE HB   H N N 187 
ILE HG12 H N N 188 
ILE HG13 H N N 189 
ILE HG21 H N N 190 
ILE HG22 H N N 191 
ILE HG23 H N N 192 
ILE HD11 H N N 193 
ILE HD12 H N N 194 
ILE HD13 H N N 195 
ILE HXT  H N N 196 
IPA C1   C N N 197 
IPA C2   C N N 198 
IPA C3   C N N 199 
IPA O2   O N N 200 
IPA H11  H N N 201 
IPA H12  H N N 202 
IPA H13  H N N 203 
IPA H2   H N N 204 
IPA H31  H N N 205 
IPA H32  H N N 206 
IPA H33  H N N 207 
IPA HO2  H N N 208 
LEU N    N N N 209 
LEU CA   C N S 210 
LEU C    C N N 211 
LEU O    O N N 212 
LEU CB   C N N 213 
LEU CG   C N N 214 
LEU CD1  C N N 215 
LEU CD2  C N N 216 
LEU OXT  O N N 217 
LEU H    H N N 218 
LEU H2   H N N 219 
LEU HA   H N N 220 
LEU HB2  H N N 221 
LEU HB3  H N N 222 
LEU HG   H N N 223 
LEU HD11 H N N 224 
LEU HD12 H N N 225 
LEU HD13 H N N 226 
LEU HD21 H N N 227 
LEU HD22 H N N 228 
LEU HD23 H N N 229 
LEU HXT  H N N 230 
LYS N    N N N 231 
LYS CA   C N S 232 
LYS C    C N N 233 
LYS O    O N N 234 
LYS CB   C N N 235 
LYS CG   C N N 236 
LYS CD   C N N 237 
LYS CE   C N N 238 
LYS NZ   N N N 239 
LYS OXT  O N N 240 
LYS H    H N N 241 
LYS H2   H N N 242 
LYS HA   H N N 243 
LYS HB2  H N N 244 
LYS HB3  H N N 245 
LYS HG2  H N N 246 
LYS HG3  H N N 247 
LYS HD2  H N N 248 
LYS HD3  H N N 249 
LYS HE2  H N N 250 
LYS HE3  H N N 251 
LYS HZ1  H N N 252 
LYS HZ2  H N N 253 
LYS HZ3  H N N 254 
LYS HXT  H N N 255 
MET N    N N N 256 
MET CA   C N S 257 
MET C    C N N 258 
MET O    O N N 259 
MET CB   C N N 260 
MET CG   C N N 261 
MET SD   S N N 262 
MET CE   C N N 263 
MET OXT  O N N 264 
MET H    H N N 265 
MET H2   H N N 266 
MET HA   H N N 267 
MET HB2  H N N 268 
MET HB3  H N N 269 
MET HG2  H N N 270 
MET HG3  H N N 271 
MET HE1  H N N 272 
MET HE2  H N N 273 
MET HE3  H N N 274 
MET HXT  H N N 275 
PG4 O1   O N N 276 
PG4 C1   C N N 277 
PG4 C2   C N N 278 
PG4 O2   O N N 279 
PG4 C3   C N N 280 
PG4 C4   C N N 281 
PG4 O3   O N N 282 
PG4 C5   C N N 283 
PG4 C6   C N N 284 
PG4 O4   O N N 285 
PG4 C7   C N N 286 
PG4 C8   C N N 287 
PG4 O5   O N N 288 
PG4 HO1  H N N 289 
PG4 H11  H N N 290 
PG4 H12  H N N 291 
PG4 H21  H N N 292 
PG4 H22  H N N 293 
PG4 H31  H N N 294 
PG4 H32  H N N 295 
PG4 H41  H N N 296 
PG4 H42  H N N 297 
PG4 H51  H N N 298 
PG4 H52  H N N 299 
PG4 H61  H N N 300 
PG4 H62  H N N 301 
PG4 H71  H N N 302 
PG4 H72  H N N 303 
PG4 H81  H N N 304 
PG4 H82  H N N 305 
PG4 HO5  H N N 306 
PO4 P    P N N 307 
PO4 O1   O N N 308 
PO4 O2   O N N 309 
PO4 O3   O N N 310 
PO4 O4   O N N 311 
PRO N    N N N 312 
PRO CA   C N S 313 
PRO C    C N N 314 
PRO O    O N N 315 
PRO CB   C N N 316 
PRO CG   C N N 317 
PRO CD   C N N 318 
PRO OXT  O N N 319 
PRO H    H N N 320 
PRO HA   H N N 321 
PRO HB2  H N N 322 
PRO HB3  H N N 323 
PRO HG2  H N N 324 
PRO HG3  H N N 325 
PRO HD2  H N N 326 
PRO HD3  H N N 327 
PRO HXT  H N N 328 
SER N    N N N 329 
SER CA   C N S 330 
SER C    C N N 331 
SER O    O N N 332 
SER CB   C N N 333 
SER OG   O N N 334 
SER OXT  O N N 335 
SER H    H N N 336 
SER H2   H N N 337 
SER HA   H N N 338 
SER HB2  H N N 339 
SER HB3  H N N 340 
SER HG   H N N 341 
SER HXT  H N N 342 
THR N    N N N 343 
THR CA   C N S 344 
THR C    C N N 345 
THR O    O N N 346 
THR CB   C N R 347 
THR OG1  O N N 348 
THR CG2  C N N 349 
THR OXT  O N N 350 
THR H    H N N 351 
THR H2   H N N 352 
THR HA   H N N 353 
THR HB   H N N 354 
THR HG1  H N N 355 
THR HG21 H N N 356 
THR HG22 H N N 357 
THR HG23 H N N 358 
THR HXT  H N N 359 
VAL N    N N N 360 
VAL CA   C N S 361 
VAL C    C N N 362 
VAL O    O N N 363 
VAL CB   C N N 364 
VAL CG1  C N N 365 
VAL CG2  C N N 366 
VAL OXT  O N N 367 
VAL H    H N N 368 
VAL H2   H N N 369 
VAL HA   H N N 370 
VAL HB   H N N 371 
VAL HG11 H N N 372 
VAL HG12 H N N 373 
VAL HG13 H N N 374 
VAL HG21 H N N 375 
VAL HG22 H N N 376 
VAL HG23 H N N 377 
VAL HXT  H N N 378 
# 
loop_
_chem_comp_bond.comp_id 
_chem_comp_bond.atom_id_1 
_chem_comp_bond.atom_id_2 
_chem_comp_bond.value_order 
_chem_comp_bond.pdbx_aromatic_flag 
_chem_comp_bond.pdbx_stereo_config 
_chem_comp_bond.pdbx_ordinal 
ALA N   CA   sing N N 1   
ALA N   H    sing N N 2   
ALA N   H2   sing N N 3   
ALA CA  C    sing N N 4   
ALA CA  CB   sing N N 5   
ALA CA  HA   sing N N 6   
ALA C   O    doub N N 7   
ALA C   OXT  sing N N 8   
ALA CB  HB1  sing N N 9   
ALA CB  HB2  sing N N 10  
ALA CB  HB3  sing N N 11  
ALA OXT HXT  sing N N 12  
ARG N   CA   sing N N 13  
ARG N   H    sing N N 14  
ARG N   H2   sing N N 15  
ARG CA  C    sing N N 16  
ARG CA  CB   sing N N 17  
ARG CA  HA   sing N N 18  
ARG C   O    doub N N 19  
ARG C   OXT  sing N N 20  
ARG CB  CG   sing N N 21  
ARG CB  HB2  sing N N 22  
ARG CB  HB3  sing N N 23  
ARG CG  CD   sing N N 24  
ARG CG  HG2  sing N N 25  
ARG CG  HG3  sing N N 26  
ARG CD  NE   sing N N 27  
ARG CD  HD2  sing N N 28  
ARG CD  HD3  sing N N 29  
ARG NE  CZ   sing N N 30  
ARG NE  HE   sing N N 31  
ARG CZ  NH1  sing N N 32  
ARG CZ  NH2  doub N N 33  
ARG NH1 HH11 sing N N 34  
ARG NH1 HH12 sing N N 35  
ARG NH2 HH21 sing N N 36  
ARG NH2 HH22 sing N N 37  
ARG OXT HXT  sing N N 38  
ASN N   CA   sing N N 39  
ASN N   H    sing N N 40  
ASN N   H2   sing N N 41  
ASN CA  C    sing N N 42  
ASN CA  CB   sing N N 43  
ASN CA  HA   sing N N 44  
ASN C   O    doub N N 45  
ASN C   OXT  sing N N 46  
ASN CB  CG   sing N N 47  
ASN CB  HB2  sing N N 48  
ASN CB  HB3  sing N N 49  
ASN CG  OD1  doub N N 50  
ASN CG  ND2  sing N N 51  
ASN ND2 HD21 sing N N 52  
ASN ND2 HD22 sing N N 53  
ASN OXT HXT  sing N N 54  
ASP N   CA   sing N N 55  
ASP N   H    sing N N 56  
ASP N   H2   sing N N 57  
ASP CA  C    sing N N 58  
ASP CA  CB   sing N N 59  
ASP CA  HA   sing N N 60  
ASP C   O    doub N N 61  
ASP C   OXT  sing N N 62  
ASP CB  CG   sing N N 63  
ASP CB  HB2  sing N N 64  
ASP CB  HB3  sing N N 65  
ASP CG  OD1  doub N N 66  
ASP CG  OD2  sing N N 67  
ASP OD2 HD2  sing N N 68  
ASP OXT HXT  sing N N 69  
CYS N   CA   sing N N 70  
CYS N   H    sing N N 71  
CYS N   H2   sing N N 72  
CYS CA  C    sing N N 73  
CYS CA  CB   sing N N 74  
CYS CA  HA   sing N N 75  
CYS C   O    doub N N 76  
CYS C   OXT  sing N N 77  
CYS CB  SG   sing N N 78  
CYS CB  HB2  sing N N 79  
CYS CB  HB3  sing N N 80  
CYS SG  HG   sing N N 81  
CYS OXT HXT  sing N N 82  
GLN N   CA   sing N N 83  
GLN N   H    sing N N 84  
GLN N   H2   sing N N 85  
GLN CA  C    sing N N 86  
GLN CA  CB   sing N N 87  
GLN CA  HA   sing N N 88  
GLN C   O    doub N N 89  
GLN C   OXT  sing N N 90  
GLN CB  CG   sing N N 91  
GLN CB  HB2  sing N N 92  
GLN CB  HB3  sing N N 93  
GLN CG  CD   sing N N 94  
GLN CG  HG2  sing N N 95  
GLN CG  HG3  sing N N 96  
GLN CD  OE1  doub N N 97  
GLN CD  NE2  sing N N 98  
GLN NE2 HE21 sing N N 99  
GLN NE2 HE22 sing N N 100 
GLN OXT HXT  sing N N 101 
GLU N   CA   sing N N 102 
GLU N   H    sing N N 103 
GLU N   H2   sing N N 104 
GLU CA  C    sing N N 105 
GLU CA  CB   sing N N 106 
GLU CA  HA   sing N N 107 
GLU C   O    doub N N 108 
GLU C   OXT  sing N N 109 
GLU CB  CG   sing N N 110 
GLU CB  HB2  sing N N 111 
GLU CB  HB3  sing N N 112 
GLU CG  CD   sing N N 113 
GLU CG  HG2  sing N N 114 
GLU CG  HG3  sing N N 115 
GLU CD  OE1  doub N N 116 
GLU CD  OE2  sing N N 117 
GLU OE2 HE2  sing N N 118 
GLU OXT HXT  sing N N 119 
GLY N   CA   sing N N 120 
GLY N   H    sing N N 121 
GLY N   H2   sing N N 122 
GLY CA  C    sing N N 123 
GLY CA  HA2  sing N N 124 
GLY CA  HA3  sing N N 125 
GLY C   O    doub N N 126 
GLY C   OXT  sing N N 127 
GLY OXT HXT  sing N N 128 
GOL C1  O1   sing N N 129 
GOL C1  C2   sing N N 130 
GOL C1  H11  sing N N 131 
GOL C1  H12  sing N N 132 
GOL O1  HO1  sing N N 133 
GOL C2  O2   sing N N 134 
GOL C2  C3   sing N N 135 
GOL C2  H2   sing N N 136 
GOL O2  HO2  sing N N 137 
GOL C3  O3   sing N N 138 
GOL C3  H31  sing N N 139 
GOL C3  H32  sing N N 140 
GOL O3  HO3  sing N N 141 
HIS N   CA   sing N N 142 
HIS N   H    sing N N 143 
HIS N   H2   sing N N 144 
HIS CA  C    sing N N 145 
HIS CA  CB   sing N N 146 
HIS CA  HA   sing N N 147 
HIS C   O    doub N N 148 
HIS C   OXT  sing N N 149 
HIS CB  CG   sing N N 150 
HIS CB  HB2  sing N N 151 
HIS CB  HB3  sing N N 152 
HIS CG  ND1  sing Y N 153 
HIS CG  CD2  doub Y N 154 
HIS ND1 CE1  doub Y N 155 
HIS ND1 HD1  sing N N 156 
HIS CD2 NE2  sing Y N 157 
HIS CD2 HD2  sing N N 158 
HIS CE1 NE2  sing Y N 159 
HIS CE1 HE1  sing N N 160 
HIS NE2 HE2  sing N N 161 
HIS OXT HXT  sing N N 162 
HOH O   H1   sing N N 163 
HOH O   H2   sing N N 164 
ILE N   CA   sing N N 165 
ILE N   H    sing N N 166 
ILE N   H2   sing N N 167 
ILE CA  C    sing N N 168 
ILE CA  CB   sing N N 169 
ILE CA  HA   sing N N 170 
ILE C   O    doub N N 171 
ILE C   OXT  sing N N 172 
ILE CB  CG1  sing N N 173 
ILE CB  CG2  sing N N 174 
ILE CB  HB   sing N N 175 
ILE CG1 CD1  sing N N 176 
ILE CG1 HG12 sing N N 177 
ILE CG1 HG13 sing N N 178 
ILE CG2 HG21 sing N N 179 
ILE CG2 HG22 sing N N 180 
ILE CG2 HG23 sing N N 181 
ILE CD1 HD11 sing N N 182 
ILE CD1 HD12 sing N N 183 
ILE CD1 HD13 sing N N 184 
ILE OXT HXT  sing N N 185 
IPA C1  C2   sing N N 186 
IPA C1  H11  sing N N 187 
IPA C1  H12  sing N N 188 
IPA C1  H13  sing N N 189 
IPA C2  C3   sing N N 190 
IPA C2  O2   sing N N 191 
IPA C2  H2   sing N N 192 
IPA C3  H31  sing N N 193 
IPA C3  H32  sing N N 194 
IPA C3  H33  sing N N 195 
IPA O2  HO2  sing N N 196 
LEU N   CA   sing N N 197 
LEU N   H    sing N N 198 
LEU N   H2   sing N N 199 
LEU CA  C    sing N N 200 
LEU CA  CB   sing N N 201 
LEU CA  HA   sing N N 202 
LEU C   O    doub N N 203 
LEU C   OXT  sing N N 204 
LEU CB  CG   sing N N 205 
LEU CB  HB2  sing N N 206 
LEU CB  HB3  sing N N 207 
LEU CG  CD1  sing N N 208 
LEU CG  CD2  sing N N 209 
LEU CG  HG   sing N N 210 
LEU CD1 HD11 sing N N 211 
LEU CD1 HD12 sing N N 212 
LEU CD1 HD13 sing N N 213 
LEU CD2 HD21 sing N N 214 
LEU CD2 HD22 sing N N 215 
LEU CD2 HD23 sing N N 216 
LEU OXT HXT  sing N N 217 
LYS N   CA   sing N N 218 
LYS N   H    sing N N 219 
LYS N   H2   sing N N 220 
LYS CA  C    sing N N 221 
LYS CA  CB   sing N N 222 
LYS CA  HA   sing N N 223 
LYS C   O    doub N N 224 
LYS C   OXT  sing N N 225 
LYS CB  CG   sing N N 226 
LYS CB  HB2  sing N N 227 
LYS CB  HB3  sing N N 228 
LYS CG  CD   sing N N 229 
LYS CG  HG2  sing N N 230 
LYS CG  HG3  sing N N 231 
LYS CD  CE   sing N N 232 
LYS CD  HD2  sing N N 233 
LYS CD  HD3  sing N N 234 
LYS CE  NZ   sing N N 235 
LYS CE  HE2  sing N N 236 
LYS CE  HE3  sing N N 237 
LYS NZ  HZ1  sing N N 238 
LYS NZ  HZ2  sing N N 239 
LYS NZ  HZ3  sing N N 240 
LYS OXT HXT  sing N N 241 
MET N   CA   sing N N 242 
MET N   H    sing N N 243 
MET N   H2   sing N N 244 
MET CA  C    sing N N 245 
MET CA  CB   sing N N 246 
MET CA  HA   sing N N 247 
MET C   O    doub N N 248 
MET C   OXT  sing N N 249 
MET CB  CG   sing N N 250 
MET CB  HB2  sing N N 251 
MET CB  HB3  sing N N 252 
MET CG  SD   sing N N 253 
MET CG  HG2  sing N N 254 
MET CG  HG3  sing N N 255 
MET SD  CE   sing N N 256 
MET CE  HE1  sing N N 257 
MET CE  HE2  sing N N 258 
MET CE  HE3  sing N N 259 
MET OXT HXT  sing N N 260 
PG4 O1  C1   sing N N 261 
PG4 O1  HO1  sing N N 262 
PG4 C1  C2   sing N N 263 
PG4 C1  H11  sing N N 264 
PG4 C1  H12  sing N N 265 
PG4 C2  O2   sing N N 266 
PG4 C2  H21  sing N N 267 
PG4 C2  H22  sing N N 268 
PG4 O2  C3   sing N N 269 
PG4 C3  C4   sing N N 270 
PG4 C3  H31  sing N N 271 
PG4 C3  H32  sing N N 272 
PG4 C4  O3   sing N N 273 
PG4 C4  H41  sing N N 274 
PG4 C4  H42  sing N N 275 
PG4 O3  C5   sing N N 276 
PG4 C5  C6   sing N N 277 
PG4 C5  H51  sing N N 278 
PG4 C5  H52  sing N N 279 
PG4 C6  O4   sing N N 280 
PG4 C6  H61  sing N N 281 
PG4 C6  H62  sing N N 282 
PG4 O4  C7   sing N N 283 
PG4 C7  C8   sing N N 284 
PG4 C7  H71  sing N N 285 
PG4 C7  H72  sing N N 286 
PG4 C8  O5   sing N N 287 
PG4 C8  H81  sing N N 288 
PG4 C8  H82  sing N N 289 
PG4 O5  HO5  sing N N 290 
PO4 P   O1   doub N N 291 
PO4 P   O2   sing N N 292 
PO4 P   O3   sing N N 293 
PO4 P   O4   sing N N 294 
PRO N   CA   sing N N 295 
PRO N   CD   sing N N 296 
PRO N   H    sing N N 297 
PRO CA  C    sing N N 298 
PRO CA  CB   sing N N 299 
PRO CA  HA   sing N N 300 
PRO C   O    doub N N 301 
PRO C   OXT  sing N N 302 
PRO CB  CG   sing N N 303 
PRO CB  HB2  sing N N 304 
PRO CB  HB3  sing N N 305 
PRO CG  CD   sing N N 306 
PRO CG  HG2  sing N N 307 
PRO CG  HG3  sing N N 308 
PRO CD  HD2  sing N N 309 
PRO CD  HD3  sing N N 310 
PRO OXT HXT  sing N N 311 
SER N   CA   sing N N 312 
SER N   H    sing N N 313 
SER N   H2   sing N N 314 
SER CA  C    sing N N 315 
SER CA  CB   sing N N 316 
SER CA  HA   sing N N 317 
SER C   O    doub N N 318 
SER C   OXT  sing N N 319 
SER CB  OG   sing N N 320 
SER CB  HB2  sing N N 321 
SER CB  HB3  sing N N 322 
SER OG  HG   sing N N 323 
SER OXT HXT  sing N N 324 
THR N   CA   sing N N 325 
THR N   H    sing N N 326 
THR N   H2   sing N N 327 
THR CA  C    sing N N 328 
THR CA  CB   sing N N 329 
THR CA  HA   sing N N 330 
THR C   O    doub N N 331 
THR C   OXT  sing N N 332 
THR CB  OG1  sing N N 333 
THR CB  CG2  sing N N 334 
THR CB  HB   sing N N 335 
THR OG1 HG1  sing N N 336 
THR CG2 HG21 sing N N 337 
THR CG2 HG22 sing N N 338 
THR CG2 HG23 sing N N 339 
THR OXT HXT  sing N N 340 
VAL N   CA   sing N N 341 
VAL N   H    sing N N 342 
VAL N   H2   sing N N 343 
VAL CA  C    sing N N 344 
VAL CA  CB   sing N N 345 
VAL CA  HA   sing N N 346 
VAL C   O    doub N N 347 
VAL C   OXT  sing N N 348 
VAL CB  CG1  sing N N 349 
VAL CB  CG2  sing N N 350 
VAL CB  HB   sing N N 351 
VAL CG1 HG11 sing N N 352 
VAL CG1 HG12 sing N N 353 
VAL CG1 HG13 sing N N 354 
VAL CG2 HG21 sing N N 355 
VAL CG2 HG22 sing N N 356 
VAL CG2 HG23 sing N N 357 
VAL OXT HXT  sing N N 358 
# 
_pdbx_initial_refinement_model.id               1 
_pdbx_initial_refinement_model.entity_id_list   ? 
_pdbx_initial_refinement_model.type             'experimental model' 
_pdbx_initial_refinement_model.source_name      PDB 
_pdbx_initial_refinement_model.accession_code   3MS6 
_pdbx_initial_refinement_model.details          'PDB entry 3MS6' 
# 
_atom_sites.entry_id                    3MSH 
_atom_sites.fract_transf_matrix[1][1]   0.01777238 
_atom_sites.fract_transf_matrix[1][2]   -0.00905749 
_atom_sites.fract_transf_matrix[1][3]   0.00398254 
_atom_sites.fract_transf_matrix[2][1]   -0.00362507 
_atom_sites.fract_transf_matrix[2][2]   -0.01357871 
_atom_sites.fract_transf_matrix[2][3]   -0.01470489 
_atom_sites.fract_transf_matrix[3][1]   0.00626899 
_atom_sites.fract_transf_matrix[3][2]   0.00826541 
_atom_sites.fract_transf_matrix[3][3]   -0.00917785 
_atom_sites.fract_transf_vector[1]      0.010215 
_atom_sites.fract_transf_vector[2]      0.200801 
_atom_sites.fract_transf_vector[3]      0.130568 
# 
loop_
_atom_type.symbol 
C 
N 
O 
P 
S 
# 
loop_
_atom_site.group_PDB 
_atom_site.id 
_atom_site.type_symbol 
_atom_site.label_atom_id 
_atom_site.label_alt_id 
_atom_site.label_comp_id 
_atom_site.label_asym_id 
_atom_site.label_entity_id 
_atom_site.label_seq_id 
_atom_site.pdbx_PDB_ins_code 
_atom_site.Cartn_x 
_atom_site.Cartn_y 
_atom_site.Cartn_z 
_atom_site.occupancy 
_atom_site.B_iso_or_equiv 
_atom_site.pdbx_formal_charge 
_atom_site.auth_seq_id 
_atom_site.auth_comp_id 
_atom_site.auth_asym_id 
_atom_site.auth_atom_id 
_atom_site.pdbx_PDB_model_num 
ATOM   1   N N   . MET A 1 1  ? -12.162 -17.374 12.346  0.88 46.20  ? 1   MET A N   1 
ATOM   2   C CA  . MET A 1 1  ? -11.308 -17.844 11.262  0.96 47.64  ? 1   MET A CA  1 
ATOM   3   C C   . MET A 1 1  ? -9.850  -17.461 11.491  0.28 42.65  ? 1   MET A C   1 
ATOM   4   O O   . MET A 1 1  ? -9.550  -16.564 12.280  1.00 51.32  ? 1   MET A O   1 
ATOM   5   C CB  . MET A 1 1  ? -11.796 -17.309 9.910   0.81 55.50  ? 1   MET A CB  1 
ATOM   6   C CG  . MET A 1 1  ? -12.252 -15.858 9.934   0.82 58.77  ? 1   MET A CG  1 
ATOM   7   S SD  . MET A 1 1  ? -12.530 -15.179 8.283   0.98 54.34  ? 1   MET A SD  1 
ATOM   8   C CE  . MET A 1 1  ? -10.848 -14.890 7.741   1.00 76.81  ? 1   MET A CE  1 
ATOM   9   N N   . GLU A 1 2  ? -8.949  -18.155 10.804  1.00 31.11  ? 2   GLU A N   1 
ATOM   10  C CA  . GLU A 1 2  ? -7.518  -17.877 10.901  1.00 34.94  ? 2   GLU A CA  1 
ATOM   11  C C   . GLU A 1 2  ? -6.992  -17.366 9.566   1.00 44.46  ? 2   GLU A C   1 
ATOM   12  O O   . GLU A 1 2  ? -6.819  -18.137 8.621   1.00 59.14  ? 2   GLU A O   1 
ATOM   13  C CB  . GLU A 1 2  ? -6.744  -19.134 11.301  1.00 40.38  ? 2   GLU A CB  1 
ATOM   14  C CG  . GLU A 1 2  ? -7.174  -19.738 12.627  1.00 37.53  ? 2   GLU A CG  1 
ATOM   15  C CD  . GLU A 1 2  ? -6.416  -21.012 12.963  1.00 48.15  ? 2   GLU A CD  1 
ATOM   16  O OE1 . GLU A 1 2  ? -6.769  -21.674 13.960  1.00 52.46  ? 2   GLU A OE1 1 
ATOM   17  O OE2 . GLU A 1 2  ? -5.466  -21.353 12.225  1.00 53.85  ? 2   GLU A OE2 1 
ATOM   18  N N   . ALA A 1 3  ? -6.746  -16.066 9.485   1.00 28.21  ? 3   ALA A N   1 
ATOM   19  C CA  . ALA A 1 3  ? -6.225  -15.486 8.255   1.00 24.69  ? 3   ALA A CA  1 
ATOM   20  C C   . ALA A 1 3  ? -4.829  -14.920 8.477   1.00 21.75  ? 3   ALA A C   1 
ATOM   21  O O   . ALA A 1 3  ? -4.533  -14.399 9.544   1.00 20.32  ? 3   ALA A O   1 
ATOM   22  C CB  . ALA A 1 3  ? -7.152  -14.401 7.748   1.00 27.50  ? 3   ALA A CB  1 
ATOM   23  N N   . THR A 1 4  ? -3.978  -15.013 7.460   1.00 17.28  ? 4   THR A N   1 
ATOM   24  C CA  . THR A 1 4  ? -2.633  -14.460 7.576   1.00 18.83  ? 4   THR A CA  1 
ATOM   25  C C   . THR A 1 4  ? -2.415  -13.391 6.523   1.00 15.35  ? 4   THR A C   1 
ATOM   26  O O   . THR A 1 4  ? -3.025  -13.412 5.450   1.00 14.47  ? 4   THR A O   1 
ATOM   27  C CB  . THR A 1 4  ? -1.531  -15.530 7.407   1.00 19.65  ? 4   THR A CB  1 
ATOM   28  O OG1 . THR A 1 4  ? -1.486  -15.963 6.042   1.00 21.69  ? 4   THR A OG1 1 
ATOM   29  C CG2 . THR A 1 4  ? -1.787  -16.724 8.318   1.00 21.13  ? 4   THR A CG2 1 
ATOM   30  N N   . LEU A 1 5  ? -1.541  -12.443 6.823   1.00 13.20  ? 5   LEU A N   1 
ATOM   31  C CA  . LEU A 1 5  ? -1.174  -11.435 5.830   1.00 11.83  ? 5   LEU A CA  1 
ATOM   32  C C   . LEU A 1 5  ? -0.586  -12.085 4.578   1.00 12.59  ? 5   LEU A C   1 
ATOM   33  O O   . LEU A 1 5  ? -0.884  -11.661 3.452   1.00 13.11  ? 5   LEU A O   1 
ATOM   34  C CB  . LEU A 1 5  ? -0.202  -10.410 6.424   1.00 14.29  ? 5   LEU A CB  1 
ATOM   35  C CG  . LEU A 1 5  ? 0.257   -9.319  5.447   1.00 16.00  ? 5   LEU A CG  1 
ATOM   36  C CD1 . LEU A 1 5  ? -0.913  -8.542  4.896   1.00 18.54  ? 5   LEU A CD1 1 
ATOM   37  C CD2 . LEU A 1 5  ? 1.267   -8.398  6.145   1.00 21.65  ? 5   LEU A CD2 1 
ATOM   38  N N   . GLU A 1 6  ? 0.227   -13.119 4.760   1.00 17.11  ? 6   GLU A N   1 
ATOM   39  C CA  . GLU A 1 6  ? 0.836   -13.799 3.621   1.00 17.94  ? 6   GLU A CA  1 
ATOM   40  C C   . GLU A 1 6  ? -0.240  -14.312 2.670   1.00 15.49  ? 6   GLU A C   1 
ATOM   41  O O   . GLU A 1 6  ? -0.137  -14.138 1.442   1.00 15.93  ? 6   GLU A O   1 
ATOM   42  C CB  . GLU A 1 6  ? 1.759   -14.930 4.091   1.00 24.05  ? 6   GLU A CB  1 
ATOM   43  C CG  . GLU A 1 6  ? 3.045   -14.410 4.729   0.56 22.09  ? 6   GLU A CG  1 
ATOM   44  C CD  . GLU A 1 6  ? 3.939   -13.677 3.741   0.51 25.44  ? 6   GLU A CD  1 
ATOM   45  O OE1 . GLU A 1 6  ? 4.178   -12.465 3.927   0.65 27.04  ? 6   GLU A OE1 1 
ATOM   46  O OE2 . GLU A 1 6  ? 4.410   -14.316 2.778   0.65 32.32  ? 6   GLU A OE2 1 
ATOM   47  N N   . GLN A 1 7  ? -1.288  -14.918 3.229   1.00 15.73  ? 7   GLN A N   1 
ATOM   48  C CA  A GLN A 1 7  ? -2.418  -15.400 2.433   0.51 17.14  ? 7   GLN A CA  1 
ATOM   49  C CA  B GLN A 1 7  ? -2.370  -15.398 2.376   0.49 17.04  ? 7   GLN A CA  1 
ATOM   50  C C   . GLN A 1 7  ? -3.075  -14.239 1.687   1.00 16.54  ? 7   GLN A C   1 
ATOM   51  O O   . GLN A 1 7  ? -3.355  -14.311 0.498   1.00 15.34  ? 7   GLN A O   1 
ATOM   52  C CB  A GLN A 1 7  ? -3.448  -16.107 3.330   0.51 20.05  ? 7   GLN A CB  1 
ATOM   53  C CB  B GLN A 1 7  ? -3.377  -16.261 3.133   0.49 20.82  ? 7   GLN A CB  1 
ATOM   54  C CG  A GLN A 1 7  ? -2.971  -17.454 3.890   0.51 23.99  ? 7   GLN A CG  1 
ATOM   55  C CG  B GLN A 1 7  ? -4.363  -16.960 2.202   0.49 27.91  ? 7   GLN A CG  1 
ATOM   56  C CD  A GLN A 1 7  ? -3.832  -17.988 5.036   0.51 26.57  ? 7   GLN A CD  1 
ATOM   57  C CD  B GLN A 1 7  ? -3.670  -17.697 1.064   0.49 32.00  ? 7   GLN A CD  1 
ATOM   58  O OE1 A GLN A 1 7  ? -3.651  -19.122 5.482   0.51 36.67  ? 7   GLN A OE1 1 
ATOM   59  O OE1 B GLN A 1 7  ? -2.709  -18.438 1.280   0.49 39.51  ? 7   GLN A OE1 1 
ATOM   60  N NE2 A GLN A 1 7  ? -4.766  -17.176 5.513   0.51 16.57  ? 7   GLN A NE2 1 
ATOM   61  N NE2 B GLN A 1 7  ? -4.155  -17.492 -0.156  0.49 23.52  ? 7   GLN A NE2 1 
ATOM   62  N N   . HIS A 1 8  ? -3.335  -13.161 2.408   1.00 14.34  ? 8   HIS A N   1 
ATOM   63  C CA  . HIS A 1 8  ? -3.958  -12.003 1.788   1.00 14.40  ? 8   HIS A CA  1 
ATOM   64  C C   . HIS A 1 8  ? -3.122  -11.410 0.657   1.00 14.03  ? 8   HIS A C   1 
ATOM   65  O O   . HIS A 1 8  ? -3.673  -10.981 -0.352  1.00 13.86  ? 8   HIS A O   1 
ATOM   66  C CB  . HIS A 1 8  ? -4.270  -10.931 2.835   1.00 14.10  ? 8   HIS A CB  1 
ATOM   67  C CG  . HIS A 1 8  ? -5.497  -11.222 3.636   1.00 15.87  ? 8   HIS A CG  1 
ATOM   68  N ND1 . HIS A 1 8  ? -6.196  -10.241 4.307   1.00 23.77  ? 8   HIS A ND1 1 
ATOM   69  C CD2 . HIS A 1 8  ? -6.149  -12.381 3.874   1.00 17.94  ? 8   HIS A CD2 1 
ATOM   70  C CE1 . HIS A 1 8  ? -7.229  -10.787 4.926   1.00 19.57  ? 8   HIS A CE1 1 
ATOM   71  N NE2 . HIS A 1 8  ? -7.221  -12.085 4.684   1.00 22.98  ? 8   HIS A NE2 1 
ATOM   72  N N   . LEU A 1 9  ? -1.804  -11.363 0.809   1.00 13.63  ? 9   LEU A N   1 
ATOM   73  C CA  . LEU A 1 9  ? -0.949  -10.842 -0.262  1.00 14.58  ? 9   LEU A CA  1 
ATOM   74  C C   . LEU A 1 9  ? -1.022  -11.738 -1.500  1.00 14.74  ? 9   LEU A C   1 
ATOM   75  O O   . LEU A 1 9  ? -1.095  -11.245 -2.629  1.00 16.14  ? 9   LEU A O   1 
ATOM   76  C CB  . LEU A 1 9  ? 0.498   -10.730 0.216   1.00 14.69  ? 9   LEU A CB  1 
ATOM   77  C CG  . LEU A 1 9  ? 0.748   -9.797  1.393   1.00 15.47  ? 9   LEU A CG  1 
ATOM   78  C CD1 . LEU A 1 9  ? 2.144   -10.035 1.942   1.00 18.41  ? 9   LEU A CD1 1 
ATOM   79  C CD2 . LEU A 1 9  ? 0.584   -8.338  0.981   1.00 23.32  ? 9   LEU A CD2 1 
ATOM   80  N N   . GLU A 1 10 ? -0.997  -13.051 -1.280  1.00 15.60  ? 10  GLU A N   1 
ATOM   81  C CA  . GLU A 1 10 ? -1.170  -14.025 -2.363  1.00 16.09  ? 10  GLU A CA  1 
ATOM   82  C C   . GLU A 1 10 ? -2.507  -13.823 -3.087  1.00 18.08  ? 10  GLU A C   1 
ATOM   83  O O   . GLU A 1 10 ? -2.558  -13.806 -4.324  1.00 19.37  ? 10  GLU A O   1 
ATOM   84  C CB  . GLU A 1 10 ? -1.078  -15.454 -1.823  1.00 20.43  ? 10  GLU A CB  1 
ATOM   85  C CG  . GLU A 1 10 ? 0.303   -15.834 -1.322  1.00 28.52  ? 10  GLU A CG  1 
ATOM   86  C CD  . GLU A 1 10 ? 1.295   -16.015 -2.451  1.00 38.99  ? 10  GLU A CD  1 
ATOM   87  O OE1 . GLU A 1 10 ? 0.871   -16.441 -3.545  1.00 40.95  ? 10  GLU A OE1 1 
ATOM   88  O OE2 . GLU A 1 10 ? 2.492   -15.734 -2.245  1.00 35.37  ? 10  GLU A OE2 1 
ATOM   89  N N   . ASP A 1 11 ? -3.582  -13.656 -2.318  1.00 16.47  ? 11  ASP A N   1 
ATOM   90  C CA  . ASP A 1 11 ? -4.919  -13.421 -2.876  1.00 18.17  ? 11  ASP A CA  1 
ATOM   91  C C   . ASP A 1 11 ? -4.930  -12.158 -3.735  1.00 14.95  ? 11  ASP A C   1 
ATOM   92  O O   . ASP A 1 11 ? -5.491  -12.135 -4.843  1.00 17.10  ? 11  ASP A O   1 
ATOM   93  C CB  . ASP A 1 11 ? -5.945  -13.231 -1.744  1.00 17.91  ? 11  ASP A CB  1 
ATOM   94  C CG  . ASP A 1 11 ? -6.233  -14.517 -0.954  1.00 23.61  ? 11  ASP A CG  1 
ATOM   95  O OD1 . ASP A 1 11 ? -6.729  -14.400 0.185   1.00 24.00  ? 11  ASP A OD1 1 
ATOM   96  O OD2 . ASP A 1 11 ? -5.987  -15.628 -1.461  1.00 25.36  ? 11  ASP A OD2 1 
ATOM   97  N N   . THR A 1 12 ? -4.318  -11.094 -3.222  1.00 13.83  ? 12  THR A N   1 
ATOM   98  C CA  . THR A 1 12 ? -4.315  -9.804  -3.890  1.00 13.40  ? 12  THR A CA  1 
ATOM   99  C C   . THR A 1 12 ? -3.602  -9.914  -5.244  1.00 16.60  ? 12  THR A C   1 
ATOM   100 O O   . THR A 1 12 ? -4.065  -9.385  -6.269  1.00 16.48  ? 12  THR A O   1 
ATOM   101 C CB  . THR A 1 12 ? -3.628  -8.742  -3.009  1.00 16.64  ? 12  THR A CB  1 
ATOM   102 O OG1 . THR A 1 12 ? -4.406  -8.536  -1.820  1.00 18.40  ? 12  THR A OG1 1 
ATOM   103 C CG2 . THR A 1 12 ? -3.502  -7.409  -3.748  1.00 16.56  ? 12  THR A CG2 1 
ATOM   104 N N   . MET A 1 13 ? -2.490  -10.638 -5.265  1.00 14.51  ? 13  MET A N   1 
ATOM   105 C CA  . MET A 1 13 ? -1.718  -10.774 -6.493  1.00 15.46  ? 13  MET A CA  1 
ATOM   106 C C   . MET A 1 13 ? -2.448  -11.555 -7.585  1.00 18.50  ? 13  MET A C   1 
ATOM   107 O O   . MET A 1 13 ? -2.036  -11.499 -8.748  1.00 21.33  ? 13  MET A O   1 
ATOM   108 C CB  . MET A 1 13 ? -0.353  -11.399 -6.209  1.00 15.80  ? 13  MET A CB  1 
ATOM   109 C CG  . MET A 1 13 ? 0.579   -10.476 -5.430  1.00 17.10  ? 13  MET A CG  1 
ATOM   110 S SD  . MET A 1 13 ? 1.061   -8.980  -6.339  1.00 16.22  ? 13  MET A SD  1 
ATOM   111 C CE  . MET A 1 13 ? 2.001   -9.676  -7.691  1.00 16.13  ? 13  MET A CE  1 
ATOM   112 N N   . LYS A 1 14 ? -3.522  -12.270 -7.230  1.00 16.38  ? 14  LYS A N   1 
ATOM   113 C CA  . LYS A 1 14 ? -4.292  -13.009 -8.232  1.00 20.97  ? 14  LYS A CA  1 
ATOM   114 C C   . LYS A 1 14 ? -5.032  -12.086 -9.185  1.00 24.21  ? 14  LYS A C   1 
ATOM   115 O O   . LYS A 1 14 ? -5.423  -12.496 -10.277 1.00 26.34  ? 14  LYS A O   1 
ATOM   116 C CB  . LYS A 1 14 ? -5.270  -13.991 -7.584  1.00 18.53  ? 14  LYS A CB  1 
ATOM   117 C CG  . LYS A 1 14 ? -4.582  -15.156 -6.911  1.00 23.05  ? 14  LYS A CG  1 
ATOM   118 C CD  . LYS A 1 14 ? -5.533  -15.983 -6.089  1.00 28.69  ? 14  LYS A CD  1 
ATOM   119 C CE  . LYS A 1 14 ? -4.787  -17.157 -5.454  1.00 40.69  ? 14  LYS A CE  1 
ATOM   120 N NZ  . LYS A 1 14 ? -5.696  -18.070 -4.705  1.00 50.22  ? 14  LYS A NZ  1 
ATOM   121 N N   . ASN A 1 15 ? -5.237  -10.846 -8.766  1.00 17.17  ? 15  ASN A N   1 
ATOM   122 C CA  . ASN A 1 15 ? -5.816  -9.844  -9.649  1.00 16.17  ? 15  ASN A CA  1 
ATOM   123 C C   . ASN A 1 15 ? -4.803  -9.581  -10.764 1.00 16.59  ? 15  ASN A C   1 
ATOM   124 O O   . ASN A 1 15 ? -3.676  -9.170  -10.485 1.00 14.69  ? 15  ASN A O   1 
ATOM   125 C CB  . ASN A 1 15 ? -6.112  -8.571  -8.843  1.00 15.70  ? 15  ASN A CB  1 
ATOM   126 C CG  . ASN A 1 15 ? -6.743  -7.467  -9.673  1.00 16.29  ? 15  ASN A CG  1 
ATOM   127 O OD1 . ASN A 1 15 ? -6.432  -7.295  -10.852 1.00 16.09  ? 15  ASN A OD1 1 
ATOM   128 N ND2 . ASN A 1 15 ? -7.615  -6.696  -9.047  1.00 17.63  ? 15  ASN A ND2 1 
ATOM   129 N N   . PRO A 1 16 ? -5.186  -9.829  -12.025 1.00 16.90  ? 16  PRO A N   1 
ATOM   130 C CA  . PRO A 1 16 ? -4.215  -9.749  -13.129 1.00 16.98  ? 16  PRO A CA  1 
ATOM   131 C C   . PRO A 1 16 ? -3.667  -8.346  -13.359 1.00 17.75  ? 16  PRO A C   1 
ATOM   132 O O   . PRO A 1 16 ? -2.598  -8.215  -13.977 1.00 21.47  ? 16  PRO A O   1 
ATOM   133 C CB  . PRO A 1 16 ? -5.024  -10.209 -14.350 1.00 20.43  ? 16  PRO A CB  1 
ATOM   134 C CG  . PRO A 1 16 ? -6.439  -9.961  -13.979 1.00 24.06  ? 16  PRO A CG  1 
ATOM   135 C CD  . PRO A 1 16 ? -6.530  -10.209 -12.495 1.00 19.57  ? 16  PRO A CD  1 
ATOM   136 N N   . SER A 1 17 ? -4.373  -7.315  -12.899 1.00 15.34  ? 17  SER A N   1 
ATOM   137 C CA  A SER A 1 17 ? -3.914  -5.936  -13.046 0.47 18.92  ? 17  SER A CA  1 
ATOM   138 C CA  B SER A 1 17 ? -3.884  -5.951  -13.061 0.53 18.45  ? 17  SER A CA  1 
ATOM   139 C C   . SER A 1 17 ? -2.915  -5.534  -11.958 1.00 18.55  ? 17  SER A C   1 
ATOM   140 O O   . SER A 1 17 ? -2.190  -4.558  -12.108 1.00 16.94  ? 17  SER A O   1 
ATOM   141 C CB  A SER A 1 17 ? -5.103  -4.969  -13.048 0.47 22.48  ? 17  SER A CB  1 
ATOM   142 C CB  B SER A 1 17 ? -5.043  -4.957  -13.160 0.53 20.21  ? 17  SER A CB  1 
ATOM   143 O OG  A SER A 1 17 ? -5.716  -4.893  -11.768 0.47 19.93  ? 17  SER A OG  1 
ATOM   144 O OG  B SER A 1 17 ? -5.781  -5.166  -14.345 0.53 27.91  ? 17  SER A OG  1 
ATOM   145 N N   . ILE A 1 18 ? -2.883  -6.286  -10.860 1.00 13.78  ? 18  ILE A N   1 
ATOM   146 C CA  . ILE A 1 18 ? -2.003  -5.943  -9.745  1.00 10.49  ? 18  ILE A CA  1 
ATOM   147 C C   . ILE A 1 18 ? -0.640  -6.584  -9.922  1.00 13.29  ? 18  ILE A C   1 
ATOM   148 O O   . ILE A 1 18 ? -0.517  -7.810  -9.991  1.00 13.82  ? 18  ILE A O   1 
ATOM   149 C CB  . ILE A 1 18 ? -2.620  -6.336  -8.385  1.00 10.12  ? 18  ILE A CB  1 
ATOM   150 C CG1 . ILE A 1 18 ? -3.903  -5.535  -8.150  1.00 13.24  ? 18  ILE A CG1 1 
ATOM   151 C CG2 . ILE A 1 18 ? -1.617  -6.094  -7.254  1.00 11.11  ? 18  ILE A CG2 1 
ATOM   152 C CD1 . ILE A 1 18 ? -4.636  -5.855  -6.816  1.00 13.89  ? 18  ILE A CD1 1 
ATOM   153 N N   . VAL A 1 19 ? 0.397   -5.757  -10.002 1.00 10.91  ? 19  VAL A N   1 
ATOM   154 C CA  . VAL A 1 19 ? 1.745   -6.282  -10.189 1.00 11.78  ? 19  VAL A CA  1 
ATOM   155 C C   . VAL A 1 19 ? 2.621   -6.159  -8.948  1.00 9.71   ? 19  VAL A C   1 
ATOM   156 O O   . VAL A 1 19 ? 3.721   -6.706  -8.910  1.00 13.17  ? 19  VAL A O   1 
ATOM   157 C CB  . VAL A 1 19 ? 2.455   -5.645  -11.391 1.00 11.28  ? 19  VAL A CB  1 
ATOM   158 C CG1 . VAL A 1 19 ? 1.715   -5.988  -12.677 1.00 12.41  ? 19  VAL A CG1 1 
ATOM   159 C CG2 . VAL A 1 19 ? 2.574   -4.138  -11.221 1.00 13.70  ? 19  VAL A CG2 1 
ATOM   160 N N   . GLY A 1 20 ? 2.142   -5.473  -7.917  1.00 10.11  ? 20  GLY A N   1 
ATOM   161 C CA  . GLY A 1 20 ? 2.890   -5.396  -6.668  1.00 10.96  ? 20  GLY A CA  1 
ATOM   162 C C   . GLY A 1 20 ? 1.989   -4.979  -5.526  1.00 9.40   ? 20  GLY A C   1 
ATOM   163 O O   . GLY A 1 20 ? 0.992   -4.290  -5.723  1.00 10.46  ? 20  GLY A O   1 
ATOM   164 N N   . VAL A 1 21 ? 2.329   -5.428  -4.323  1.00 10.11  ? 21  VAL A N   1 
ATOM   165 C CA  . VAL A 1 21 ? 1.616   -5.037  -3.113  1.00 11.21  ? 21  VAL A CA  1 
ATOM   166 C C   . VAL A 1 21 ? 2.578   -5.030  -1.942  1.00 11.44  ? 21  VAL A C   1 
ATOM   167 O O   . VAL A 1 21 ? 3.473   -5.876  -1.859  1.00 12.94  ? 21  VAL A O   1 
ATOM   168 C CB  . VAL A 1 21 ? 0.399   -5.956  -2.840  1.00 10.81  ? 21  VAL A CB  1 
ATOM   169 C CG1 . VAL A 1 21 ? 0.818   -7.445  -2.786  1.00 16.72  ? 21  VAL A CG1 1 
ATOM   170 C CG2 . VAL A 1 21 ? -0.339  -5.529  -1.559  1.00 12.01  ? 21  VAL A CG2 1 
ATOM   171 N N   . LEU A 1 22 ? 2.426   -4.060  -1.045  1.00 11.06  ? 22  LEU A N   1 
ATOM   172 C CA  . LEU A 1 22 ? 3.309   -3.972  0.118   1.00 11.38  ? 22  LEU A CA  1 
ATOM   173 C C   . LEU A 1 22 ? 2.531   -3.375  1.281   1.00 12.62  ? 22  LEU A C   1 
ATOM   174 O O   . LEU A 1 22 ? 1.750   -2.428  1.095   1.00 12.41  ? 22  LEU A O   1 
ATOM   175 C CB  . LEU A 1 22 ? 4.526   -3.097  -0.205  1.00 15.00  ? 22  LEU A CB  1 
ATOM   176 C CG  . LEU A 1 22 ? 5.590   -3.021  0.890   1.00 15.08  ? 22  LEU A CG  1 
ATOM   177 C CD1 . LEU A 1 22 ? 6.975   -2.931  0.255   1.00 18.65  ? 22  LEU A CD1 1 
ATOM   178 C CD2 . LEU A 1 22 ? 5.319   -1.844  1.827   1.00 18.29  ? 22  LEU A CD2 1 
ATOM   179 N N   . CYS A 1 23 ? 2.740   -3.929  2.477   1.00 11.69  ? 23  CYS A N   1 
ATOM   180 C CA  . CYS A 1 23 ? 2.118   -3.421  3.694   1.00 11.55  ? 23  CYS A CA  1 
ATOM   181 C C   . CYS A 1 23 ? 3.166   -2.953  4.683   1.00 12.74  ? 23  CYS A C   1 
ATOM   182 O O   . CYS A 1 23 ? 4.186   -3.597  4.857   1.00 14.31  ? 23  CYS A O   1 
ATOM   183 C CB  . CYS A 1 23 ? 1.259   -4.503  4.351   1.00 13.32  ? 23  CYS A CB  1 
ATOM   184 S SG  . CYS A 1 23 ? -0.103  -5.030  3.317   1.00 17.31  ? 23  CYS A SG  1 
ATOM   185 N N   . THR A 1 24 ? 2.914   -1.824  5.335   1.00 11.49  ? 24  THR A N   1 
ATOM   186 C CA  A THR A 1 24 ? 3.825   -1.343  6.374   0.70 13.57  ? 24  THR A CA  1 
ATOM   187 C CA  B THR A 1 24 ? 3.828   -1.322  6.341   0.30 14.21  ? 24  THR A CA  1 
ATOM   188 C C   . THR A 1 24 ? 3.062   -0.924  7.605   1.00 15.48  ? 24  THR A C   1 
ATOM   189 O O   . THR A 1 24 ? 1.841   -0.750  7.565   1.00 15.48  ? 24  THR A O   1 
ATOM   190 C CB  A THR A 1 24 ? 4.646   -0.105  5.941   0.70 15.29  ? 24  THR A CB  1 
ATOM   191 C CB  B THR A 1 24 ? 4.600   -0.112  5.791   0.30 15.81  ? 24  THR A CB  1 
ATOM   192 O OG1 A THR A 1 24 ? 3.818   1.074   5.967   0.70 17.42  ? 24  THR A OG1 1 
ATOM   193 O OG1 B THR A 1 24 ? 5.708   0.186   6.643   0.30 13.49  ? 24  THR A OG1 1 
ATOM   194 C CG2 A THR A 1 24 ? 5.217   -0.297  4.569   0.70 14.30  ? 24  THR A CG2 1 
ATOM   195 C CG2 B THR A 1 24 ? 3.687   1.109   5.681   0.30 14.93  ? 24  THR A CG2 1 
ATOM   196 N N   . ASP A 1 25 ? 3.780   -0.790  8.718   1.00 15.34  ? 25  ASP A N   1 
ATOM   197 C CA  . ASP A 1 25 ? 3.218   -0.124  9.897   1.00 17.95  ? 25  ASP A CA  1 
ATOM   198 C C   . ASP A 1 25 ? 3.436   1.384   9.746   1.00 18.09  ? 25  ASP A C   1 
ATOM   199 O O   . ASP A 1 25 ? 3.890   1.862   8.698   1.00 19.04  ? 25  ASP A O   1 
ATOM   200 C CB  . ASP A 1 25 ? 3.769   -0.681  11.222  1.00 18.46  ? 25  ASP A CB  1 
ATOM   201 C CG  . ASP A 1 25 ? 5.199   -0.264  11.502  1.00 17.93  ? 25  ASP A CG  1 
ATOM   202 O OD1 . ASP A 1 25 ? 5.790   0.500   10.708  1.00 18.76  ? 25  ASP A OD1 1 
ATOM   203 O OD2 . ASP A 1 25 ? 5.737   -0.727  12.530  1.00 22.21  ? 25  ASP A OD2 1 
ATOM   204 N N   . SER A 1 26 ? 3.099   2.154   10.767  1.00 18.71  ? 26  SER A N   1 
ATOM   205 C CA  . SER A 1 26 ? 3.134   3.596   10.601  1.00 19.47  ? 26  SER A CA  1 
ATOM   206 C C   . SER A 1 26 ? 4.547   4.188   10.572  1.00 22.79  ? 26  SER A C   1 
ATOM   207 O O   . SER A 1 26 ? 4.708   5.380   10.327  1.00 26.83  ? 26  SER A O   1 
ATOM   208 C CB  . SER A 1 26 ? 2.297   4.279   11.682  1.00 22.23  ? 26  SER A CB  1 
ATOM   209 O OG  . SER A 1 26 ? 2.923   4.159   12.947  1.00 30.31  ? 26  SER A OG  1 
ATOM   210 N N   . GLN A 1 27 ? 5.563   3.365   10.804  1.00 21.89  ? 27  GLN A N   1 
ATOM   211 C CA  . GLN A 1 27 ? 6.944   3.840   10.799  1.00 22.41  ? 27  GLN A CA  1 
ATOM   212 C C   . GLN A 1 27 ? 7.797   3.182   9.712   1.00 20.41  ? 27  GLN A C   1 
ATOM   213 O O   . GLN A 1 27 ? 9.018   3.286   9.723   1.00 27.60  ? 27  GLN A O   1 
ATOM   214 C CB  . GLN A 1 27 ? 7.579   3.650   12.181  1.00 26.60  ? 27  GLN A CB  1 
ATOM   215 C CG  . GLN A 1 27 ? 6.939   4.501   13.267  1.00 30.87  ? 27  GLN A CG  1 
ATOM   216 C CD  . GLN A 1 27 ? 7.095   5.994   13.013  1.00 47.73  ? 27  GLN A CD  1 
ATOM   217 O OE1 . GLN A 1 27 ? 8.196   6.478   12.751  1.00 49.55  ? 27  GLN A OE1 1 
ATOM   218 N NE2 . GLN A 1 27 ? 5.990   6.729   13.096  1.00 50.34  ? 27  GLN A NE2 1 
ATOM   219 N N   . GLY A 1 28 ? 7.145   2.514   8.768   1.00 15.65  ? 28  GLY A N   1 
ATOM   220 C CA  . GLY A 1 28 ? 7.847   1.962   7.615   1.00 17.74  ? 28  GLY A CA  1 
ATOM   221 C C   . GLY A 1 28 ? 8.347   0.531   7.730   1.00 17.71  ? 28  GLY A C   1 
ATOM   222 O O   . GLY A 1 28 ? 9.037   0.039   6.838   1.00 20.12  ? 28  GLY A O   1 
ATOM   223 N N   . LEU A 1 29 ? 8.003   -0.150  8.819   1.00 16.80  ? 29  LEU A N   1 
ATOM   224 C CA  . LEU A 1 29 ? 8.358   -1.561  8.942   1.00 17.03  ? 29  LEU A CA  1 
ATOM   225 C C   . LEU A 1 29 ? 7.651   -2.360  7.855   1.00 18.98  ? 29  LEU A C   1 
ATOM   226 O O   . LEU A 1 29 ? 6.435   -2.281  7.727   1.00 17.32  ? 29  LEU A O   1 
ATOM   227 C CB  . LEU A 1 29 ? 7.959   -2.090  10.318  1.00 16.24  ? 29  LEU A CB  1 
ATOM   228 C CG  . LEU A 1 29 ? 8.341   -3.512  10.703  1.00 16.60  ? 29  LEU A CG  1 
ATOM   229 C CD1 . LEU A 1 29 ? 9.848   -3.611  10.824  1.00 21.70  ? 29  LEU A CD1 1 
ATOM   230 C CD2 . LEU A 1 29 ? 7.658   -3.873  12.027  1.00 19.88  ? 29  LEU A CD2 1 
ATOM   231 N N   . ASN A 1 30 ? 8.405   -3.130  7.077   1.00 14.23  ? 30  ASN A N   1 
ATOM   232 C CA  . ASN A 1 30 ? 7.814   -3.920  5.995   1.00 13.68  ? 30  ASN A CA  1 
ATOM   233 C C   . ASN A 1 30 ? 7.143   -5.163  6.558   1.00 14.54  ? 30  ASN A C   1 
ATOM   234 O O   . ASN A 1 30 ? 7.811   -6.081  7.036   1.00 14.63  ? 30  ASN A O   1 
ATOM   235 C CB  . ASN A 1 30 ? 8.885   -4.309  4.966   1.00 16.07  ? 30  ASN A CB  1 
ATOM   236 C CG  . ASN A 1 30 ? 8.312   -5.027  3.750   1.00 19.05  ? 30  ASN A CG  1 
ATOM   237 O OD1 . ASN A 1 30 ? 7.125   -5.343  3.680   1.00 18.75  ? 30  ASN A OD1 1 
ATOM   238 N ND2 . ASN A 1 30 ? 9.170   -5.280  2.774   1.00 23.36  ? 30  ASN A ND2 1 
ATOM   239 N N   . LEU A 1 31 ? 5.813   -5.175  6.550   1.00 14.16  ? 31  LEU A N   1 
ATOM   240 C CA  . LEU A 1 31 ? 5.067   -6.300  7.098   1.00 13.10  ? 31  LEU A CA  1 
ATOM   241 C C   . LEU A 1 31 ? 4.934   -7.443  6.100   1.00 12.81  ? 31  LEU A C   1 
ATOM   242 O O   . LEU A 1 31 ? 4.660   -8.588  6.483   1.00 18.75  ? 31  LEU A O   1 
ATOM   243 C CB  . LEU A 1 31 ? 3.673   -5.836  7.507   1.00 12.73  ? 31  LEU A CB  1 
ATOM   244 C CG  . LEU A 1 31 ? 3.641   -4.613  8.410   1.00 12.85  ? 31  LEU A CG  1 
ATOM   245 C CD1 . LEU A 1 31 ? 2.211   -4.168  8.647   1.00 16.30  ? 31  LEU A CD1 1 
ATOM   246 C CD2 . LEU A 1 31 ? 4.314   -4.956  9.748   1.00 19.14  ? 31  LEU A CD2 1 
ATOM   247 N N   . GLY A 1 32 ? 5.137   -7.148  4.819   1.00 13.39  ? 32  GLY A N   1 
ATOM   248 C CA  . GLY A 1 32 ? 5.048   -8.172  3.797   1.00 13.14  ? 32  GLY A CA  1 
ATOM   249 C C   . GLY A 1 32 ? 4.820   -7.562  2.436   1.00 14.88  ? 32  GLY A C   1 
ATOM   250 O O   . GLY A 1 32 ? 4.199   -6.516  2.324   1.00 13.86  ? 32  GLY A O   1 
ATOM   251 N N   . CYS A 1 33 ? 5.328   -8.213  1.398   1.00 14.36  ? 33  CYS A N   1 
ATOM   252 C CA  . CYS A 1 33 ? 5.233   -7.661  0.058   1.00 15.00  ? 33  CYS A CA  1 
ATOM   253 C C   . CYS A 1 33 ? 5.321   -8.739  -1.005  1.00 14.77  ? 33  CYS A C   1 
ATOM   254 O O   . CYS A 1 33 ? 5.757   -9.869  -0.739  1.00 16.17  ? 33  CYS A O   1 
ATOM   255 C CB  . CYS A 1 33 ? 6.299   -6.586  -0.165  1.00 14.14  ? 33  CYS A CB  1 
ATOM   256 S SG  . CYS A 1 33 ? 7.992   -7.235  -0.070  1.00 19.46  ? 33  CYS A SG  1 
ATOM   257 N N   . ARG A 1 34 ? 4.838   -8.397  -2.194  1.00 13.34  ? 34  ARG A N   1 
ATOM   258 C CA  . ARG A 1 34 ? 4.960   -9.257  -3.368  1.00 13.54  ? 34  ARG A CA  1 
ATOM   259 C C   . ARG A 1 34 ? 5.156   -8.411  -4.623  1.00 13.12  ? 34  ARG A C   1 
ATOM   260 O O   . ARG A 1 34 ? 4.726   -7.254  -4.701  1.00 13.28  ? 34  ARG A O   1 
ATOM   261 C CB  . ARG A 1 34 ? 3.693   -10.099 -3.592  1.00 14.13  ? 34  ARG A CB  1 
ATOM   262 C CG  . ARG A 1 34 ? 3.348   -11.072 -2.490  1.00 16.27  ? 34  ARG A CG  1 
ATOM   263 C CD  . ARG A 1 34 ? 4.321   -12.239 -2.472  1.00 16.23  ? 34  ARG A CD  1 
ATOM   264 N NE  . ARG A 1 34 ? 3.827   -13.309 -1.607  1.00 20.77  ? 34  ARG A NE  1 
ATOM   265 C CZ  . ARG A 1 34 ? 4.016   -13.359 -0.295  1.00 25.98  ? 34  ARG A CZ  1 
ATOM   266 N NH1 . ARG A 1 34 ? 4.690   -12.400 0.326   1.00 23.56  ? 34  ARG A NH1 1 
ATOM   267 N NH2 . ARG A 1 34 ? 3.530   -14.384 0.400   1.00 30.40  ? 34  ARG A NH2 1 
ATOM   268 N N   . GLY A 1 35 ? 5.771   -9.009  -5.630  1.00 14.49  ? 35  GLY A N   1 
ATOM   269 C CA  . GLY A 1 35 ? 5.843   -8.385  -6.934  1.00 15.78  ? 35  GLY A CA  1 
ATOM   270 C C   . GLY A 1 35 ? 6.752   -7.176  -6.971  1.00 13.97  ? 35  GLY A C   1 
ATOM   271 O O   . GLY A 1 35 ? 7.858   -7.192  -6.416  1.00 16.38  ? 35  GLY A O   1 
ATOM   272 N N   . THR A 1 36 ? 6.283   -6.116  -7.623  1.00 13.68  ? 36  THR A N   1 
ATOM   273 C CA  . THR A 1 36 ? 7.141   -4.982  -7.929  1.00 12.81  ? 36  THR A CA  1 
ATOM   274 C C   . THR A 1 36 ? 7.482   -4.147  -6.701  1.00 14.59  ? 36  THR A C   1 
ATOM   275 O O   . THR A 1 36 ? 8.395   -3.326  -6.751  1.00 18.73  ? 36  THR A O   1 
ATOM   276 C CB  . THR A 1 36 ? 6.440   -4.029  -8.899  1.00 13.16  ? 36  THR A CB  1 
ATOM   277 O OG1 . THR A 1 36 ? 5.151   -3.707  -8.359  1.00 13.78  ? 36  THR A OG1 1 
ATOM   278 C CG2 . THR A 1 36 ? 6.265   -4.654  -10.276 1.00 14.07  ? 36  THR A CG2 1 
ATOM   279 N N   . LEU A 1 37 ? 6.733   -4.312  -5.614  1.00 13.49  ? 37  LEU A N   1 
ATOM   280 C CA  . LEU A 1 37 ? 7.007   -3.527  -4.412  1.00 14.88  ? 37  LEU A CA  1 
ATOM   281 C C   . LEU A 1 37 ? 7.788   -4.347  -3.407  1.00 16.96  ? 37  LEU A C   1 
ATOM   282 O O   . LEU A 1 37 ? 7.377   -5.436  -3.020  1.00 17.62  ? 37  LEU A O   1 
ATOM   283 C CB  . LEU A 1 37 ? 5.703   -3.022  -3.785  1.00 12.81  ? 37  LEU A CB  1 
ATOM   284 C CG  . LEU A 1 37 ? 4.860   -2.152  -4.719  1.00 12.54  ? 37  LEU A CG  1 
ATOM   285 C CD1 . LEU A 1 37 ? 3.557   -1.706  -4.042  1.00 12.88  ? 37  LEU A CD1 1 
ATOM   286 C CD2 . LEU A 1 37 ? 5.655   -0.943  -5.194  1.00 18.13  ? 37  LEU A CD2 1 
ATOM   287 N N   . SER A 1 38 ? 8.922   -3.813  -2.979  1.00 17.44  ? 38  SER A N   1 
ATOM   288 C CA  . SER A 1 38 ? 9.849   -4.597  -2.177  1.00 17.19  ? 38  SER A CA  1 
ATOM   289 C C   . SER A 1 38 ? 10.403  -3.804  -1.005  1.00 18.58  ? 38  SER A C   1 
ATOM   290 O O   . SER A 1 38 ? 9.958   -2.687  -0.746  1.00 16.92  ? 38  SER A O   1 
ATOM   291 C CB  . SER A 1 38 ? 10.975  -5.143  -3.055  1.00 25.06  ? 38  SER A CB  1 
ATOM   292 O OG  . SER A 1 38 ? 11.648  -4.095  -3.727  1.00 33.11  ? 38  SER A OG  1 
ATOM   293 N N   . ASP A 1 39 ? 11.378  -4.383  -0.305  1.00 18.55  ? 39  ASP A N   1 
ATOM   294 C CA  . ASP A 1 39 ? 11.893  -3.778  0.921   1.00 19.31  ? 39  ASP A CA  1 
ATOM   295 C C   . ASP A 1 39 ? 12.293  -2.310  0.738   1.00 19.27  ? 39  ASP A C   1 
ATOM   296 O O   . ASP A 1 39 ? 12.077  -1.485  1.623   1.00 20.50  ? 39  ASP A O   1 
ATOM   297 C CB  . ASP A 1 39 ? 13.105  -4.564  1.442   1.00 20.79  ? 39  ASP A CB  1 
ATOM   298 C CG  . ASP A 1 39 ? 12.736  -5.935  2.002   1.00 32.11  ? 39  ASP A CG  1 
ATOM   299 O OD1 . ASP A 1 39 ? 11.541  -6.258  2.113   1.00 33.04  ? 39  ASP A OD1 1 
ATOM   300 O OD2 . ASP A 1 39 ? 13.668  -6.696  2.347   1.00 33.80  ? 39  ASP A OD2 1 
ATOM   301 N N   . GLU A 1 40 ? 12.885  -1.989  -0.408  1.00 17.10  ? 40  GLU A N   1 
ATOM   302 C CA  . GLU A 1 40 ? 13.390  -0.638  -0.643  1.00 21.56  ? 40  GLU A CA  1 
ATOM   303 C C   . GLU A 1 40 ? 12.288  0.412   -0.745  1.00 22.98  ? 40  GLU A C   1 
ATOM   304 O O   . GLU A 1 40 ? 12.568  1.607   -0.665  1.00 22.92  ? 40  GLU A O   1 
ATOM   305 C CB  . GLU A 1 40 ? 14.263  -0.599  -1.898  1.00 26.18  ? 40  GLU A CB  1 
ATOM   306 C CG  . GLU A 1 40 ? 13.504  -0.919  -3.160  1.00 23.24  ? 40  GLU A CG  1 
ATOM   307 C CD  . GLU A 1 40 ? 14.403  -1.177  -4.344  1.00 50.73  ? 40  GLU A CD  1 
ATOM   308 O OE1 . GLU A 1 40 ? 14.375  -2.315  -4.859  1.00 55.72  ? 40  GLU A OE1 1 
ATOM   309 O OE2 . GLU A 1 40 ? 15.130  -0.246  -4.756  1.00 58.45  ? 40  GLU A OE2 1 
ATOM   310 N N   . HIS A 1 41 ? 11.045  -0.026  -0.919  1.00 17.35  ? 41  HIS A N   1 
ATOM   311 C CA  . HIS A 1 41 ? 9.943   0.917   -1.115  1.00 14.80  ? 41  HIS A CA  1 
ATOM   312 C C   . HIS A 1 41 ? 9.130   1.185   0.148   1.00 15.06  ? 41  HIS A C   1 
ATOM   313 O O   . HIS A 1 41 ? 8.304   2.089   0.169   1.00 16.11  ? 41  HIS A O   1 
ATOM   314 C CB  . HIS A 1 41 ? 8.972   0.414   -2.188  1.00 17.21  ? 41  HIS A CB  1 
ATOM   315 C CG  . HIS A 1 41 ? 9.638   -0.003  -3.456  1.00 16.87  ? 41  HIS A CG  1 
ATOM   316 N ND1 . HIS A 1 41 ? 10.313  0.878   -4.275  1.00 28.94  ? 41  HIS A ND1 1 
ATOM   317 C CD2 . HIS A 1 41 ? 9.708   -1.211  -4.063  1.00 15.27  ? 41  HIS A CD2 1 
ATOM   318 C CE1 . HIS A 1 41 ? 10.788  0.226   -5.321  1.00 20.92  ? 41  HIS A CE1 1 
ATOM   319 N NE2 . HIS A 1 41 ? 10.436  -1.044  -5.215  1.00 26.43  ? 41  HIS A NE2 1 
ATOM   320 N N   . ALA A 1 42 ? 9.353   0.399   1.199   1.00 15.06  ? 42  ALA A N   1 
ATOM   321 C CA  . ALA A 1 42 ? 8.494   0.469   2.378   1.00 18.33  ? 42  ALA A CA  1 
ATOM   322 C C   . ALA A 1 42 ? 8.578   1.810   3.116   1.00 16.01  ? 42  ALA A C   1 
ATOM   323 O O   . ALA A 1 42 ? 7.548   2.369   3.510   1.00 16.96  ? 42  ALA A O   1 
ATOM   324 C CB  . ALA A 1 42 ? 8.773   -0.705  3.321   1.00 17.37  ? 42  ALA A CB  1 
ATOM   325 N N   . GLY A 1 43 ? 9.791   2.325   3.304   1.00 16.81  ? 43  GLY A N   1 
ATOM   326 C CA  . GLY A 1 43 ? 9.962   3.609   3.967   1.00 17.44  ? 43  GLY A CA  1 
ATOM   327 C C   . GLY A 1 43 ? 9.233   4.720   3.230   1.00 21.38  ? 43  GLY A C   1 
ATOM   328 O O   . GLY A 1 43 ? 8.495   5.495   3.836   1.00 19.55  ? 43  GLY A O   1 
ATOM   329 N N   . VAL A 1 44 ? 9.439   4.801   1.919   1.00 16.24  ? 44  VAL A N   1 
ATOM   330 C CA  . VAL A 1 44 ? 8.767   5.818   1.100   1.00 16.84  ? 44  VAL A CA  1 
ATOM   331 C C   . VAL A 1 44 ? 7.243   5.713   1.155   1.00 17.35  ? 44  VAL A C   1 
ATOM   332 O O   . VAL A 1 44 ? 6.543   6.716   1.335   1.00 17.98  ? 44  VAL A O   1 
ATOM   333 C CB  . VAL A 1 44 ? 9.212   5.735   -0.370  1.00 19.73  ? 44  VAL A CB  1 
ATOM   334 C CG1 . VAL A 1 44 ? 8.511   6.811   -1.203  1.00 20.30  ? 44  VAL A CG1 1 
ATOM   335 C CG2 . VAL A 1 44 ? 10.728  5.855   -0.468  1.00 27.47  ? 44  VAL A CG2 1 
ATOM   336 N N   . ILE A 1 45 ? 6.722   4.494   1.001   1.00 13.25  ? 45  ILE A N   1 
ATOM   337 C CA  . ILE A 1 45 ? 5.283   4.269   1.095   1.00 14.69  ? 45  ILE A CA  1 
ATOM   338 C C   . ILE A 1 45 ? 4.717   4.756   2.439   1.00 15.76  ? 45  ILE A C   1 
ATOM   339 O O   . ILE A 1 45 ? 3.670   5.405   2.482   1.00 15.44  ? 45  ILE A O   1 
ATOM   340 C CB  . ILE A 1 45 ? 4.962   2.775   0.850   1.00 14.32  ? 45  ILE A CB  1 
ATOM   341 C CG1 . ILE A 1 45 ? 5.088   2.486   -0.649  1.00 14.80  ? 45  ILE A CG1 1 
ATOM   342 C CG2 . ILE A 1 45 ? 3.568   2.399   1.380   1.00 14.11  ? 45  ILE A CG2 1 
ATOM   343 C CD1 . ILE A 1 45 ? 5.256   1.022   -0.973  1.00 18.42  ? 45  ILE A CD1 1 
ATOM   344 N N   . SER A 1 46 ? 5.402   4.440   3.536   1.00 15.09  ? 46  SER A N   1 
ATOM   345 C CA  A SER A 1 46 ? 4.963   4.869   4.859   0.59 17.18  ? 46  SER A CA  1 
ATOM   346 C CA  B SER A 1 46 ? 4.963   4.873   4.860   0.41 16.86  ? 46  SER A CA  1 
ATOM   347 C C   . SER A 1 46 ? 5.005   6.395   5.007   1.00 17.73  ? 46  SER A C   1 
ATOM   348 O O   . SER A 1 46 ? 4.080   6.989   5.533   1.00 19.39  ? 46  SER A O   1 
ATOM   349 C CB  A SER A 1 46 ? 5.809   4.182   5.939   0.59 15.29  ? 46  SER A CB  1 
ATOM   350 C CB  B SER A 1 46 ? 5.772   4.185   5.975   0.41 15.41  ? 46  SER A CB  1 
ATOM   351 O OG  A SER A 1 46 ? 5.342   4.483   7.240   0.59 18.68  ? 46  SER A OG  1 
ATOM   352 O OG  B SER A 1 46 ? 7.082   4.721   6.110   0.41 16.38  ? 46  SER A OG  1 
ATOM   353 N N   . VAL A 1 47 ? 6.078   7.026   4.536   1.00 16.10  ? 47  VAL A N   1 
ATOM   354 C CA  . VAL A 1 47 ? 6.163   8.487   4.612   1.00 17.48  ? 47  VAL A CA  1 
ATOM   355 C C   . VAL A 1 47 ? 5.029   9.148   3.830   1.00 16.78  ? 47  VAL A C   1 
ATOM   356 O O   . VAL A 1 47 ? 4.421   10.107  4.307   1.00 17.87  ? 47  VAL A O   1 
ATOM   357 C CB  . VAL A 1 47 ? 7.535   9.015   4.137   1.00 19.81  ? 47  VAL A CB  1 
ATOM   358 C CG1 . VAL A 1 47 ? 7.522   10.539  4.027   1.00 19.08  ? 47  VAL A CG1 1 
ATOM   359 C CG2 . VAL A 1 47 ? 8.631   8.568   5.103   1.00 21.28  ? 47  VAL A CG2 1 
ATOM   360 N N   . LEU A 1 48 ? 4.735   8.641   2.632   1.00 15.10  ? 48  LEU A N   1 
ATOM   361 C CA  . LEU A 1 48 ? 3.626   9.177   1.844   1.00 14.70  ? 48  LEU A CA  1 
ATOM   362 C C   . LEU A 1 48 ? 2.322   9.119   2.629   1.00 14.98  ? 48  LEU A C   1 
ATOM   363 O O   . LEU A 1 48 ? 1.583   10.095  2.701   1.00 15.26  ? 48  LEU A O   1 
ATOM   364 C CB  . LEU A 1 48 ? 3.476   8.417   0.529   1.00 14.41  ? 48  LEU A CB  1 
ATOM   365 C CG  . LEU A 1 48 ? 4.577   8.725   -0.492  1.00 16.47  ? 48  LEU A CG  1 
ATOM   366 C CD1 . LEU A 1 48 ? 4.586   7.686   -1.632  1.00 15.95  ? 48  LEU A CD1 1 
ATOM   367 C CD2 . LEU A 1 48 ? 4.400   10.142  -1.043  1.00 18.81  ? 48  LEU A CD2 1 
ATOM   368 N N   . ALA A 1 49 ? 2.047   7.973   3.242   1.00 15.87  ? 49  ALA A N   1 
ATOM   369 C CA  . ALA A 1 49 ? 0.820   7.812   4.012   1.00 17.31  ? 49  ALA A CA  1 
ATOM   370 C C   . ALA A 1 49 ? 0.796   8.730   5.234   1.00 16.22  ? 49  ALA A C   1 
ATOM   371 O O   . ALA A 1 49 ? -0.225  9.354   5.537   1.00 17.92  ? 49  ALA A O   1 
ATOM   372 C CB  . ALA A 1 49 ? 0.643   6.346   4.421   1.00 16.62  ? 49  ALA A CB  1 
ATOM   373 N N   . GLN A 1 50 ? 1.921   8.834   5.927   1.00 17.04  ? 50  GLN A N   1 
ATOM   374 C CA  . GLN A 1 50 ? 1.969   9.668   7.121   1.00 19.03  ? 50  GLN A CA  1 
ATOM   375 C C   . GLN A 1 50 ? 1.867   11.151  6.783   1.00 18.48  ? 50  GLN A C   1 
ATOM   376 O O   . GLN A 1 50 ? 1.205   11.905  7.498   1.00 21.68  ? 50  GLN A O   1 
ATOM   377 C CB  . GLN A 1 50 ? 3.220   9.379   7.948   1.00 23.08  ? 50  GLN A CB  1 
ATOM   378 C CG  . GLN A 1 50 ? 3.304   7.925   8.462   1.00 26.39  ? 50  GLN A CG  1 
ATOM   379 C CD  . GLN A 1 50 ? 2.079   7.487   9.282   1.00 30.98  ? 50  GLN A CD  1 
ATOM   380 O OE1 . GLN A 1 50 ? 1.370   6.545   8.914   1.00 26.85  ? 50  GLN A OE1 1 
ATOM   381 N NE2 . GLN A 1 50 ? 1.834   8.168   10.393  1.00 29.54  ? 50  GLN A NE2 1 
ATOM   382 N N   . GLN A 1 51 ? 2.508   11.572  5.695   1.00 18.73  ? 51  GLN A N   1 
ATOM   383 C CA  . GLN A 1 51 ? 2.379   12.966  5.264   1.00 17.25  ? 51  GLN A CA  1 
ATOM   384 C C   . GLN A 1 51 ? 0.952   13.288  4.810   1.00 18.42  ? 51  GLN A C   1 
ATOM   385 O O   . GLN A 1 51 ? 0.425   14.358  5.122   1.00 20.32  ? 51  GLN A O   1 
ATOM   386 C CB  . GLN A 1 51 ? 3.388   13.295  4.155   1.00 20.73  ? 51  GLN A CB  1 
ATOM   387 C CG  . GLN A 1 51 ? 4.841   13.264  4.622   1.00 22.85  ? 51  GLN A CG  1 
ATOM   388 C CD  . GLN A 1 51 ? 5.155   14.341  5.639   1.00 27.07  ? 51  GLN A CD  1 
ATOM   389 O OE1 . GLN A 1 51 ? 4.888   15.519  5.408   1.00 27.39  ? 51  GLN A OE1 1 
ATOM   390 N NE2 . GLN A 1 51 ? 5.725   13.944  6.770   1.00 32.39  ? 51  GLN A NE2 1 
ATOM   391 N N   . ALA A 1 52 ? 0.320   12.380  4.080   1.00 16.92  ? 52  ALA A N   1 
ATOM   392 C CA  . ALA A 1 52 ? -1.048  12.616  3.623   1.00 20.75  ? 52  ALA A CA  1 
ATOM   393 C C   . ALA A 1 52 ? -1.988  12.829  4.798   1.00 21.51  ? 52  ALA A C   1 
ATOM   394 O O   . ALA A 1 52 ? -2.881  13.685  4.748   1.00 27.30  ? 52  ALA A O   1 
ATOM   395 C CB  . ALA A 1 52 ? -1.535  11.464  2.758   1.00 24.45  ? 52  ALA A CB  1 
ATOM   396 N N   . ALA A 1 53 ? -1.775  12.065  5.865   1.00 21.73  ? 53  ALA A N   1 
ATOM   397 C CA  . ALA A 1 53 ? -2.615  12.164  7.053   1.00 24.41  ? 53  ALA A CA  1 
ATOM   398 C C   . ALA A 1 53 ? -2.545  13.557  7.674   1.00 32.96  ? 53  ALA A C   1 
ATOM   399 O O   . ALA A 1 53 ? -3.522  14.027  8.257   1.00 31.86  ? 53  ALA A O   1 
ATOM   400 C CB  . ALA A 1 53 ? -2.238  11.093  8.075   1.00 26.46  ? 53  ALA A CB  1 
ATOM   401 N N   . LYS A 1 54 ? -1.402  14.223  7.536   1.00 26.03  ? 54  LYS A N   1 
ATOM   402 C CA  . LYS A 1 54 ? -1.243  15.571  8.088   1.00 30.26  ? 54  LYS A CA  1 
ATOM   403 C C   . LYS A 1 54 ? -2.134  16.593  7.388   1.00 34.18  ? 54  LYS A C   1 
ATOM   404 O O   . LYS A 1 54 ? -2.419  17.661  7.943   1.00 33.64  ? 54  LYS A O   1 
ATOM   405 C CB  . LYS A 1 54 ? 0.217   16.018  8.018   1.00 28.55  ? 54  LYS A CB  1 
ATOM   406 C CG  . LYS A 1 54 ? 1.161   15.108  8.759   1.00 27.83  ? 54  LYS A CG  1 
ATOM   407 C CD  . LYS A 1 54 ? 2.565   15.689  8.810   1.00 39.63  ? 54  LYS A CD  1 
ATOM   408 C CE  . LYS A 1 54 ? 3.490   14.791  9.618   1.00 46.62  ? 54  LYS A CE  1 
ATOM   409 N NZ  . LYS A 1 54 ? 4.889   15.298  9.624   1.00 57.66  ? 54  LYS A NZ  1 
ATOM   410 N N   . LEU A 1 55 ? -2.578  16.271  6.177   1.00 39.32  ? 55  LEU A N   1 
ATOM   411 C CA  . LEU A 1 55 ? -3.425  17.186  5.412   1.00 41.11  ? 55  LEU A CA  1 
ATOM   412 C C   . LEU A 1 55 ? -4.914  16.996  5.698   1.00 44.29  ? 55  LEU A C   1 
ATOM   413 O O   . LEU A 1 55 ? -5.754  17.281  4.843   1.00 47.84  ? 55  LEU A O   1 
ATOM   414 C CB  . LEU A 1 55 ? -3.152  17.067  3.907   1.00 41.20  ? 55  LEU A CB  1 
ATOM   415 C CG  . LEU A 1 55 ? -1.813  17.591  3.380   1.00 35.53  ? 55  LEU A CG  1 
ATOM   416 C CD1 . LEU A 1 55 ? -1.730  17.450  1.863   1.00 36.93  ? 55  LEU A CD1 1 
ATOM   417 C CD2 . LEU A 1 55 ? -1.592  19.038  3.788   1.00 33.01  ? 55  LEU A CD2 1 
ATOM   418 N N   . THR A 1 56 ? -5.240  16.526  6.899   1.00 53.50  ? 56  THR A N   1 
ATOM   419 C CA  . THR A 1 56 ? -6.634  16.383  7.306   1.00 61.84  ? 56  THR A CA  1 
ATOM   420 C C   . THR A 1 56 ? -6.813  16.327  8.817   1.00 76.34  ? 56  THR A C   1 
ATOM   421 O O   . THR A 1 56 ? -5.916  15.914  9.552   1.00 79.57  ? 56  THR A O   1 
ATOM   422 C CB  . THR A 1 56 ? -7.287  15.111  6.720   1.00 61.41  ? 56  THR A CB  1 
ATOM   423 O OG1 . THR A 1 56 ? -6.589  13.949  7.188   1.00 69.51  ? 56  THR A OG1 1 
ATOM   424 C CG2 . THR A 1 56 ? -7.272  15.140  5.200   1.00 61.54  ? 56  THR A CG2 1 
ATOM   425 N N   . SER A 1 57 ? -7.982  16.758  9.270   1.00 85.63  ? 57  SER A N   1 
ATOM   426 C CA  . SER A 1 57 ? -8.448  16.448  10.609  1.00 91.61  ? 57  SER A CA  1 
ATOM   427 C C   . SER A 1 57 ? -9.632  15.512  10.397  1.00 94.32  ? 57  SER A C   1 
ATOM   428 O O   . SER A 1 57 ? -10.365 15.650  9.420   1.00 93.75  ? 57  SER A O   1 
ATOM   429 C CB  . SER A 1 57 ? -8.873  17.720  11.349  1.00 94.67  ? 57  SER A CB  1 
ATOM   430 O OG  . SER A 1 57 ? -9.299  17.433  12.669  1.00 96.12  ? 57  SER A OG  1 
ATOM   431 N N   . ASP A 1 58 ? -9.814  14.552  11.295  1.00 98.68  ? 58  ASP A N   1 
ATOM   432 C CA  . ASP A 1 58 ? -10.830 13.516  11.112  1.00 102.11 ? 58  ASP A CA  1 
ATOM   433 C C   . ASP A 1 58 ? -12.268 14.066  10.994  1.00 103.57 ? 58  ASP A C   1 
ATOM   434 O O   . ASP A 1 58 ? -12.459 15.199  10.557  1.00 105.44 ? 58  ASP A O   1 
ATOM   435 C CB  . ASP A 1 58 ? -10.680 12.466  12.210  1.00 103.04 ? 58  ASP A CB  1 
ATOM   436 C CG  . ASP A 1 58 ? -9.322  11.797  12.180  1.00 100.87 ? 58  ASP A CG  1 
ATOM   437 O OD1 . ASP A 1 58 ? -9.276  10.557  12.052  1.00 100.46 ? 58  ASP A OD1 1 
ATOM   438 O OD2 . ASP A 1 58 ? -8.300  12.509  12.256  1.00 98.56  ? 58  ASP A OD2 1 
ATOM   439 N N   . PRO A 1 59 ? -13.288 13.271  11.362  1.00 104.03 ? 59  PRO A N   1 
ATOM   440 C CA  . PRO A 1 59 ? -13.293 11.907  11.904  1.00 104.69 ? 59  PRO A CA  1 
ATOM   441 C C   . PRO A 1 59 ? -12.867 10.852  10.887  1.00 102.32 ? 59  PRO A C   1 
ATOM   442 O O   . PRO A 1 59 ? -13.475 10.741  9.823   1.00 104.62 ? 59  PRO A O   1 
ATOM   443 C CB  . PRO A 1 59 ? -14.764 11.685  12.290  0.29 106.69 ? 59  PRO A CB  1 
ATOM   444 C CG  . PRO A 1 59 ? -15.372 13.053  12.335  1.00 106.35 ? 59  PRO A CG  1 
ATOM   445 C CD  . PRO A 1 59 ? -14.653 13.816  11.280  0.42 105.23 ? 59  PRO A CD  1 
ATOM   446 N N   . THR A 1 60 ? -11.831 10.092  11.230  1.00 96.85  ? 60  THR A N   1 
ATOM   447 C CA  . THR A 1 60 ? -11.350 8.985   10.407  1.00 89.58  ? 60  THR A CA  1 
ATOM   448 C C   . THR A 1 60 ? -11.269 9.329   8.920   1.00 73.99  ? 60  THR A C   1 
ATOM   449 O O   . THR A 1 60 ? -11.390 8.451   8.064   1.00 80.27  ? 60  THR A O   1 
ATOM   450 C CB  . THR A 1 60 ? -12.212 7.712   10.606  1.00 97.31  ? 60  THR A CB  1 
ATOM   451 O OG1 . THR A 1 60 ? -11.573 6.591   9.982   1.00 101.72 ? 60  THR A OG1 1 
ATOM   452 C CG2 . THR A 1 60 ? -13.601 7.901   10.014  1.00 98.64  ? 60  THR A CG2 1 
ATOM   453 N N   . ASP A 1 61 ? -11.050 10.605  8.617   1.00 58.10  ? 61  ASP A N   1 
ATOM   454 C CA  . ASP A 1 61 ? -10.933 11.050  7.232   1.00 45.18  ? 61  ASP A CA  1 
ATOM   455 C C   . ASP A 1 61 ? -9.491  10.916  6.737   1.00 46.23  ? 61  ASP A C   1 
ATOM   456 O O   . ASP A 1 61 ? -8.837  11.912  6.431   1.00 48.55  ? 61  ASP A O   1 
ATOM   457 C CB  . ASP A 1 61 ? -11.411 12.495  7.086   1.00 44.32  ? 61  ASP A CB  1 
ATOM   458 C CG  . ASP A 1 61 ? -11.657 12.887  5.638   1.00 50.19  ? 61  ASP A CG  1 
ATOM   459 O OD1 . ASP A 1 61 ? -11.693 14.104  5.345   1.00 52.42  ? 61  ASP A OD1 1 
ATOM   460 O OD2 . ASP A 1 61 ? -11.816 11.979  4.796   1.00 36.42  ? 61  ASP A OD2 1 
ATOM   461 N N   . ILE A 1 62 ? -9.007  9.677   6.670   1.00 48.46  ? 62  ILE A N   1 
ATOM   462 C CA  . ILE A 1 62 ? -7.663  9.379   6.178   1.00 52.88  ? 62  ILE A CA  1 
ATOM   463 C C   . ILE A 1 62 ? -7.606  9.458   4.654   1.00 42.77  ? 62  ILE A C   1 
ATOM   464 O O   . ILE A 1 62 ? -8.244  8.657   3.976   1.00 45.69  ? 62  ILE A O   1 
ATOM   465 C CB  . ILE A 1 62 ? -7.237  7.951   6.570   1.00 62.17  ? 62  ILE A CB  1 
ATOM   466 C CG1 . ILE A 1 62 ? -8.263  7.315   7.513   1.00 66.07  ? 62  ILE A CG1 1 
ATOM   467 C CG2 . ILE A 1 62 ? -5.831  7.952   7.163   1.00 63.17  ? 62  ILE A CG2 1 
ATOM   468 C CD1 . ILE A 1 62 ? -8.145  5.810   7.619   1.00 64.15  ? 62  ILE A CD1 1 
ATOM   469 N N   . PRO A 1 63 ? -6.830  10.412  4.110   1.00 42.03  ? 63  PRO A N   1 
ATOM   470 C CA  . PRO A 1 63 ? -6.752  10.542  2.651   1.00 29.00  ? 63  PRO A CA  1 
ATOM   471 C C   . PRO A 1 63 ? -6.091  9.337   1.996   1.00 31.59  ? 63  PRO A C   1 
ATOM   472 O O   . PRO A 1 63 ? -5.077  8.844   2.486   1.00 41.92  ? 63  PRO A O   1 
ATOM   473 C CB  . PRO A 1 63 ? -5.885  11.796  2.449   1.00 34.93  ? 63  PRO A CB  1 
ATOM   474 C CG  . PRO A 1 63 ? -5.939  12.529  3.764   1.00 42.86  ? 63  PRO A CG  1 
ATOM   475 C CD  . PRO A 1 63 ? -6.058  11.456  4.802   1.00 44.00  ? 63  PRO A CD  1 
ATOM   476 N N   . VAL A 1 64 ? -6.665  8.879   0.889   1.00 22.84  ? 64  VAL A N   1 
ATOM   477 C CA  . VAL A 1 64 ? -6.022  7.905   0.019   1.00 22.12  ? 64  VAL A CA  1 
ATOM   478 C C   . VAL A 1 64 ? -5.002  8.643   -0.833  1.00 24.15  ? 64  VAL A C   1 
ATOM   479 O O   . VAL A 1 64 ? -5.293  9.715   -1.353  1.00 25.29  ? 64  VAL A O   1 
ATOM   480 C CB  . VAL A 1 64 ? -7.043  7.258   -0.929  1.00 25.93  ? 64  VAL A CB  1 
ATOM   481 C CG1 . VAL A 1 64 ? -6.348  6.290   -1.881  1.00 27.72  ? 64  VAL A CG1 1 
ATOM   482 C CG2 . VAL A 1 64 ? -8.131  6.556   -0.131  1.00 31.04  ? 64  VAL A CG2 1 
ATOM   483 N N   . VAL A 1 65 ? -3.816  8.069   -0.979  1.00 16.55  ? 65  VAL A N   1 
ATOM   484 C CA  . VAL A 1 65 ? -2.775  8.649   -1.813  1.00 16.08  ? 65  VAL A CA  1 
ATOM   485 C C   . VAL A 1 65 ? -2.625  7.842   -3.103  1.00 16.69  ? 65  VAL A C   1 
ATOM   486 O O   . VAL A 1 65 ? -2.499  6.610   -3.061  1.00 19.29  ? 65  VAL A O   1 
ATOM   487 C CB  . VAL A 1 65 ? -1.415  8.649   -1.094  1.00 22.76  ? 65  VAL A CB  1 
ATOM   488 C CG1 . VAL A 1 65 ? -0.301  9.178   -2.022  1.00 21.29  ? 65  VAL A CG1 1 
ATOM   489 C CG2 . VAL A 1 65 ? -1.488  9.451   0.185   1.00 20.99  ? 65  VAL A CG2 1 
ATOM   490 N N   . CYS A 1 66 ? -2.654  8.521   -4.245  1.00 17.42  ? 66  CYS A N   1 
ATOM   491 C CA  A CYS A 1 66 ? -2.417  7.878   -5.533  0.47 17.65  ? 66  CYS A CA  1 
ATOM   492 C CA  B CYS A 1 66 ? -2.405  7.871   -5.526  0.31 18.20  ? 66  CYS A CA  1 
ATOM   493 C CA  C CYS A 1 66 ? -2.410  7.876   -5.528  0.23 18.44  ? 66  CYS A CA  1 
ATOM   494 C C   . CYS A 1 66 ? -1.172  8.473   -6.184  1.00 19.18  ? 66  CYS A C   1 
ATOM   495 O O   . CYS A 1 66 ? -0.939  9.674   -6.110  1.00 23.39  ? 66  CYS A O   1 
ATOM   496 C CB  A CYS A 1 66 ? -3.630  8.057   -6.452  0.47 22.00  ? 66  CYS A CB  1 
ATOM   497 C CB  B CYS A 1 66 ? -3.611  8.011   -6.458  0.31 21.23  ? 66  CYS A CB  1 
ATOM   498 C CB  C CYS A 1 66 ? -3.621  8.029   -6.453  0.23 21.04  ? 66  CYS A CB  1 
ATOM   499 S SG  A CYS A 1 66 ? -3.549  7.147   -8.016  0.47 42.00  ? 66  CYS A SG  1 
ATOM   500 S SG  B CYS A 1 66 ? -3.568  9.473   -7.524  0.31 29.61  ? 66  CYS A SG  1 
ATOM   501 S SG  C CYS A 1 66 ? -5.123  7.188   -5.893  0.23 27.88  ? 66  CYS A SG  1 
ATOM   502 N N   . LEU A 1 67 ? -0.379  7.629   -6.816  1.00 15.51  ? 67  LEU A N   1 
ATOM   503 C CA  . LEU A 1 67 ? 0.773   8.082   -7.578  1.00 15.55  ? 67  LEU A CA  1 
ATOM   504 C C   . LEU A 1 67 ? 0.567   7.565   -8.980  1.00 14.73  ? 67  LEU A C   1 
ATOM   505 O O   . LEU A 1 67 ? 0.248   6.391   -9.164  1.00 16.31  ? 67  LEU A O   1 
ATOM   506 C CB  . LEU A 1 67 ? 2.083   7.519   -7.023  1.00 17.87  ? 67  LEU A CB  1 
ATOM   507 C CG  . LEU A 1 67 ? 2.534   8.074   -5.668  1.00 30.35  ? 67  LEU A CG  1 
ATOM   508 C CD1 . LEU A 1 67 ? 1.820   7.357   -4.541  1.00 36.33  ? 67  LEU A CD1 1 
ATOM   509 C CD2 . LEU A 1 67 ? 4.046   7.924   -5.525  1.00 35.90  ? 67  LEU A CD2 1 
ATOM   510 N N   . GLU A 1 68 ? 0.743   8.424   -9.971  1.00 13.62  ? 68  GLU A N   1 
ATOM   511 C CA  . GLU A 1 68 ? 0.616   7.991   -11.351 1.00 15.68  ? 68  GLU A CA  1 
ATOM   512 C C   . GLU A 1 68 ? 1.822   8.403   -12.174 1.00 15.75  ? 68  GLU A C   1 
ATOM   513 O O   . GLU A 1 68 ? 2.275   9.545   -12.097 1.00 18.08  ? 68  GLU A O   1 
ATOM   514 C CB  . GLU A 1 68 ? -0.649  8.565   -11.986 1.00 23.51  ? 68  GLU A CB  1 
ATOM   515 C CG  . GLU A 1 68 ? -0.910  8.045   -13.392 1.00 41.10  ? 68  GLU A CG  1 
ATOM   516 C CD  . GLU A 1 68 ? -2.369  8.156   -13.792 1.00 64.64  ? 68  GLU A CD  1 
ATOM   517 O OE1 . GLU A 1 68 ? -2.838  9.289   -14.031 1.00 75.49  ? 68  GLU A OE1 1 
ATOM   518 O OE2 . GLU A 1 68 ? -3.046  7.107   -13.867 1.00 69.68  ? 68  GLU A OE2 1 
ATOM   519 N N   . SER A 1 69 ? 2.333   7.466   -12.964 1.00 17.08  ? 69  SER A N   1 
ATOM   520 C CA  . SER A 1 69 ? 3.438   7.742   -13.881 1.00 19.10  ? 69  SER A CA  1 
ATOM   521 C C   . SER A 1 69 ? 3.348   6.780   -15.051 1.00 19.50  ? 69  SER A C   1 
ATOM   522 O O   . SER A 1 69 ? 2.416   5.983   -15.133 1.00 16.44  ? 69  SER A O   1 
ATOM   523 C CB  . SER A 1 69 ? 4.787   7.566   -13.180 1.00 22.16  ? 69  SER A CB  1 
ATOM   524 O OG  . SER A 1 69 ? 5.033   6.195   -12.914 1.00 23.47  ? 69  SER A OG  1 
ATOM   525 N N   . ASP A 1 70 ? 4.318   6.860   -15.954 1.00 19.77  ? 70  ASP A N   1 
ATOM   526 C CA  . ASP A 1 70 ? 4.395   5.889   -17.043 1.00 18.10  ? 70  ASP A CA  1 
ATOM   527 C C   . ASP A 1 70 ? 4.465   4.450   -16.548 1.00 19.27  ? 70  ASP A C   1 
ATOM   528 O O   . ASP A 1 70 ? 4.037   3.519   -17.243 1.00 21.56  ? 70  ASP A O   1 
ATOM   529 C CB  . ASP A 1 70 ? 5.585   6.193   -17.956 1.00 20.64  ? 70  ASP A CB  1 
ATOM   530 C CG  . ASP A 1 70 ? 5.338   7.391   -18.857 1.00 27.52  ? 70  ASP A CG  1 
ATOM   531 O OD1 . ASP A 1 70 ? 4.185   7.872   -18.908 1.00 29.64  ? 70  ASP A OD1 1 
ATOM   532 O OD2 . ASP A 1 70 ? 6.296   7.839   -19.520 1.00 40.67  ? 70  ASP A OD2 1 
ATOM   533 N N   . ASN A 1 71 ? 4.998   4.251   -15.353 1.00 18.58  ? 71  ASN A N   1 
ATOM   534 C CA  . ASN A 1 71 ? 5.116   2.887   -14.870 1.00 20.03  ? 71  ASN A CA  1 
ATOM   535 C C   . ASN A 1 71 ? 3.901   2.398   -14.097 1.00 19.53  ? 71  ASN A C   1 
ATOM   536 O O   . ASN A 1 71 ? 3.956   1.353   -13.452 1.00 18.95  ? 71  ASN A O   1 
ATOM   537 C CB  . ASN A 1 71 ? 6.403   2.658   -14.088 1.00 23.06  ? 71  ASN A CB  1 
ATOM   538 C CG  . ASN A 1 71 ? 6.932   1.243   -14.272 1.00 28.48  ? 71  ASN A CG  1 
ATOM   539 O OD1 . ASN A 1 71 ? 7.007   0.729   -15.397 1.00 30.23  ? 71  ASN A OD1 1 
ATOM   540 N ND2 . ASN A 1 71 ? 7.289   0.603   -13.170 1.00 31.80  ? 71  ASN A ND2 1 
ATOM   541 N N   . GLY A 1 72 ? 2.804   3.144   -14.194 1.00 18.11  ? 72  GLY A N   1 
ATOM   542 C CA  . GLY A 1 72 ? 1.535   2.691   -13.662 1.00 17.30  ? 72  GLY A CA  1 
ATOM   543 C C   . GLY A 1 72 ? 1.053   3.549   -12.520 1.00 16.57  ? 72  GLY A C   1 
ATOM   544 O O   . GLY A 1 72 ? 1.394   4.730   -12.395 1.00 17.65  ? 72  GLY A O   1 
ATOM   545 N N   . ASN A 1 73 ? 0.223   2.958   -11.683 1.00 13.34  ? 73  ASN A N   1 
ATOM   546 C CA  A ASN A 1 73 ? -0.378  3.678   -10.574 0.47 14.32  ? 73  ASN A CA  1 
ATOM   547 C CA  B ASN A 1 73 ? -0.313  3.701   -10.561 0.53 14.53  ? 73  ASN A CA  1 
ATOM   548 C C   . ASN A 1 73 ? -0.169  2.926   -9.267  1.00 14.05  ? 73  ASN A C   1 
ATOM   549 O O   . ASN A 1 73 ? -0.261  1.697   -9.231  1.00 13.69  ? 73  ASN A O   1 
ATOM   550 C CB  A ASN A 1 73 ? -1.872  3.885   -10.830 0.47 18.27  ? 73  ASN A CB  1 
ATOM   551 C CB  B ASN A 1 73 ? -1.765  4.124   -10.803 0.53 19.58  ? 73  ASN A CB  1 
ATOM   552 C CG  A ASN A 1 73 ? -2.147  4.608   -12.137 0.47 27.15  ? 73  ASN A CG  1 
ATOM   553 C CG  B ASN A 1 73 ? -2.733  2.973   -10.702 0.53 20.39  ? 73  ASN A CG  1 
ATOM   554 O OD1 A ASN A 1 73 ? -1.357  5.446   -12.582 0.47 26.93  ? 73  ASN A OD1 1 
ATOM   555 O OD1 B ASN A 1 73 ? -3.293  2.709   -9.637  0.53 30.52  ? 73  ASN A OD1 1 
ATOM   556 N ND2 A ASN A 1 73 ? -3.276  4.289   -12.759 0.47 37.24  ? 73  ASN A ND2 1 
ATOM   557 N ND2 B ASN A 1 73 ? -2.956  2.288   -11.818 0.53 33.08  ? 73  ASN A ND2 1 
ATOM   558 N N   . ILE A 1 74 ? 0.105   3.659   -8.206  1.00 12.62  ? 74  ILE A N   1 
ATOM   559 C CA  . ILE A 1 74 ? 0.195   3.074   -6.892  1.00 12.28  ? 74  ILE A CA  1 
ATOM   560 C C   . ILE A 1 74 ? -0.845  3.753   -6.038  1.00 14.66  ? 74  ILE A C   1 
ATOM   561 O O   . ILE A 1 74 ? -0.949  4.977   -6.022  1.00 16.97  ? 74  ILE A O   1 
ATOM   562 C CB  . ILE A 1 74 ? 1.588   3.270   -6.295  1.00 13.17  ? 74  ILE A CB  1 
ATOM   563 C CG1 . ILE A 1 74 ? 2.597   2.378   -7.019  1.00 16.30  ? 74  ILE A CG1 1 
ATOM   564 C CG2 . ILE A 1 74 ? 1.583   2.933   -4.797  1.00 17.94  ? 74  ILE A CG2 1 
ATOM   565 C CD1 . ILE A 1 74 ? 4.050   2.678   -6.661  1.00 20.11  ? 74  ILE A CD1 1 
ATOM   566 N N   . MET A 1 75 ? -1.651  2.945   -5.365  1.00 12.00  ? 75  MET A N   1 
ATOM   567 C CA  A MET A 1 75 ? -2.664  3.444   -4.445  0.70 11.47  ? 75  MET A CA  1 
ATOM   568 C CA  B MET A 1 75 ? -2.663  3.447   -4.450  0.30 12.52  ? 75  MET A CA  1 
ATOM   569 C C   . MET A 1 75 ? -2.266  3.050   -3.036  1.00 12.09  ? 75  MET A C   1 
ATOM   570 O O   . MET A 1 75 ? -2.004  1.877   -2.770  1.00 13.25  ? 75  MET A O   1 
ATOM   571 C CB  A MET A 1 75 ? -4.036  2.834   -4.765  0.70 15.23  ? 75  MET A CB  1 
ATOM   572 C CB  B MET A 1 75 ? -4.033  2.854   -4.795  0.30 15.49  ? 75  MET A CB  1 
ATOM   573 C CG  A MET A 1 75 ? -4.397  2.836   -6.234  0.70 26.06  ? 75  MET A CG  1 
ATOM   574 C CG  B MET A 1 75 ? -5.197  3.432   -4.008  0.30 10.72  ? 75  MET A CG  1 
ATOM   575 S SD  A MET A 1 75 ? -5.797  3.907   -6.581  0.70 73.21  ? 75  MET A SD  1 
ATOM   576 S SD  B MET A 1 75 ? -5.807  4.981   -4.700  0.30 42.34  ? 75  MET A SD  1 
ATOM   577 C CE  A MET A 1 75 ? -5.155  5.448   -5.953  0.70 26.09  ? 75  MET A CE  1 
ATOM   578 C CE  B MET A 1 75 ? -7.523  4.924   -4.187  0.30 61.59  ? 75  MET A CE  1 
ATOM   579 N N   . ILE A 1 76 ? -2.230  4.025   -2.134  1.00 12.10  ? 76  ILE A N   1 
ATOM   580 C CA  . ILE A 1 76 ? -1.820  3.801   -0.749  1.00 11.14  ? 76  ILE A CA  1 
ATOM   581 C C   . ILE A 1 76 ? -2.945  4.206   0.194   1.00 16.18  ? 76  ILE A C   1 
ATOM   582 O O   . ILE A 1 76 ? -3.440  5.332   0.126   1.00 15.53  ? 76  ILE A O   1 
ATOM   583 C CB  . ILE A 1 76 ? -0.557  4.621   -0.420  1.00 12.52  ? 76  ILE A CB  1 
ATOM   584 C CG1 . ILE A 1 76 ? 0.555   4.301   -1.420  1.00 13.68  ? 76  ILE A CG1 1 
ATOM   585 C CG2 . ILE A 1 76 ? -0.092  4.360   1.011   1.00 16.17  ? 76  ILE A CG2 1 
ATOM   586 C CD1 . ILE A 1 76 ? 1.733   5.258   -1.363  1.00 16.59  ? 76  ILE A CD1 1 
ATOM   587 N N   . GLN A 1 77 ? -3.377  3.287   1.048   1.00 15.18  ? 77  GLN A N   1 
ATOM   588 C CA  . GLN A 1 77 ? -4.463  3.554   1.984   1.00 13.48  ? 77  GLN A CA  1 
ATOM   589 C C   . GLN A 1 77 ? -4.256  2.749   3.252   1.00 17.80  ? 77  GLN A C   1 
ATOM   590 O O   . GLN A 1 77 ? -3.641  1.696   3.221   1.00 18.69  ? 77  GLN A O   1 
ATOM   591 C CB  . GLN A 1 77 ? -5.801  3.159   1.360   1.00 20.93  ? 77  GLN A CB  1 
ATOM   592 C CG  . GLN A 1 77 ? -7.018  3.538   2.174   1.00 31.27  ? 77  GLN A CG  1 
ATOM   593 C CD  . GLN A 1 77 ? -8.312  3.222   1.433   1.00 36.45  ? 77  GLN A CD  1 
ATOM   594 O OE1 . GLN A 1 77 ? -8.300  2.534   0.409   1.00 38.72  ? 77  GLN A OE1 1 
ATOM   595 N NE2 . GLN A 1 77 ? -9.429  3.730   1.944   1.00 41.29  ? 77  GLN A NE2 1 
ATOM   596 N N   . LYS A 1 78 ? -4.778  3.240   4.367   1.00 18.85  ? 78  LYS A N   1 
ATOM   597 C CA  . LYS A 1 78 ? -4.760  2.450   5.593   1.00 21.49  ? 78  LYS A CA  1 
ATOM   598 C C   . LYS A 1 78 ? -5.973  1.529   5.676   1.00 21.68  ? 78  LYS A C   1 
ATOM   599 O O   . LYS A 1 78 ? -7.076  1.900   5.277   1.00 22.20  ? 78  LYS A O   1 
ATOM   600 C CB  . LYS A 1 78 ? -4.640  3.344   6.831   1.00 30.11  ? 78  LYS A CB  1 
ATOM   601 C CG  . LYS A 1 78 ? -3.228  3.912   6.984   1.00 33.00  ? 78  LYS A CG  1 
ATOM   602 C CD  . LYS A 1 78 ? -2.965  4.464   8.375   1.00 39.54  ? 78  LYS A CD  1 
ATOM   603 C CE  . LYS A 1 78 ? -1.544  5.017   8.472   1.00 40.67  ? 78  LYS A CE  1 
ATOM   604 N NZ  . LYS A 1 78 ? -1.202  5.501   9.840   1.00 42.02  ? 78  LYS A NZ  1 
ATOM   605 N N   . HIS A 1 79 ? -5.740  0.312   6.152   1.00 21.07  ? 79  HIS A N   1 
ATOM   606 C CA  . HIS A 1 79 ? -6.794  -0.675  6.361   1.00 22.56  ? 79  HIS A CA  1 
ATOM   607 C C   . HIS A 1 79 ? -6.532  -1.397  7.674   1.00 26.32  ? 79  HIS A C   1 
ATOM   608 O O   . HIS A 1 79 ? -5.503  -2.049  7.827   1.00 26.00  ? 79  HIS A O   1 
ATOM   609 C CB  A HIS A 1 79 ? -6.814  -1.675  5.205   0.51 28.58  ? 79  HIS A CB  1 
ATOM   610 C CB  B HIS A 1 79 ? -6.817  -1.701  5.229   0.49 28.48  ? 79  HIS A CB  1 
ATOM   611 C CG  A HIS A 1 79 ? -8.055  -2.510  5.147   0.51 35.25  ? 79  HIS A CG  1 
ATOM   612 C CG  B HIS A 1 79 ? -7.147  -1.122  3.889   0.49 33.09  ? 79  HIS A CG  1 
ATOM   613 N ND1 A HIS A 1 79 ? -9.245  -2.038  4.638   0.51 40.95  ? 79  HIS A ND1 1 
ATOM   614 N ND1 B HIS A 1 79 ? -8.410  -0.676  3.563   0.49 36.24  ? 79  HIS A ND1 1 
ATOM   615 C CD2 A HIS A 1 79 ? -8.286  -3.791  5.518   0.51 36.99  ? 79  HIS A CD2 1 
ATOM   616 C CD2 B HIS A 1 79 ? -6.384  -0.934  2.787   0.49 29.21  ? 79  HIS A CD2 1 
ATOM   617 C CE1 A HIS A 1 79 ? -10.160 -2.989  4.707   0.51 40.37  ? 79  HIS A CE1 1 
ATOM   618 C CE1 B HIS A 1 79 ? -8.407  -0.228  2.320   0.49 33.91  ? 79  HIS A CE1 1 
ATOM   619 N NE2 A HIS A 1 79 ? -9.602  -4.064  5.235   0.51 35.17  ? 79  HIS A NE2 1 
ATOM   620 N NE2 B HIS A 1 79 ? -7.191  -0.377  1.827   0.49 35.12  ? 79  HIS A NE2 1 
ATOM   621 N N   . ASP A 1 80 ? -7.453  -1.268  8.621   1.00 27.16  ? 80  ASP A N   1 
ATOM   622 C CA  . ASP A 1 80 ? -7.348  -1.977  9.896   1.00 28.86  ? 80  ASP A CA  1 
ATOM   623 C C   . ASP A 1 80 ? -6.013  -1.733  10.598  1.00 27.27  ? 80  ASP A C   1 
ATOM   624 O O   . ASP A 1 80 ? -5.459  -2.634  11.233  1.00 25.10  ? 80  ASP A O   1 
ATOM   625 C CB  . ASP A 1 80 ? -7.584  -3.481  9.698   1.00 34.45  ? 80  ASP A CB  1 
ATOM   626 C CG  . ASP A 1 80 ? -9.007  -3.795  9.263   1.00 44.17  ? 80  ASP A CG  1 
ATOM   627 O OD1 . ASP A 1 80 ? -9.898  -2.959  9.526   1.00 45.04  ? 80  ASP A OD1 1 
ATOM   628 O OD2 . ASP A 1 80 ? -9.238  -4.874  8.673   1.00 40.68  ? 80  ASP A OD2 1 
ATOM   629 N N   . GLY A 1 81 ? -5.492  -0.516  10.484  1.00 27.86  ? 81  GLY A N   1 
ATOM   630 C CA  . GLY A 1 81 ? -4.300  -0.152  11.229  1.00 21.92  ? 81  GLY A CA  1 
ATOM   631 C C   . GLY A 1 81 ? -3.011  -0.141  10.428  1.00 30.15  ? 81  GLY A C   1 
ATOM   632 O O   . GLY A 1 81 ? -2.046  0.510   10.810  1.00 30.72  ? 81  GLY A O   1 
ATOM   633 N N   . ILE A 1 82 ? -2.976  -0.859  9.314   1.00 23.21  ? 82  ILE A N   1 
ATOM   634 C CA  . ILE A 1 82 ? -1.745  -0.916  8.538   1.00 16.49  ? 82  ILE A CA  1 
ATOM   635 C C   . ILE A 1 82 ? -1.838  -0.160  7.208   1.00 16.67  ? 82  ILE A C   1 
ATOM   636 O O   . ILE A 1 82 ? -2.924  0.102   6.700   1.00 18.98  ? 82  ILE A O   1 
ATOM   637 C CB  . ILE A 1 82 ? -1.268  -2.361  8.327   1.00 21.22  ? 82  ILE A CB  1 
ATOM   638 C CG1 . ILE A 1 82 ? -2.161  -3.087  7.337   1.00 24.76  ? 82  ILE A CG1 1 
ATOM   639 C CG2 . ILE A 1 82 ? -1.205  -3.114  9.679   1.00 19.99  ? 82  ILE A CG2 1 
ATOM   640 C CD1 . ILE A 1 82 ? -1.747  -4.545  7.106   1.00 31.82  ? 82  ILE A CD1 1 
ATOM   641 N N   . THR A 1 83 ? -0.683  0.217   6.674   1.00 14.05  ? 83  THR A N   1 
ATOM   642 C CA  . THR A 1 83 ? -0.608  0.933   5.402   1.00 14.21  ? 83  THR A CA  1 
ATOM   643 C C   . THR A 1 83 ? -0.453  -0.055  4.263   1.00 13.49  ? 83  THR A C   1 
ATOM   644 O O   . THR A 1 83 ? 0.464   -0.871  4.278   1.00 14.91  ? 83  THR A O   1 
ATOM   645 C CB  . THR A 1 83 ? 0.577   1.898   5.435   1.00 15.19  ? 83  THR A CB  1 
ATOM   646 O OG1 . THR A 1 83 ? 0.385   2.794   6.541   1.00 18.18  ? 83  THR A OG1 1 
ATOM   647 C CG2 . THR A 1 83 ? 0.675   2.701   4.152   1.00 13.78  ? 83  THR A CG2 1 
ATOM   648 N N   . VAL A 1 84 ? -1.356  0.018   3.282   1.00 13.04  ? 84  VAL A N   1 
ATOM   649 C CA  . VAL A 1 84 ? -1.364  -0.924  2.171   1.00 11.58  ? 84  VAL A CA  1 
ATOM   650 C C   . VAL A 1 84 ? -1.139  -0.179  0.861   1.00 9.92   ? 84  VAL A C   1 
ATOM   651 O O   . VAL A 1 84 ? -1.878  0.766   0.545   1.00 11.60  ? 84  VAL A O   1 
ATOM   652 C CB  . VAL A 1 84 ? -2.688  -1.682  2.080   1.00 13.46  ? 84  VAL A CB  1 
ATOM   653 C CG1 . VAL A 1 84 ? -2.634  -2.720  0.946   1.00 15.74  ? 84  VAL A CG1 1 
ATOM   654 C CG2 . VAL A 1 84 ? -3.025  -2.358  3.416   1.00 16.07  ? 84  VAL A CG2 1 
ATOM   655 N N   . ALA A 1 85 ? -0.143  -0.612  0.091   1.00 11.40  ? 85  ALA A N   1 
ATOM   656 C CA  . ALA A 1 85 ? 0.153   -0.040  -1.219  1.00 10.22  ? 85  ALA A CA  1 
ATOM   657 C C   . ALA A 1 85 ? -0.050  -1.109  -2.268  1.00 10.03  ? 85  ALA A C   1 
ATOM   658 O O   . ALA A 1 85 ? 0.405   -2.244  -2.107  1.00 11.68  ? 85  ALA A O   1 
ATOM   659 C CB  . ALA A 1 85 ? 1.593   0.480   -1.269  1.00 12.91  ? 85  ALA A CB  1 
ATOM   660 N N   . VAL A 1 86 ? -0.734  -0.740  -3.344  1.00 10.62  ? 86  VAL A N   1 
ATOM   661 C CA  . VAL A 1 86 ? -1.003  -1.622  -4.463  1.00 11.63  ? 86  VAL A CA  1 
ATOM   662 C C   . VAL A 1 86 ? -0.560  -0.953  -5.749  1.00 11.57  ? 86  VAL A C   1 
ATOM   663 O O   . VAL A 1 86 ? -0.921  0.195   -6.011  1.00 12.88  ? 86  VAL A O   1 
ATOM   664 C CB  . VAL A 1 86 ? -2.497  -1.954  -4.544  1.00 12.49  ? 86  VAL A CB  1 
ATOM   665 C CG1 . VAL A 1 86 ? -2.834  -2.666  -5.851  1.00 15.27  ? 86  VAL A CG1 1 
ATOM   666 C CG2 . VAL A 1 86 ? -2.909  -2.817  -3.344  1.00 14.05  ? 86  VAL A CG2 1 
ATOM   667 N N   . HIS A 1 87 ? 0.235   -1.668  -6.543  1.00 10.30  ? 87  HIS A N   1 
ATOM   668 C CA  . HIS A 1 87 ? 0.756   -1.172  -7.823  1.00 12.13  ? 87  HIS A CA  1 
ATOM   669 C C   . HIS A 1 87 ? 0.047   -1.874  -8.976  1.00 11.45  ? 87  HIS A C   1 
ATOM   670 O O   . HIS A 1 87 ? 0.018   -3.105  -9.030  1.00 11.26  ? 87  HIS A O   1 
ATOM   671 C CB  . HIS A 1 87 ? 2.267   -1.428  -7.875  1.00 11.27  ? 87  HIS A CB  1 
ATOM   672 C CG  . HIS A 1 87 ? 2.930   -0.993  -9.148  1.00 10.35  ? 87  HIS A CG  1 
ATOM   673 N ND1 . HIS A 1 87 ? 4.152   -1.494  -9.560  1.00 12.91  ? 87  HIS A ND1 1 
ATOM   674 C CD2 . HIS A 1 87 ? 2.539   -0.123  -10.110 1.00 10.68  ? 87  HIS A CD2 1 
ATOM   675 C CE1 . HIS A 1 87 ? 4.484   -0.938  -10.714 1.00 15.44  ? 87  HIS A CE1 1 
ATOM   676 N NE2 . HIS A 1 87 ? 3.523   -0.103  -11.069 1.00 15.40  ? 87  HIS A NE2 1 
ATOM   677 N N   . LYS A 1 88 ? -0.579  -1.100  -9.864  1.00 12.11  ? 88  LYS A N   1 
ATOM   678 C CA  . LYS A 1 88 ? -1.209  -1.622  -11.078 1.00 16.83  ? 88  LYS A CA  1 
ATOM   679 C C   . LYS A 1 88 ? -0.538  -0.999  -12.292 1.00 20.23  ? 88  LYS A C   1 
ATOM   680 O O   . LYS A 1 88 ? -0.101  0.142   -12.226 1.00 15.92  ? 88  LYS A O   1 
ATOM   681 C CB  . LYS A 1 88 ? -2.704  -1.281  -11.093 1.00 19.47  ? 88  LYS A CB  1 
ATOM   682 C CG  . LYS A 1 88 ? -3.500  -1.967  -10.010 1.00 20.29  ? 88  LYS A CG  1 
ATOM   683 C CD  . LYS A 1 88 ? -4.983  -1.603  -10.089 1.00 26.35  ? 88  LYS A CD  1 
ATOM   684 C CE  . LYS A 1 88 ? -5.743  -2.190  -8.917  1.00 32.42  ? 88  LYS A CE  1 
ATOM   685 N NZ  . LYS A 1 88 ? -7.209  -1.962  -9.013  1.00 42.92  ? 88  LYS A NZ  1 
ATOM   686 N N   . MET A 1 89 ? -0.452  -1.729  -13.403 1.00 23.06  ? 89  MET A N   1 
ATOM   687 C CA  . MET A 1 89 ? 0.193   -1.178  -14.600 1.00 33.82  ? 89  MET A CA  1 
ATOM   688 C C   . MET A 1 89 ? -0.736  -0.257  -15.378 1.00 43.30  ? 89  MET A C   1 
ATOM   689 O O   . MET A 1 89 ? -1.929  -0.191  -15.101 1.00 32.02  ? 89  MET A O   1 
ATOM   690 C CB  . MET A 1 89 ? 0.717   -2.277  -15.534 1.00 34.56  ? 89  MET A CB  1 
ATOM   691 C CG  . MET A 1 89 ? 1.961   -3.003  -15.045 1.00 38.25  ? 89  MET A CG  1 
ATOM   692 S SD  . MET A 1 89 ? 3.296   -1.899  -14.534 1.00 29.51  ? 89  MET A SD  1 
ATOM   693 C CE  . MET A 1 89 ? 3.742   -1.089  -16.067 1.00 22.49  ? 89  MET A CE  1 
ATOM   694 N N   . ALA A 1 90 ? -0.167  0.441   -16.358 1.00 64.62  ? 90  ALA A N   1 
ATOM   695 C CA  . ALA A 1 90 ? -0.919  1.329   -17.240 1.00 80.23  ? 90  ALA A CA  1 
ATOM   696 C C   . ALA A 1 90 ? -0.022  2.463   -17.719 1.00 84.17  ? 90  ALA A C   1 
ATOM   697 O O   . ALA A 1 90 ? 1.172   2.486   -17.419 1.00 82.45  ? 90  ALA A O   1 
ATOM   698 C CB  . ALA A 1 90 ? -2.149  1.883   -16.536 1.00 84.10  ? 90  ALA A CB  1 
HETATM 699 C C1  . GOL B 2 .  ? 1.360   -10.472 -11.032 1.00 54.64  ? 998 GOL A C1  1 
HETATM 700 O O1  . GOL B 2 .  ? 0.782   -11.590 -10.393 1.00 44.20  ? 998 GOL A O1  1 
HETATM 701 C C2  . GOL B 2 .  ? 1.609   -10.783 -12.503 1.00 62.57  ? 998 GOL A C2  1 
HETATM 702 O O2  . GOL B 2 .  ? 2.966   -10.559 -12.819 1.00 67.69  ? 998 GOL A O2  1 
HETATM 703 C C3  . GOL B 2 .  ? 0.735   -9.866  -13.350 1.00 57.04  ? 998 GOL A C3  1 
HETATM 704 O O3  . GOL B 2 .  ? -0.597  -9.985  -12.908 1.00 43.61  ? 998 GOL A O3  1 
HETATM 705 C C1  . IPA C 3 .  ? 8.065   -9.945  2.423   1.00 42.92  ? 100 IPA A C1  1 
HETATM 706 C C2  . IPA C 3 .  ? 7.227   -11.088 2.983   1.00 51.19  ? 100 IPA A C2  1 
HETATM 707 C C3  . IPA C 3 .  ? 6.884   -10.845 4.452   1.00 61.34  ? 100 IPA A C3  1 
HETATM 708 O O2  . IPA C 3 .  ? 6.037   -11.171 2.240   1.00 40.82  ? 100 IPA A O2  1 
HETATM 709 C C1  . IPA D 3 .  ? 1.217   9.071   -17.191 1.00 50.00  ? 101 IPA A C1  1 
HETATM 710 C C2  . IPA D 3 .  ? 1.731   10.382  -16.604 1.00 51.85  ? 101 IPA A C2  1 
HETATM 711 C C3  . IPA D 3 .  ? 1.169   10.596  -15.201 1.00 45.23  ? 101 IPA A C3  1 
HETATM 712 O O2  . IPA D 3 .  ? 3.142   10.350  -16.546 1.00 51.38  ? 101 IPA A O2  1 
HETATM 713 C C1  . IPA E 3 .  ? 4.105   3.425   -10.420 1.00 26.38  ? 104 IPA A C1  1 
HETATM 714 C C2  . IPA E 3 .  ? 4.295   4.775   -9.739  1.00 30.43  ? 104 IPA A C2  1 
HETATM 715 C C3  . IPA E 3 .  ? 5.748   5.217   -9.894  1.00 40.87  ? 104 IPA A C3  1 
HETATM 716 O O2  . IPA E 3 .  ? 3.456   5.720   -10.363 1.00 27.57  ? 104 IPA A O2  1 
HETATM 717 P P   . PO4 F 4 .  ? 7.986   0.869   -8.875  1.00 62.86  ? 105 PO4 A P   1 
HETATM 718 O O1  . PO4 F 4 .  ? 7.401   -0.497  -8.607  1.00 52.73  ? 105 PO4 A O1  1 
HETATM 719 O O2  . PO4 F 4 .  ? 7.264   1.516   -10.034 1.00 58.73  ? 105 PO4 A O2  1 
HETATM 720 O O3  . PO4 F 4 .  ? 7.840   1.729   -7.638  1.00 53.59  ? 105 PO4 A O3  1 
HETATM 721 O O4  . PO4 F 4 .  ? 9.450   0.729   -9.221  1.00 63.27  ? 105 PO4 A O4  1 
HETATM 722 O O1  . PG4 G 5 .  ? -5.016  -4.557  7.381   1.00 40.38  ? 106 PG4 A O1  1 
HETATM 723 C C1  . PG4 G 5 .  ? -5.537  -5.711  6.847   1.00 51.69  ? 106 PG4 A C1  1 
HETATM 724 C C2  . PG4 G 5 .  ? -5.887  -5.698  5.400   1.00 51.61  ? 106 PG4 A C2  1 
HETATM 725 O O2  . PG4 G 5 .  ? -4.838  -5.567  4.518   1.00 48.78  ? 106 PG4 A O2  1 
HETATM 726 C C3  . PG4 G 5 .  ? -4.659  -6.516  3.538   1.00 57.02  ? 106 PG4 A C3  1 
HETATM 727 C C4  . PG4 G 5 .  ? -3.907  -6.120  2.319   1.00 55.58  ? 106 PG4 A C4  1 
HETATM 728 O O3  . PG4 G 5 .  ? -4.161  -6.889  1.209   1.00 59.56  ? 106 PG4 A O3  1 
HETATM 729 C C5  . PG4 G 5 .  ? -4.832  -8.074  1.430   1.00 56.31  ? 106 PG4 A C5  1 
HETATM 730 C C6  . PG4 G 5 .  ? -6.195  -8.232  0.852   1.00 58.99  ? 106 PG4 A C6  1 
HETATM 731 O O4  . PG4 G 5 .  ? -6.814  -9.449  1.032   1.00 58.17  ? 106 PG4 A O4  1 
HETATM 732 C C7  . PG4 G 5 .  ? -7.691  -9.918  0.076   1.00 52.95  ? 106 PG4 A C7  1 
HETATM 733 C C8  . PG4 G 5 .  ? -7.770  -11.392 -0.123  1.00 45.76  ? 106 PG4 A C8  1 
HETATM 734 O O5  . PG4 G 5 .  ? -8.102  -12.161 0.962   1.00 25.84  ? 106 PG4 A O5  1 
HETATM 735 O O   . HOH H 6 .  ? 4.966   -8.396  -10.564 1.00 18.27  ? 102 HOH A O   1 
HETATM 736 O O   . HOH H 6 .  ? 2.380   4.449   7.110   1.00 22.76  ? 103 HOH A O   1 
HETATM 737 O O   . HOH H 6 .  ? -7.677  -17.288 -2.890  1.00 28.43  ? 107 HOH A O   1 
HETATM 738 O O   . HOH H 6 .  ? 8.248   -7.921  -3.642  1.00 21.59  ? 108 HOH A O   1 
HETATM 739 O O   . HOH H 6 .  ? -4.186  0.265   -1.439  1.00 25.37  ? 109 HOH A O   1 
HETATM 740 O O   . HOH H 6 .  ? 6.921   -11.571 -5.069  1.00 24.81  ? 110 HOH A O   1 
HETATM 741 O O   . HOH H 6 .  ? -8.747  -4.057  -10.146 1.00 33.00  ? 111 HOH A O   1 
HETATM 742 O O   . HOH H 6 .  ? 7.886   0.096   13.638  1.00 28.72  ? 112 HOH A O   1 
HETATM 743 O O   . HOH H 6 .  ? 12.354  0.805   3.143   1.00 25.55  ? 113 HOH A O   1 
HETATM 744 O O   . HOH H 6 .  ? -1.361  -4.108  -14.547 1.00 23.65  ? 114 HOH A O   1 
HETATM 745 O O   . HOH H 6 .  ? -1.016  -15.302 -5.922  1.00 30.94  ? 115 HOH A O   1 
HETATM 746 O O   . HOH H 6 .  ? 8.136   -9.085  7.282   1.00 28.52  ? 116 HOH A O   1 
HETATM 747 O O   . HOH H 6 .  ? 0.043   2.283   9.291   1.00 26.78  ? 117 HOH A O   1 
HETATM 748 O O   . HOH H 6 .  ? 0.675   11.587  10.206  1.00 32.31  ? 118 HOH A O   1 
HETATM 749 O O   . HOH H 6 .  ? -7.084  1.761   9.490   1.00 36.72  ? 119 HOH A O   1 
HETATM 750 O O   . HOH H 6 .  ? 11.830  3.469   1.095   1.00 30.64  ? 120 HOH A O   1 
HETATM 751 O O   . HOH H 6 .  ? -0.045  -18.248 5.554   1.00 37.07  ? 121 HOH A O   1 
HETATM 752 O O   . HOH H 6 .  ? 9.213   9.888   10.159  1.00 65.05  ? 122 HOH A O   1 
HETATM 753 O O   . HOH H 6 .  ? 6.802   6.578   8.203   1.00 31.31  ? 123 HOH A O   1 
HETATM 754 O O   . HOH H 6 .  ? 11.736  -3.055  4.030   1.00 33.42  ? 124 HOH A O   1 
HETATM 755 O O   . HOH H 6 .  ? -9.919  0.388   8.061   1.00 51.00  ? 125 HOH A O   1 
HETATM 756 O O   . HOH H 6 .  ? 6.037   17.556  6.814   1.00 36.05  ? 126 HOH A O   1 
HETATM 757 O O   . HOH H 6 .  ? 3.448   -11.033 5.997   1.00 45.57  ? 127 HOH A O   1 
HETATM 758 O O   . HOH H 6 .  ? 6.793   9.092   8.677   1.00 41.84  ? 128 HOH A O   1 
HETATM 759 O O   . HOH H 6 .  ? -3.181  0.686   -7.837  1.00 21.30  ? 129 HOH A O   1 
HETATM 760 O O   . HOH H 6 .  ? -5.452  -0.071  -6.669  1.00 33.83  ? 130 HOH A O   1 
HETATM 761 O O   . HOH H 6 .  ? 10.325  -2.970  -8.556  1.00 36.39  ? 131 HOH A O   1 
HETATM 762 O O   . HOH H 6 .  ? 7.725   -8.326  -9.944  1.00 28.56  ? 132 HOH A O   1 
HETATM 763 O O   . HOH H 6 .  ? 13.846  -3.631  -2.447  1.00 38.98  ? 133 HOH A O   1 
HETATM 764 O O   . HOH H 6 .  ? 9.976   5.582   6.871   1.00 47.73  ? 134 HOH A O   1 
HETATM 765 O O   . HOH H 6 .  ? 9.295   7.181   -18.859 1.00 36.91  ? 135 HOH A O   1 
HETATM 766 O O   . HOH H 6 .  ? 12.082  -4.260  -15.726 1.00 44.70  ? 136 HOH A O   1 
HETATM 767 O O   . HOH H 6 .  ? -2.442  2.914   11.987  1.00 37.32  ? 137 HOH A O   1 
HETATM 768 O O   . HOH H 6 .  ? 7.883   -1.637  -15.948 1.00 50.54  ? 138 HOH A O   1 
HETATM 769 O O   . HOH H 6 .  ? 10.417  0.134   12.841  1.00 41.03  ? 139 HOH A O   1 
HETATM 770 O O   . HOH H 6 .  ? 10.631  -6.875  -7.142  1.00 40.36  ? 140 HOH A O   1 
HETATM 771 O O   . HOH H 6 .  ? 11.318  0.445   10.302  1.00 44.70  ? 141 HOH A O   1 
HETATM 772 O O   . HOH H 6 .  ? 9.206   -1.806  15.430  1.00 48.45  ? 142 HOH A O   1 
HETATM 773 O O   . HOH H 6 .  ? 10.822  -1.526  -15.796 1.00 46.48  ? 143 HOH A O   1 
HETATM 774 O O   . HOH H 6 .  ? 7.482   -1.973  -12.596 1.00 35.50  ? 144 HOH A O   1 
HETATM 775 O O   . HOH H 6 .  ? 8.575   -10.714 -2.667  1.00 47.60  ? 145 HOH A O   1 
HETATM 776 O O   . HOH H 6 .  ? 7.087   11.361  7.603   1.00 38.53  ? 146 HOH A O   1 
HETATM 777 O O   . HOH H 6 .  ? 14.363  -1.485  -7.266  1.00 50.79  ? 147 HOH A O   1 
HETATM 778 O O   . HOH H 6 .  ? -2.828  7.126   2.718   1.00 40.01  ? 148 HOH A O   1 
HETATM 779 O O   . HOH H 6 .  ? 11.563  -0.615  5.984   1.00 33.42  ? 149 HOH A O   1 
HETATM 780 O O   . HOH H 6 .  ? -0.507  5.563   -15.493 1.00 49.74  ? 150 HOH A O   1 
HETATM 781 O O   . HOH H 6 .  ? 9.619   -2.322  -11.172 1.00 44.88  ? 151 HOH A O   1 
HETATM 782 O O   . HOH H 6 .  ? 14.306  -8.862  -0.506  1.00 53.71  ? 152 HOH A O   1 
HETATM 783 O O   . HOH H 6 .  ? 8.319   -11.160 -0.173  1.00 40.43  ? 153 HOH A O   1 
HETATM 784 O O   . HOH H 6 .  ? 14.493  -6.384  -1.560  1.00 48.65  ? 154 HOH A O   1 
HETATM 785 O O   . HOH H 6 .  ? -1.421  -9.897  -10.450 1.00 13.49  ? 155 HOH A O   1 
HETATM 786 O O   . HOH H 6 .  ? 0.385   0.474   11.286  1.00 43.05  ? 156 HOH A O   1 
HETATM 787 O O   . HOH H 6 .  ? -9.545  -13.582 5.117   1.00 26.62  ? 157 HOH A O   1 
HETATM 788 O O   . HOH H 6 .  ? -4.926  -6.469  -16.610 1.00 43.17  ? 158 HOH A O   1 
HETATM 789 O O   . HOH H 6 .  ? 10.576  -8.806  -2.186  1.00 41.64  ? 159 HOH A O   1 
HETATM 790 O O   . HOH H 6 .  ? -0.396  4.288   13.751  1.00 51.86  ? 160 HOH A O   1 
HETATM 791 O O   . HOH H 6 .  ? -1.610  18.162  10.543  1.00 52.19  ? 161 HOH A O   1 
HETATM 792 O O   . HOH H 6 .  ? 3.490   10.439  11.754  1.00 43.84  ? 162 HOH A O   1 
HETATM 793 O O   . HOH H 6 .  ? 10.466  6.070   10.917  1.00 55.77  ? 163 HOH A O   1 
HETATM 794 O O   . HOH H 6 .  ? -11.345 2.206   3.934   1.00 53.82  ? 164 HOH A O   1 
HETATM 795 O O   . HOH H 6 .  ? 5.543   -3.868  -14.155 1.00 46.02  ? 165 HOH A O   1 
HETATM 796 O O   . HOH H 6 .  ? 10.690  -8.725  2.724   1.00 45.77  ? 166 HOH A O   1 
HETATM 797 O O   . HOH H 6 .  ? -6.030  2.635   -9.825  1.00 58.04  ? 167 HOH A O   1 
HETATM 798 O O   . HOH H 6 .  ? -6.201  5.705   3.933   1.00 45.13  ? 168 HOH A O   1 
HETATM 799 O O   . HOH H 6 .  ? 12.037  3.327   6.794   1.00 48.43  ? 169 HOH A O   1 
HETATM 800 O O   . HOH H 6 .  ? 0.863   -18.004 1.613   1.00 54.58  ? 170 HOH A O   1 
HETATM 801 O O   . HOH H 6 .  ? -7.676  0.531   -8.161  1.00 52.00  ? 171 HOH A O   1 
HETATM 802 O O   . HOH H 6 .  ? 3.764   -17.154 1.840   1.00 58.89  ? 172 HOH A O   1 
# 
loop_
_atom_site_anisotrop.id 
_atom_site_anisotrop.type_symbol 
_atom_site_anisotrop.pdbx_label_atom_id 
_atom_site_anisotrop.pdbx_label_alt_id 
_atom_site_anisotrop.pdbx_label_comp_id 
_atom_site_anisotrop.pdbx_label_asym_id 
_atom_site_anisotrop.pdbx_label_seq_id 
_atom_site_anisotrop.pdbx_PDB_ins_code 
_atom_site_anisotrop.U[1][1] 
_atom_site_anisotrop.U[2][2] 
_atom_site_anisotrop.U[3][3] 
_atom_site_anisotrop.U[1][2] 
_atom_site_anisotrop.U[1][3] 
_atom_site_anisotrop.U[2][3] 
_atom_site_anisotrop.pdbx_auth_seq_id 
_atom_site_anisotrop.pdbx_auth_comp_id 
_atom_site_anisotrop.pdbx_auth_asym_id 
_atom_site_anisotrop.pdbx_auth_atom_id 
1   N N   . MET A 1  ? 0.6261 0.6536 0.4757 -0.1674 0.0412  0.0777  1  MET A N   
2   C CA  . MET A 1  ? 0.6493 0.6566 0.5041 -0.1623 0.0289  0.0742  1  MET A CA  
3   C C   . MET A 1  ? 0.5970 0.5805 0.4429 -0.1483 0.0220  0.0701  1  MET A C   
4   O O   . MET A 1  ? 0.7077 0.6945 0.5479 -0.1405 0.0268  0.0683  1  MET A O   
5   C CB  . MET A 1  ? 0.7329 0.7635 0.6124 -0.1560 0.0303  0.0682  1  MET A CB  
6   C CG  . MET A 1  ? 0.7598 0.8200 0.6533 -0.1443 0.0409  0.0631  1  MET A CG  
7   S SD  . MET A 1  ? 0.6882 0.7685 0.6079 -0.1342 0.0396  0.0560  1  MET A SD  
8   C CE  . MET A 1  ? 0.9835 1.0361 0.8989 -0.1193 0.0301  0.0500  1  MET A CE  
9   N N   . GLU A 2  ? 0.4590 0.4189 0.3041 -0.1454 0.0105  0.0687  2  GLU A N   
10  C CA  . GLU A 2  ? 0.5159 0.4554 0.3563 -0.1324 0.0029  0.0651  2  GLU A CA  
11  C C   . GLU A 2  ? 0.6281 0.5737 0.4875 -0.1197 0.0005  0.0574  2  GLU A C   
12  O O   . GLU A 2  ? 0.8160 0.7516 0.6795 -0.1209 -0.0060 0.0561  2  GLU A O   
13  C CB  . GLU A 2  ? 0.6021 0.5074 0.4248 -0.1376 -0.0086 0.0700  2  GLU A CB  
14  C CG  . GLU A 2  ? 0.5771 0.4715 0.3774 -0.1512 -0.0075 0.0787  2  GLU A CG  
15  C CD  . GLU A 2  ? 0.7298 0.5876 0.5120 -0.1560 -0.0204 0.0839  2  GLU A CD  
16  O OE1 . GLU A 2  ? 0.7954 0.6405 0.5571 -0.1688 -0.0209 0.0922  2  GLU A OE1 
17  O OE2 . GLU A 2  ? 0.8057 0.6473 0.5933 -0.1467 -0.0299 0.0799  2  GLU A OE2 
18  N N   . ALA A 3  ? 0.4140 0.3748 0.2831 -0.1078 0.0055  0.0522  3  ALA A N   
19  C CA  . ALA A 3  ? 0.3617 0.3286 0.2476 -0.0962 0.0039  0.0455  3  ALA A CA  
20  C C   . ALA A 3  ? 0.3291 0.2834 0.2139 -0.0842 -0.0011 0.0425  3  ALA A C   
21  O O   . ALA A 3  ? 0.3152 0.2661 0.1906 -0.0825 0.0001  0.0437  3  ALA A O   
22  C CB  . ALA A 3  ? 0.3826 0.3788 0.2835 -0.0926 0.0130  0.0421  3  ALA A CB  
23  N N   . THR A 4  ? 0.2714 0.2195 0.1658 -0.0762 -0.0063 0.0385  4  THR A N   
24  C CA  . THR A 4  ? 0.2930 0.2326 0.1901 -0.0653 -0.0108 0.0359  4  THR A CA  
25  C C   . THR A 4  ? 0.2379 0.1935 0.1519 -0.0555 -0.0071 0.0303  4  THR A C   
26  O O   . THR A 4  ? 0.2200 0.1867 0.1431 -0.0559 -0.0040 0.0281  4  THR A O   
27  C CB  . THR A 4  ? 0.3122 0.2287 0.2056 -0.0629 -0.0210 0.0367  4  THR A CB  
28  O OG1 . THR A 4  ? 0.3343 0.2520 0.2378 -0.0600 -0.0219 0.0330  4  THR A OG1 
29  C CG2 . THR A 4  ? 0.3435 0.2407 0.2186 -0.0733 -0.0260 0.0428  4  THR A CG2 
30  N N   . LEU A 5  ? 0.2095 0.1653 0.1268 -0.0474 -0.0079 0.0284  5  LEU A N   
31  C CA  . LEU A 5  ? 0.1831 0.1510 0.1152 -0.0386 -0.0054 0.0239  5  LEU A CA  
32  C C   . LEU A 5  ? 0.1911 0.1550 0.1321 -0.0350 -0.0086 0.0216  5  LEU A C   
33  O O   . LEU A 5  ? 0.1907 0.1664 0.1412 -0.0319 -0.0048 0.0186  5  LEU A O   
34  C CB  . LEU A 5  ? 0.2148 0.1804 0.1479 -0.0321 -0.0074 0.0229  5  LEU A CB  
35  C CG  . LEU A 5  ? 0.2281 0.2045 0.1754 -0.0241 -0.0051 0.0192  5  LEU A CG  
36  C CD1 . LEU A 5  ? 0.2532 0.2461 0.2049 -0.0239 0.0027  0.0173  5  LEU A CD1 
37  C CD2 . LEU A 5  ? 0.3012 0.2729 0.2485 -0.0197 -0.0087 0.0189  5  LEU A CD2 
38  N N   . GLU A 6  ? 0.2556 0.2023 0.1920 -0.0347 -0.0157 0.0229  6  GLU A N   
39  C CA  . GLU A 6  ? 0.2657 0.2070 0.2088 -0.0300 -0.0185 0.0200  6  GLU A CA  
40  C C   . GLU A 6  ? 0.2333 0.1792 0.1759 -0.0351 -0.0154 0.0186  6  GLU A C   
41  O O   . GLU A 6  ? 0.2340 0.1865 0.1846 -0.0304 -0.0132 0.0147  6  GLU A O   
42  C CB  . GLU A 6  ? 0.3522 0.2726 0.2891 -0.0286 -0.0272 0.0217  6  GLU A CB  
43  C CG  . GLU A 6  ? 0.3264 0.2444 0.2686 -0.0215 -0.0316 0.0223  6  GLU A CG  
44  C CD  . GLU A 6  ? 0.3592 0.2892 0.3183 -0.0120 -0.0292 0.0183  6  GLU A CD  
45  O OE1 . GLU A 6  ? 0.3733 0.3149 0.3391 -0.0099 -0.0265 0.0181  6  GLU A OE1 
46  O OE2 . GLU A 6  ? 0.4454 0.3725 0.4103 -0.0068 -0.0298 0.0154  6  GLU A OE2 
47  N N   . GLN A 7  ? 0.2406 0.1838 0.1731 -0.0455 -0.0153 0.0220  7  GLN A N   
48  C CA  A GLN A 7  ? 0.2566 0.2056 0.1890 -0.0525 -0.0133 0.0214  7  GLN A CA  
49  C CA  B GLN A 7  ? 0.2553 0.2042 0.1880 -0.0520 -0.0134 0.0212  7  GLN A CA  
50  C C   . GLN A 7  ? 0.2375 0.2097 0.1812 -0.0495 -0.0064 0.0188  7  GLN A C   
51  O O   . GLN A 7  ? 0.2190 0.1963 0.1677 -0.0483 -0.0059 0.0158  7  GLN A O   
52  C CB  A GLN A 7  ? 0.2984 0.2439 0.2195 -0.0656 -0.0136 0.0268  7  GLN A CB  
53  C CB  B GLN A 7  ? 0.3089 0.2521 0.2300 -0.0652 -0.0146 0.0262  7  GLN A CB  
54  C CG  A GLN A 7  ? 0.3618 0.2808 0.2689 -0.0704 -0.0218 0.0300  7  GLN A CG  
55  C CG  B GLN A 7  ? 0.3977 0.3435 0.3190 -0.0732 -0.0150 0.0255  7  GLN A CG  
56  C CD  A GLN A 7  ? 0.4003 0.3150 0.2943 -0.0837 -0.0215 0.0367  7  GLN A CD  
57  C CD  B GLN A 7  ? 0.4549 0.3853 0.3755 -0.0678 -0.0205 0.0210  7  GLN A CD  
58  O OE1 A GLN A 7  ? 0.5400 0.4324 0.4209 -0.0899 -0.0284 0.0403  7  GLN A OE1 
59  O OE1 B GLN A 7  ? 0.5595 0.4686 0.4731 -0.0640 -0.0264 0.0207  7  GLN A OE1 
60  N NE2 A GLN A 7  ? 0.2654 0.2015 0.1628 -0.0881 -0.0136 0.0384  7  GLN A NE2 
61  N NE2 B GLN A 7  ? 0.3420 0.2829 0.2688 -0.0669 -0.0186 0.0172  7  GLN A NE2 
62  N N   . HIS A 8  ? 0.2046 0.1894 0.1510 -0.0480 -0.0015 0.0199  8  HIS A N   
63  C CA  . HIS A 8  ? 0.1951 0.2003 0.1517 -0.0441 0.0043  0.0177  8  HIS A CA  
64  C C   . HIS A 8  ? 0.1871 0.1937 0.1522 -0.0346 0.0041  0.0137  8  HIS A C   
65  O O   . HIS A 8  ? 0.1789 0.1973 0.1503 -0.0330 0.0066  0.0118  8  HIS A O   
66  C CB  . HIS A 8  ? 0.1882 0.2032 0.1441 -0.0426 0.0091  0.0189  8  HIS A CB  
67  C CG  . HIS A 8  ? 0.2096 0.2330 0.1603 -0.0516 0.0129  0.0222  8  HIS A CG  
68  N ND1 . HIS A 8  ? 0.3044 0.3425 0.2562 -0.0500 0.0195  0.0223  8  HIS A ND1 
69  C CD2 . HIS A 8  ? 0.2392 0.2588 0.1836 -0.0625 0.0114  0.0257  8  HIS A CD2 
70  C CE1 . HIS A 8  ? 0.2503 0.2956 0.1976 -0.0593 0.0228  0.0257  8  HIS A CE1 
71  N NE2 . HIS A 8  ? 0.2987 0.3329 0.2415 -0.0679 0.0178  0.0282  8  HIS A NE2 
72  N N   . LEU A 9  ? 0.1854 0.1814 0.1511 -0.0285 0.0012  0.0129  9  LEU A N   
73  C CA  . LEU A 9  ? 0.1937 0.1923 0.1681 -0.0203 0.0019  0.0098  9  LEU A CA  
74  C C   . LEU A 9  ? 0.1974 0.1916 0.1710 -0.0206 0.0007  0.0071  9  LEU A C   
75  O O   . LEU A 9  ? 0.2108 0.2132 0.1892 -0.0168 0.0034  0.0047  9  LEU A O   
76  C CB  . LEU A 9  ? 0.1971 0.1871 0.1740 -0.0147 -0.0012 0.0100  9  LEU A CB  
77  C CG  . LEU A 9  ? 0.2068 0.1981 0.1830 -0.0141 -0.0013 0.0120  9  LEU A CG  
78  C CD1 . LEU A 9  ? 0.2469 0.2278 0.2249 -0.0104 -0.0070 0.0128  9  LEU A CD1 
79  C CD2 . LEU A 9  ? 0.2996 0.3038 0.2825 -0.0102 0.0033  0.0108  9  LEU A CD2 
80  N N   . GLU A 10 ? 0.2160 0.1954 0.1816 -0.0248 -0.0040 0.0076  10 GLU A N   
81  C CA  . GLU A 10 ? 0.2263 0.1977 0.1875 -0.0260 -0.0062 0.0047  10 GLU A CA  
82  C C   . GLU A 10 ? 0.2471 0.2311 0.2087 -0.0318 -0.0040 0.0043  10 GLU A C   
83  O O   . GLU A 10 ? 0.2626 0.2486 0.2248 -0.0291 -0.0035 0.0009  10 GLU A O   
84  C CB  . GLU A 10 ? 0.2917 0.2425 0.2420 -0.0311 -0.0126 0.0059  10 GLU A CB  
85  C CG  . GLU A 10 ? 0.3988 0.3356 0.3492 -0.0238 -0.0163 0.0057  10 GLU A CG  
86  C CD  . GLU A 10 ? 0.5311 0.4644 0.4861 -0.0136 -0.0159 0.0006  10 GLU A CD  
87  O OE1 . GLU A 10 ? 0.5581 0.4890 0.5089 -0.0142 -0.0152 -0.0030 10 GLU A OE1 
88  O OE2 . GLU A 10 ? 0.4825 0.4161 0.4453 -0.0053 -0.0160 0.0001  10 GLU A OE2 
89  N N   . ASP A 11 ? 0.2238 0.2169 0.1849 -0.0396 -0.0028 0.0078  11 ASP A N   
90  C CA  . ASP A 11 ? 0.2391 0.2478 0.2036 -0.0453 -0.0012 0.0082  11 ASP A CA  
91  C C   . ASP A 11 ? 0.1904 0.2141 0.1636 -0.0375 0.0028  0.0060  11 ASP A C   
92  O O   . ASP A 11 ? 0.2152 0.2450 0.1895 -0.0380 0.0020  0.0041  11 ASP A O   
93  C CB  . ASP A 11 ? 0.2316 0.2519 0.1971 -0.0530 0.0014  0.0125  11 ASP A CB  
94  C CG  . ASP A 11 ? 0.3115 0.3185 0.2670 -0.0639 -0.0025 0.0160  11 ASP A CG  
95  O OD1 . ASP A 11 ? 0.3152 0.3279 0.2688 -0.0693 0.0002  0.0200  11 ASP A OD1 
96  O OD2 . ASP A 11 ? 0.3420 0.3317 0.2899 -0.0673 -0.0082 0.0148  11 ASP A OD2 
97  N N   . THR A 12 ? 0.1729 0.2014 0.1510 -0.0305 0.0063  0.0064  12 THR A N   
98  C CA  . THR A 12 ? 0.1612 0.2018 0.1464 -0.0236 0.0097  0.0053  12 THR A CA  
99  C C   . THR A 12 ? 0.2038 0.2388 0.1880 -0.0186 0.0089  0.0022  12 THR A C   
100 O O   . THR A 12 ? 0.1989 0.2423 0.1849 -0.0167 0.0098  0.0012  12 THR A O   
101 C CB  . THR A 12 ? 0.2007 0.2424 0.1892 -0.0179 0.0123  0.0064  12 THR A CB  
102 O OG1 . THR A 12 ? 0.2213 0.2692 0.2086 -0.0217 0.0140  0.0087  12 THR A OG1 
103 C CG2 . THR A 12 ? 0.1949 0.2453 0.1890 -0.0109 0.0150  0.0055  12 THR A CG2 
104 N N   . MET A 13 ? 0.1831 0.2040 0.1641 -0.0162 0.0073  0.0006  13 MET A N   
105 C CA  . MET A 13 ? 0.1973 0.2133 0.1769 -0.0106 0.0081  -0.0027 13 MET A CA  
106 C C   . MET A 13 ? 0.2395 0.2520 0.2114 -0.0143 0.0055  -0.0054 13 MET A C   
107 O O   . MET A 13 ? 0.2770 0.2877 0.2459 -0.0098 0.0069  -0.0084 13 MET A O   
108 C CB  . MET A 13 ? 0.2058 0.2092 0.1853 -0.0059 0.0071  -0.0040 13 MET A CB  
109 C CG  . MET A 13 ? 0.2179 0.2257 0.2061 -0.0014 0.0089  -0.0018 13 MET A CG  
110 S SD  . MET A 13 ? 0.2001 0.2205 0.1957 0.0045  0.0144  -0.0017 13 MET A SD  
111 C CE  . MET A 13 ? 0.2012 0.2165 0.1949 0.0101  0.0167  -0.0058 13 MET A CE  
112 N N   . LYS A 14 ? 0.2142 0.2260 0.1823 -0.0231 0.0019  -0.0042 14 LYS A N   
113 C CA  . LYS A 14 ? 0.2760 0.2842 0.2365 -0.0282 -0.0020 -0.0065 14 LYS A CA  
114 C C   . LYS A 14 ? 0.3109 0.3343 0.2748 -0.0271 -0.0008 -0.0065 14 LYS A C   
115 O O   . LYS A 14 ? 0.3414 0.3614 0.2980 -0.0290 -0.0040 -0.0091 14 LYS A O   
116 C CB  . LYS A 14 ? 0.2476 0.2521 0.2043 -0.0396 -0.0068 -0.0043 14 LYS A CB  
117 C CG  . LYS A 14 ? 0.3145 0.2980 0.2633 -0.0414 -0.0100 -0.0046 14 LYS A CG  
118 C CD  . LYS A 14 ? 0.3881 0.3686 0.3332 -0.0539 -0.0140 -0.0009 14 LYS A CD  
119 C CE  . LYS A 14 ? 0.5517 0.5077 0.4868 -0.0551 -0.0184 -0.0008 14 LYS A CE  
120 N NZ  . LYS A 14 ? 0.6767 0.6262 0.6053 -0.0689 -0.0229 0.0035  14 LYS A NZ  
121 N N   . ASN A 15 ? 0.2135 0.2522 0.1868 -0.0238 0.0029  -0.0037 15 ASN A N   
122 C CA  . ASN A 15 ? 0.1954 0.2471 0.1719 -0.0209 0.0036  -0.0033 15 ASN A CA  
123 C C   . ASN A 15 ? 0.2053 0.2492 0.1759 -0.0139 0.0058  -0.0060 15 ASN A C   
124 O O   . ASN A 15 ? 0.1815 0.2218 0.1547 -0.0081 0.0098  -0.0059 15 ASN A O   
125 C CB  . ASN A 15 ? 0.1813 0.2471 0.1680 -0.0175 0.0071  -0.0001 15 ASN A CB  
126 C CG  . ASN A 15 ? 0.1835 0.2618 0.1738 -0.0135 0.0071  0.0008  15 ASN A CG  
127 O OD1 . ASN A 15 ? 0.1843 0.2585 0.1686 -0.0106 0.0063  -0.0005 15 ASN A OD1 
128 N ND2 . ASN A 15 ? 0.1929 0.2856 0.1915 -0.0128 0.0079  0.0032  15 ASN A ND2 
129 N N   . PRO A 16 ? 0.2126 0.2547 0.1749 -0.0148 0.0031  -0.0082 16 PRO A N   
130 C CA  . PRO A 16 ? 0.2193 0.2529 0.1731 -0.0087 0.0060  -0.0111 16 PRO A CA  
131 C C   . PRO A 16 ? 0.2246 0.2662 0.1837 -0.0021 0.0110  -0.0085 16 PRO A C   
132 O O   . PRO A 16 ? 0.2749 0.3110 0.2298 0.0029  0.0155  -0.0099 16 PRO A O   
133 C CB  . PRO A 16 ? 0.2677 0.2985 0.2101 -0.0124 0.0009  -0.0136 16 PRO A CB  
134 C CG  . PRO A 16 ? 0.3065 0.3512 0.2565 -0.0187 -0.0041 -0.0103 16 PRO A CG  
135 C CD  . PRO A 16 ? 0.2450 0.2932 0.2052 -0.0219 -0.0029 -0.0081 16 PRO A CD  
136 N N   . SER A 17 ? 0.1872 0.2412 0.1546 -0.0021 0.0105  -0.0047 17 SER A N   
137 C CA  A SER A 17 ? 0.2295 0.2886 0.2008 0.0035  0.0143  -0.0018 17 SER A CA  
138 C CA  B SER A 17 ? 0.2237 0.2824 0.1948 0.0036  0.0144  -0.0019 17 SER A CA  
139 C C   . SER A 17 ? 0.2227 0.2800 0.2020 0.0062  0.0183  -0.0004 17 SER A C   
140 O O   . SER A 17 ? 0.2015 0.2592 0.1828 0.0100  0.0216  0.0017  17 SER A O   
141 C CB  A SER A 17 ? 0.2690 0.3401 0.2449 0.0039  0.0113  0.0012  17 SER A CB  
142 C CB  B SER A 17 ? 0.2408 0.3112 0.2159 0.0041  0.0114  0.0012  17 SER A CB  
143 O OG  A SER A 17 ? 0.2311 0.3096 0.2167 0.0021  0.0108  0.0024  17 SER A OG  
144 O OG  B SER A 17 ? 0.3406 0.4121 0.3076 0.0024  0.0072  0.0004  17 SER A OG  
145 N N   . ILE A 18 ? 0.1620 0.2167 0.1450 0.0033  0.0172  -0.0012 18 ILE A N   
146 C CA  . ILE A 18 ? 0.1187 0.1714 0.1085 0.0053  0.0195  0.0002  18 ILE A CA  
147 C C   . ILE A 18 ? 0.1572 0.2013 0.1465 0.0077  0.0217  -0.0017 18 ILE A C   
148 O O   . ILE A 18 ? 0.1681 0.2042 0.1528 0.0062  0.0200  -0.0046 18 ILE A O   
149 C CB  . ILE A 18 ? 0.1124 0.1665 0.1055 0.0013  0.0174  0.0010  18 ILE A CB  
150 C CG1 . ILE A 18 ? 0.1470 0.2128 0.1433 0.0005  0.0168  0.0028  18 ILE A CG1 
151 C CG2 . ILE A 18 ? 0.1252 0.1745 0.1225 0.0030  0.0185  0.0021  18 ILE A CG2 
152 C CD1 . ILE A 18 ? 0.1528 0.2231 0.1519 -0.0036 0.0163  0.0038  18 ILE A CD1 
153 N N   . VAL A 19 ? 0.1250 0.1704 0.1190 0.0115  0.0251  -0.0001 19 VAL A N   
154 C CA  . VAL A 19 ? 0.1367 0.1777 0.1332 0.0146  0.0278  -0.0017 19 VAL A CA  
155 C C   . VAL A 19 ? 0.1077 0.1478 0.1136 0.0153  0.0269  0.0000  19 VAL A C   
156 O O   . VAL A 19 ? 0.1508 0.1885 0.1613 0.0182  0.0279  -0.0011 19 VAL A O   
157 C CB  . VAL A 19 ? 0.1295 0.1742 0.1249 0.0178  0.0331  -0.0010 19 VAL A CB  
158 C CG1 . VAL A 19 ? 0.1485 0.1915 0.1317 0.0175  0.0333  -0.0034 19 VAL A CG1 
159 C CG2 . VAL A 19 ? 0.1566 0.2069 0.1570 0.0175  0.0342  0.0036  19 VAL A CG2 
160 N N   . GLY A 20 ? 0.1113 0.1531 0.1198 0.0130  0.0244  0.0025  20 GLY A N   
161 C CA  . GLY A 20 ? 0.1209 0.1600 0.1356 0.0129  0.0222  0.0039  20 GLY A CA  
162 C C   . GLY A 20 ? 0.1020 0.1408 0.1142 0.0099  0.0196  0.0054  20 GLY A C   
163 O O   . GLY A 20 ? 0.1149 0.1584 0.1243 0.0094  0.0204  0.0059  20 GLY A O   
164 N N   . VAL A 21 ? 0.1128 0.1461 0.1254 0.0085  0.0162  0.0059  21 VAL A N   
165 C CA  . VAL A 21 ? 0.1284 0.1605 0.1371 0.0059  0.0145  0.0070  21 VAL A CA  
166 C C   . VAL A 21 ? 0.1330 0.1583 0.1434 0.0057  0.0108  0.0083  21 VAL A C   
167 O O   . VAL A 21 ? 0.1526 0.1732 0.1661 0.0064  0.0083  0.0081  21 VAL A O   
168 C CB  . VAL A 21 ? 0.1255 0.1576 0.1276 0.0017  0.0139  0.0063  21 VAL A CB  
169 C CG1 . VAL A 21 ? 0.2043 0.2272 0.2038 -0.0003 0.0111  0.0055  21 VAL A CG1 
170 C CG2 . VAL A 21 ? 0.1419 0.1748 0.1397 -0.0007 0.0138  0.0076  21 VAL A CG2 
171 N N   . LEU A 22 ? 0.1293 0.1537 0.1373 0.0053  0.0099  0.0094  22 LEU A N   
172 C CA  . LEU A 22 ? 0.1360 0.1527 0.1436 0.0045  0.0051  0.0107  22 LEU A CA  
173 C C   . LEU A 22 ? 0.1562 0.1695 0.1539 0.0029  0.0046  0.0107  22 LEU A C   
174 O O   . LEU A 22 ? 0.1529 0.1704 0.1484 0.0046  0.0078  0.0099  22 LEU A O   
175 C CB  . LEU A 22 ? 0.1783 0.1965 0.1951 0.0064  0.0039  0.0118  22 LEU A CB  
176 C CG  . LEU A 22 ? 0.1809 0.1926 0.1996 0.0052  -0.0026 0.0134  22 LEU A CG  
177 C CD1 . LEU A 22 ? 0.2195 0.2366 0.2527 0.0066  -0.0036 0.0148  22 LEU A CD1 
178 C CD2 . LEU A 22 ? 0.2262 0.2319 0.2369 0.0038  -0.0048 0.0136  22 LEU A CD2 
179 N N   . CYS A 23 ? 0.1494 0.1544 0.1405 0.0003  0.0006  0.0115  23 CYS A N   
180 C CA  . CYS A 23 ? 0.1531 0.1534 0.1325 -0.0012 0.0005  0.0113  23 CYS A CA  
181 C C   . CYS A 23 ? 0.1726 0.1626 0.1488 -0.0016 -0.0060 0.0122  23 CYS A C   
182 O O   . CYS A 23 ? 0.1926 0.1780 0.1731 -0.0024 -0.0114 0.0137  23 CYS A O   
183 C CB  . CYS A 23 ? 0.1792 0.1778 0.1492 -0.0054 0.0016  0.0120  23 CYS A CB  
184 S SG  . CYS A 23 ? 0.2243 0.2357 0.1978 -0.0067 0.0079  0.0112  23 CYS A SG  
185 N N   . THR A 24 ? 0.1608 0.1467 0.1290 -0.0006 -0.0059 0.0109  24 THR A N   
186 C CA  A THR A 24 ? 0.1931 0.1673 0.1553 -0.0018 -0.0131 0.0115  24 THR A CA  
187 C CA  B THR A 24 ? 0.2010 0.1753 0.1635 -0.0017 -0.0130 0.0114  24 THR A CA  
188 C C   . THR A 24 ? 0.2261 0.1922 0.1700 -0.0023 -0.0122 0.0097  24 THR A C   
189 O O   . THR A 24 ? 0.2259 0.1979 0.1644 -0.0005 -0.0049 0.0078  24 THR A O   
190 C CB  A THR A 24 ? 0.2128 0.1857 0.1824 -0.0005 -0.0160 0.0114  24 THR A CB  
191 C CB  B THR A 24 ? 0.2185 0.1928 0.1894 -0.0002 -0.0152 0.0114  24 THR A CB  
192 O OG1 A THR A 24 ? 0.2431 0.2139 0.2048 0.0024  -0.0121 0.0088  24 THR A OG1 
193 O OG1 B THR A 24 ? 0.1932 0.1575 0.1621 -0.0027 -0.0240 0.0126  24 THR A OG1 
194 C CG2 A THR A 24 ? 0.1909 0.1745 0.1779 0.0005  -0.0140 0.0128  24 THR A CG2 
195 C CG2 B THR A 24 ? 0.2100 0.1835 0.1738 0.0031  -0.0107 0.0088  24 THR A CG2 
196 N N   . ASP A 25 ? 0.2319 0.1850 0.1659 -0.0045 -0.0194 0.0102  25 ASP A N   
197 C CA  . ASP A 25 ? 0.2751 0.2180 0.1891 -0.0042 -0.0190 0.0077  25 ASP A CA  
198 C C   . ASP A 25 ? 0.2789 0.2164 0.1921 -0.0009 -0.0204 0.0050  25 ASP A C   
199 O O   . ASP A 25 ? 0.2841 0.2273 0.2121 0.0002  -0.0207 0.0057  25 ASP A O   
200 C CB  . ASP A 25 ? 0.2910 0.2200 0.1904 -0.0084 -0.0266 0.0094  25 ASP A CB  
201 C CG  . ASP A 25 ? 0.2862 0.2056 0.1894 -0.0102 -0.0381 0.0107  25 ASP A CG  
202 O OD1 . ASP A 25 ? 0.2906 0.2142 0.2079 -0.0088 -0.0397 0.0105  25 ASP A OD1 
203 O OD2 . ASP A 25 ? 0.3478 0.2558 0.2401 -0.0135 -0.0460 0.0125  25 ASP A OD2 
204 N N   . SER A 26 ? 0.2971 0.2223 0.1915 0.0004  -0.0209 0.0018  26 SER A N   
205 C CA  . SER A 26 ? 0.3102 0.2280 0.2014 0.0042  -0.0219 -0.0013 26 SER A CA  
206 C C   . SER A 26 ? 0.3539 0.2614 0.2505 0.0003  -0.0329 0.0005  26 SER A C   
207 O O   . SER A 26 ? 0.4083 0.3080 0.3034 0.0020  -0.0349 -0.0013 26 SER A O   
208 C CB  . SER A 26 ? 0.3567 0.2631 0.2247 0.0081  -0.0188 -0.0063 26 SER A CB  
209 O OG  . SER A 26 ? 0.4704 0.3604 0.3210 0.0040  -0.0265 -0.0065 26 SER A OG  
210 N N   . GLN A 27 ? 0.3400 0.2480 0.2438 -0.0049 -0.0402 0.0041  27 GLN A N   
211 C CA  . GLN A 27 ? 0.3456 0.2477 0.2579 -0.0093 -0.0510 0.0065  27 GLN A CA  
212 C C   . GLN A 27 ? 0.3063 0.2246 0.2445 -0.0111 -0.0516 0.0109  27 GLN A C   
213 O O   . GLN A 27 ? 0.3936 0.3120 0.3430 -0.0152 -0.0602 0.0137  27 GLN A O   
214 C CB  . GLN A 27 ? 0.4088 0.2958 0.3061 -0.0134 -0.0615 0.0067  27 GLN A CB  
215 C CG  . GLN A 27 ? 0.4784 0.3466 0.3479 -0.0119 -0.0620 0.0017  27 GLN A CG  
216 C CD  . GLN A 27 ? 0.6964 0.5541 0.5630 -0.0109 -0.0645 -0.0011 27 GLN A CD  
217 O OE1 . GLN A 27 ? 0.7167 0.5717 0.5942 -0.0159 -0.0736 0.0015  27 GLN A OE1 
218 N NE2 . GLN A 27 ? 0.7364 0.5880 0.5883 -0.0047 -0.0568 -0.0061 27 GLN A NE2 
219 N N   . GLY A 28 ? 0.2381 0.1706 0.1861 -0.0079 -0.0424 0.0113  28 GLY A N   
220 C CA  . GLY A 28 ? 0.2521 0.1993 0.2225 -0.0082 -0.0412 0.0144  28 GLY A CA  
221 C C   . GLY A 28 ? 0.2473 0.2000 0.2255 -0.0088 -0.0437 0.0167  28 GLY A C   
222 O O   . GLY A 28 ? 0.2680 0.2323 0.2644 -0.0080 -0.0430 0.0188  28 GLY A O   
223 N N   . LEU A 29 ? 0.2439 0.1874 0.2071 -0.0097 -0.0466 0.0164  29 LEU A N   
224 C CA  . LEU A 29 ? 0.2444 0.1901 0.2125 -0.0098 -0.0495 0.0187  29 LEU A CA  
225 C C   . LEU A 29 ? 0.2629 0.2199 0.2386 -0.0071 -0.0402 0.0182  29 LEU A C   
226 O O   . LEU A 29 ? 0.2444 0.2027 0.2109 -0.0065 -0.0325 0.0163  29 LEU A O   
227 C CB  . LEU A 29 ? 0.2462 0.1780 0.1930 -0.0122 -0.0536 0.0190  29 LEU A CB  
228 C CG  . LEU A 29 ? 0.2520 0.1801 0.1987 -0.0129 -0.0588 0.0220  29 LEU A CG  
229 C CD1 . LEU A 29 ? 0.3117 0.2402 0.2727 -0.0128 -0.0703 0.0247  29 LEU A CD1 
230 C CD2 . LEU A 29 ? 0.3069 0.2204 0.2279 -0.0162 -0.0606 0.0225  29 LEU A CD2 
231 N N   . ASN A 30 ? 0.1943 0.1595 0.1868 -0.0052 -0.0411 0.0197  30 ASN A N   
232 C CA  . ASN A 30 ? 0.1826 0.1563 0.1808 -0.0027 -0.0333 0.0188  30 ASN A CA  
233 C C   . ASN A 30 ? 0.2002 0.1661 0.1863 -0.0041 -0.0336 0.0193  30 ASN A C   
234 O O   . ASN A 30 ? 0.2032 0.1627 0.1899 -0.0040 -0.0405 0.0212  30 ASN A O   
235 C CB  . ASN A 30 ? 0.2026 0.1867 0.2211 0.0006  -0.0335 0.0196  30 ASN A CB  
236 C CG  . ASN A 30 ? 0.2366 0.2280 0.2594 0.0034  -0.0255 0.0178  30 ASN A CG  
237 O OD1 . ASN A 30 ? 0.2372 0.2262 0.2490 0.0022  -0.0210 0.0165  30 ASN A OD1 
238 N ND2 . ASN A 30 ? 0.2827 0.2835 0.3213 0.0070  -0.0240 0.0178  30 ASN A ND2 
239 N N   . LEU A 31 ? 0.1988 0.1653 0.1740 -0.0058 -0.0268 0.0179  31 LEU A N   
240 C CA  . LEU A 31 ? 0.1917 0.1516 0.1545 -0.0090 -0.0266 0.0191  31 LEU A CA  
241 C C   . LEU A 31 ? 0.1845 0.1477 0.1547 -0.0080 -0.0243 0.0189  31 LEU A C   
242 O O   . LEU A 31 ? 0.2654 0.2199 0.2273 -0.0109 -0.0267 0.0206  31 LEU A O   
243 C CB  . LEU A 31 ? 0.1908 0.1526 0.1404 -0.0116 -0.0196 0.0179  31 LEU A CB  
244 C CG  . LEU A 31 ? 0.1970 0.1544 0.1370 -0.0113 -0.0204 0.0167  31 LEU A CG  
245 C CD1 . LEU A 31 ? 0.2423 0.2050 0.1721 -0.0118 -0.0118 0.0148  31 LEU A CD1 
246 C CD2 . LEU A 31 ? 0.2859 0.2283 0.2131 -0.0142 -0.0291 0.0190  31 LEU A CD2 
247 N N   . GLY A 32 ? 0.1837 0.1576 0.1676 -0.0043 -0.0201 0.0169  32 GLY A N   
248 C CA  . GLY A 32 ? 0.1780 0.1539 0.1671 -0.0027 -0.0179 0.0159  32 GLY A CA  
249 C C   . GLY A 32 ? 0.1928 0.1811 0.1913 0.0003  -0.0111 0.0135  32 GLY A C   
250 O O   . GLY A 32 ? 0.1781 0.1731 0.1755 -0.0004 -0.0070 0.0130  32 GLY A O   
251 N N   . CYS A 33 ? 0.1827 0.1734 0.1894 0.0038  -0.0101 0.0120  33 CYS A N   
252 C CA  . CYS A 33 ? 0.1848 0.1864 0.1989 0.0065  -0.0039 0.0101  33 CYS A CA  
253 C C   . CYS A 33 ? 0.1817 0.1822 0.1973 0.0093  -0.0021 0.0077  33 CYS A C   
254 O O   . CYS A 33 ? 0.2032 0.1941 0.2172 0.0107  -0.0063 0.0073  33 CYS A O   
255 C CB  . CYS A 33 ? 0.1674 0.1766 0.1933 0.0094  -0.0035 0.0110  33 CYS A CB  
256 S SG  . CYS A 33 ? 0.2304 0.2393 0.2698 0.0140  -0.0085 0.0117  33 CYS A SG  
257 N N   . ARG A 34 ? 0.1607 0.1687 0.1773 0.0102  0.0036  0.0058  34 ARG A N   
258 C CA  . ARG A 34 ? 0.1638 0.1707 0.1802 0.0134  0.0060  0.0027  34 ARG A CA  
259 C C   . ARG A 34 ? 0.1529 0.1708 0.1746 0.0163  0.0121  0.0017  34 ARG A C   
260 O O   . ARG A 34 ? 0.1525 0.1774 0.1748 0.0145  0.0144  0.0034  34 ARG A O   
261 C CB  . ARG A 34 ? 0.1772 0.1779 0.1818 0.0088  0.0054  0.0012  34 ARG A CB  
262 C CG  . ARG A 34 ? 0.2111 0.1995 0.2077 0.0043  -0.0002 0.0027  34 ARG A CG  
263 C CD  . ARG A 34 ? 0.2146 0.1906 0.2114 0.0088  -0.0045 0.0012  34 ARG A CD  
264 N NE  . ARG A 34 ? 0.2808 0.2417 0.2665 0.0034  -0.0102 0.0028  34 ARG A NE  
265 C CZ  . ARG A 34 ? 0.3500 0.3046 0.3327 0.0007  -0.0149 0.0065  34 ARG A CZ  
266 N NH1 . ARG A 34 ? 0.3142 0.2761 0.3047 0.0031  -0.0153 0.0083  34 ARG A NH1 
267 N NH2 . ARG A 34 ? 0.4148 0.3546 0.3855 -0.0049 -0.0199 0.0085  34 ARG A NH2 
268 N N   . GLY A 35 ? 0.1696 0.1876 0.1935 0.0211  0.0149  -0.0011 35 GLY A N   
269 C CA  . GLY A 35 ? 0.1826 0.2094 0.2076 0.0231  0.0213  -0.0021 35 GLY A CA  
270 C C   . GLY A 35 ? 0.1523 0.1898 0.1888 0.0242  0.0242  0.0011  35 GLY A C   
271 O O   . GLY A 35 ? 0.1782 0.2183 0.2257 0.0265  0.0225  0.0024  35 GLY A O   
272 N N   . THR A 36 ? 0.1474 0.1910 0.1815 0.0222  0.0278  0.0027  36 THR A N   
273 C CA  . THR A 36 ? 0.1305 0.1829 0.1735 0.0223  0.0311  0.0060  36 THR A CA  
274 C C   . THR A 36 ? 0.1508 0.2030 0.2004 0.0193  0.0264  0.0094  36 THR A C   
275 O O   . THR A 36 ? 0.1980 0.2567 0.2571 0.0184  0.0275  0.0125  36 THR A O   
276 C CB  . THR A 36 ? 0.1363 0.1917 0.1721 0.0205  0.0348  0.0074  36 THR A CB  
277 O OG1 . THR A 36 ? 0.1483 0.1991 0.1763 0.0178  0.0310  0.0077  36 THR A OG1 
278 C CG2 . THR A 36 ? 0.1502 0.2061 0.1782 0.0232  0.0398  0.0043  36 THR A CG2 
279 N N   . LEU A 37 ? 0.1414 0.1862 0.1851 0.0170  0.0212  0.0092  37 LEU A N   
280 C CA  . LEU A 37 ? 0.1587 0.2012 0.2054 0.0144  0.0164  0.0118  37 LEU A CA  
281 C C   . LEU A 37 ? 0.1848 0.2231 0.2366 0.0151  0.0109  0.0117  37 LEU A C   
282 O O   . LEU A 37 ? 0.1973 0.2289 0.2432 0.0157  0.0086  0.0099  37 LEU A O   
283 C CB  . LEU A 37 ? 0.1380 0.1750 0.1736 0.0119  0.0147  0.0117  37 LEU A CB  
284 C CG  . LEU A 37 ? 0.1350 0.1755 0.1659 0.0121  0.0187  0.0120  37 LEU A CG  
285 C CD1 . LEU A 37 ? 0.1432 0.1808 0.1653 0.0113  0.0173  0.0115  37 LEU A CD1 
286 C CD2 . LEU A 37 ? 0.2031 0.2465 0.2394 0.0116  0.0201  0.0151  37 LEU A CD2 
287 N N   . SER A 38 ? 0.1859 0.2280 0.2487 0.0146  0.0081  0.0142  38 SER A N   
288 C CA  . SER A 38 ? 0.1809 0.2212 0.2513 0.0163  0.0022  0.0146  38 SER A CA  
289 C C   . SER A 38 ? 0.1982 0.2359 0.2717 0.0125  -0.0049 0.0175  38 SER A C   
290 O O   . SER A 38 ? 0.1802 0.2150 0.2477 0.0088  -0.0053 0.0187  38 SER A O   
291 C CB  . SER A 38 ? 0.2721 0.3231 0.3570 0.0213  0.0058  0.0140  38 SER A CB  
292 O OG  . SER A 38 ? 0.3665 0.4296 0.4621 0.0196  0.0101  0.0166  38 SER A OG  
293 N N   . ASP A 39 ? 0.1949 0.2325 0.2773 0.0140  -0.0116 0.0185  39 ASP A N   
294 C CA  . ASP A 39 ? 0.2059 0.2387 0.2890 0.0101  -0.0203 0.0211  39 ASP A CA  
295 C C   . ASP A 39 ? 0.2017 0.2399 0.2906 0.0054  -0.0200 0.0237  39 ASP A C   
296 O O   . ASP A 39 ? 0.2234 0.2523 0.3033 0.0011  -0.0253 0.0245  39 ASP A O   
297 C CB  . ASP A 39 ? 0.2192 0.2550 0.3156 0.0131  -0.0277 0.0225  39 ASP A CB  
298 C CG  . ASP A 39 ? 0.3697 0.3937 0.4565 0.0165  -0.0316 0.0209  39 ASP A CG  
299 O OD1 . ASP A 39 ? 0.3906 0.4045 0.4604 0.0150  -0.0289 0.0192  39 ASP A OD1 
300 O OD2 . ASP A 39 ? 0.3873 0.4127 0.4844 0.0205  -0.0378 0.0218  39 ASP A OD2 
301 N N   . GLU A 40 ? 0.1652 0.2172 0.2675 0.0061  -0.0136 0.0248  40 GLU A N   
302 C CA  . GLU A 40 ? 0.2179 0.2749 0.3265 0.0006  -0.0137 0.0282  40 GLU A CA  
303 C C   . GLU A 40 ? 0.2449 0.2914 0.3370 -0.0025 -0.0113 0.0278  40 GLU A C   
304 O O   . GLU A 40 ? 0.2447 0.2888 0.3373 -0.0076 -0.0137 0.0305  40 GLU A O   
305 C CB  . GLU A 40 ? 0.2645 0.3397 0.3907 0.0016  -0.0062 0.0301  40 GLU A CB  
306 C CG  . GLU A 40 ? 0.2289 0.3064 0.3478 0.0054  0.0042  0.0278  40 GLU A CG  
307 C CD  . GLU A 40 ? 0.5660 0.6613 0.7002 0.0080  0.0124  0.0287  40 GLU A CD  
308 O OE1 . GLU A 40 ? 0.6278 0.7263 0.7629 0.0150  0.0168  0.0251  40 GLU A OE1 
309 O OE2 . GLU A 40 ? 0.6570 0.7623 0.8017 0.0029  0.0145  0.0330  40 GLU A OE2 
310 N N   . HIS A 41 ? 0.1803 0.2205 0.2585 0.0008  -0.0072 0.0246  41 HIS A N   
311 C CA  . HIS A 41 ? 0.1552 0.1878 0.2195 -0.0002 -0.0045 0.0239  41 HIS A CA  
312 C C   . HIS A 41 ? 0.1682 0.1868 0.2172 -0.0009 -0.0097 0.0220  41 HIS A C   
313 O O   . HIS A 41 ? 0.1873 0.1991 0.2257 -0.0010 -0.0085 0.0213  41 HIS A O   
314 C CB  . HIS A 41 ? 0.1863 0.2225 0.2450 0.0035  0.0033  0.0217  41 HIS A CB  
315 C CG  . HIS A 41 ? 0.1743 0.2228 0.2440 0.0053  0.0095  0.0226  41 HIS A CG  
316 N ND1 . HIS A 41 ? 0.3224 0.3778 0.3994 0.0026  0.0127  0.0260  41 HIS A ND1 
317 C CD2 . HIS A 41 ? 0.1512 0.2052 0.2239 0.0094  0.0133  0.0202  41 HIS A CD2 
318 C CE1 . HIS A 41 ? 0.2146 0.2811 0.2992 0.0053  0.0192  0.0256  41 HIS A CE1 
319 N NE2 . HIS A 41 ? 0.2858 0.3508 0.3675 0.0100  0.0195  0.0217  41 HIS A NE2 
320 N N   . ALA A 42 ? 0.1703 0.1844 0.2176 -0.0009 -0.0152 0.0212  42 ALA A N   
321 C CA  . ALA A 42 ? 0.2214 0.2230 0.2520 -0.0013 -0.0184 0.0192  42 ALA A CA  
322 C C   . ALA A 42 ? 0.1985 0.1892 0.2207 -0.0042 -0.0234 0.0194  42 ALA A C   
323 O O   . ALA A 42 ? 0.2180 0.2006 0.2258 -0.0028 -0.0216 0.0170  42 ALA A O   
324 C CB  . ALA A 42 ? 0.2113 0.2089 0.2398 -0.0013 -0.0237 0.0190  42 ALA A CB  
325 N N   . GLY A 43 ? 0.2055 0.1962 0.2372 -0.0082 -0.0297 0.0221  43 GLY A N   
326 C CA  . GLY A 43 ? 0.2204 0.1985 0.2436 -0.0119 -0.0358 0.0223  43 GLY A CA  
327 C C   . GLY A 43 ? 0.2737 0.2480 0.2905 -0.0107 -0.0305 0.0217  43 GLY A C   
328 O O   . GLY A 43 ? 0.2605 0.2212 0.2610 -0.0094 -0.0318 0.0190  43 GLY A O   
329 N N   . VAL A 44 ? 0.2008 0.1867 0.2294 -0.0106 -0.0247 0.0242  44 VAL A N   
330 C CA  . VAL A 44 ? 0.2117 0.1938 0.2342 -0.0094 -0.0204 0.0245  44 VAL A CA  
331 C C   . VAL A 44 ? 0.2240 0.2025 0.2327 -0.0029 -0.0154 0.0204  44 VAL A C   
332 O O   . VAL A 44 ? 0.2397 0.2069 0.2365 -0.0006 -0.0159 0.0188  44 VAL A O   
333 C CB  . VAL A 44 ? 0.2392 0.2353 0.2751 -0.0104 -0.0142 0.0280  44 VAL A CB  
334 C CG1 . VAL A 44 ? 0.2513 0.2412 0.2788 -0.0093 -0.0109 0.0290  44 VAL A CG1 
335 C CG2 . VAL A 44 ? 0.3293 0.3330 0.3816 -0.0170 -0.0178 0.0324  44 VAL A CG2 
336 N N   . ILE A 45 ? 0.1681 0.1562 0.1791 0.0002  -0.0108 0.0187  45 ILE A N   
337 C CA  . ILE A 45 ? 0.1898 0.1780 0.1905 0.0052  -0.0063 0.0154  45 ILE A CA  
338 C C   . ILE A 45 ? 0.2126 0.1880 0.1982 0.0067  -0.0094 0.0122  45 ILE A C   
339 O O   . ILE A 45 ? 0.2129 0.1846 0.1893 0.0112  -0.0067 0.0099  45 ILE A O   
340 C CB  . ILE A 45 ? 0.1799 0.1789 0.1853 0.0062  -0.0025 0.0146  45 ILE A CB  
341 C CG1 . ILE A 45 ? 0.1792 0.1890 0.1943 0.0068  0.0025  0.0162  45 ILE A CG1 
342 C CG2 . ILE A 45 ? 0.1807 0.1798 0.1758 0.0091  0.0007  0.0115  45 ILE A CG2 
343 C CD1 . ILE A 45 ? 0.2202 0.2380 0.2415 0.0070  0.0044  0.0157  45 ILE A CD1 
344 N N   . SER A 46 ? 0.2073 0.1759 0.1900 0.0034  -0.0154 0.0122  46 SER A N   
345 C CA  A SER A 46 ? 0.2440 0.1991 0.2098 0.0044  -0.0184 0.0090  46 SER A CA  
346 C CA  B SER A 46 ? 0.2400 0.1950 0.2057 0.0043  -0.0184 0.0090  46 SER A CA  
347 C C   . SER A 46 ? 0.2588 0.1993 0.2156 0.0053  -0.0218 0.0078  46 SER A C   
348 O O   . SER A 46 ? 0.2874 0.2196 0.2299 0.0102  -0.0199 0.0040  46 SER A O   
349 C CB  A SER A 46 ? 0.2224 0.1723 0.1861 0.0000  -0.0254 0.0098  46 SER A CB  
350 C CB  B SER A 46 ? 0.2243 0.1738 0.1874 0.0001  -0.0253 0.0096  46 SER A CB  
351 O OG  A SER A 46 ? 0.2763 0.2125 0.2209 0.0008  -0.0277 0.0065  46 SER A OG  
352 O OG  B SER A 46 ? 0.2364 0.1802 0.2057 -0.0048 -0.0336 0.0121  46 SER A OG  
353 N N   . VAL A 47 ? 0.2363 0.1739 0.2015 0.0005  -0.0268 0.0111  47 VAL A N   
354 C CA  . VAL A 47 ? 0.2623 0.1835 0.2182 0.0002  -0.0310 0.0105  47 VAL A CA  
355 C C   . VAL A 47 ? 0.2551 0.1759 0.2063 0.0073  -0.0249 0.0090  47 VAL A C   
356 O O   . VAL A 47 ? 0.2791 0.1846 0.2152 0.0119  -0.0262 0.0055  47 VAL A O   
357 C CB  . VAL A 47 ? 0.2883 0.2083 0.2559 -0.0080 -0.0373 0.0156  47 VAL A CB  
358 C CG1 . VAL A 47 ? 0.2887 0.1902 0.2461 -0.0089 -0.0415 0.0157  47 VAL A CG1 
359 C CG2 . VAL A 47 ? 0.3064 0.2246 0.2777 -0.0143 -0.0457 0.0167  47 VAL A CG2 
360 N N   . LEU A 48 ? 0.2245 0.1614 0.1876 0.0087  -0.0185 0.0114  48 LEU A N   
361 C CA  . LEU A 48 ? 0.2202 0.1586 0.1799 0.0156  -0.0135 0.0104  48 LEU A CA  
362 C C   . LEU A 48 ? 0.2280 0.1651 0.1761 0.0235  -0.0099 0.0050  48 LEU A C   
363 O O   . LEU A 48 ? 0.2381 0.1655 0.1762 0.0300  -0.0098 0.0024  48 LEU A O   
364 C CB  . LEU A 48 ? 0.2061 0.1627 0.1788 0.0155  -0.0076 0.0135  48 LEU A CB  
365 C CG  . LEU A 48 ? 0.2281 0.1868 0.2109 0.0093  -0.0089 0.0189  48 LEU A CG  
366 C CD1 . LEU A 48 ? 0.2116 0.1884 0.2060 0.0090  -0.0027 0.0209  48 LEU A CD1 
367 C CD2 . LEU A 48 ? 0.2648 0.2100 0.2400 0.0105  -0.0110 0.0208  48 LEU A CD2 
368 N N   . ALA A 49 ? 0.2357 0.1826 0.1849 0.0228  -0.0071 0.0035  49 ALA A N   
369 C CA  . ALA A 49 ? 0.2565 0.2055 0.1957 0.0291  -0.0025 -0.0011 49 ALA A CA  
370 C C   . ALA A 49 ? 0.2551 0.1847 0.1766 0.0320  -0.0061 -0.0053 49 ALA A C   
371 O O   . ALA A 49 ? 0.2808 0.2072 0.1927 0.0402  -0.0026 -0.0095 49 ALA A O   
372 C CB  . ALA A 49 ? 0.2422 0.2040 0.1854 0.0258  0.0008  -0.0008 49 ALA A CB  
373 N N   . GLN A 50 ? 0.2714 0.1880 0.1882 0.0255  -0.0134 -0.0045 50 GLN A N   
374 C CA  . GLN A 50 ? 0.3100 0.2058 0.2073 0.0274  -0.0180 -0.0088 50 GLN A CA  
375 C C   . GLN A 50 ? 0.3113 0.1901 0.2008 0.0320  -0.0211 -0.0105 50 GLN A C   
376 O O   . GLN A 50 ? 0.3622 0.2271 0.2346 0.0393  -0.0206 -0.0161 50 GLN A O   
377 C CB  . GLN A 50 ? 0.3656 0.2515 0.2598 0.0186  -0.0268 -0.0073 50 GLN A CB  
378 C CG  . GLN A 50 ? 0.4021 0.3003 0.3002 0.0149  -0.0250 -0.0059 50 GLN A CG  
379 C CD  . GLN A 50 ? 0.4638 0.3651 0.3482 0.0204  -0.0175 -0.0100 50 GLN A CD  
380 O OE1 . GLN A 50 ? 0.4028 0.3217 0.2956 0.0213  -0.0102 -0.0089 50 GLN A OE1 
381 N NE2 . GLN A 50 ? 0.4583 0.3425 0.3215 0.0234  -0.0192 -0.0148 50 GLN A NE2 
382 N N   . GLN A 51 ? 0.3105 0.1897 0.2115 0.0279  -0.0242 -0.0057 51 GLN A N   
383 C CA  . GLN A 51 ? 0.3001 0.1619 0.1933 0.0317  -0.0276 -0.0062 51 GLN A CA  
384 C C   . GLN A 51 ? 0.3139 0.1813 0.2046 0.0440  -0.0205 -0.0093 51 GLN A C   
385 O O   . GLN A 51 ? 0.3487 0.1984 0.2250 0.0519  -0.0222 -0.0135 51 GLN A O   
386 C CB  . GLN A 51 ? 0.3398 0.2020 0.2457 0.0234  -0.0318 0.0007  51 GLN A CB  
387 C CG  . GLN A 51 ? 0.3680 0.2232 0.2770 0.0116  -0.0402 0.0039  51 GLN A CG  
388 C CD  . GLN A 51 ? 0.4374 0.2643 0.3271 0.0104  -0.0494 0.0004  51 GLN A CD  
389 O OE1 . GLN A 51 ? 0.4514 0.2592 0.3300 0.0136  -0.0524 -0.0006 51 GLN A OE1 
390 N NE2 . GLN A 51 ? 0.5084 0.3301 0.3923 0.0057  -0.0546 -0.0015 51 GLN A NE2 
391 N N   . ALA A 52 ? 0.2823 0.1736 0.1869 0.0458  -0.0132 -0.0075 52 ALA A N   
392 C CA  . ALA A 52 ? 0.3277 0.2279 0.2327 0.0570  -0.0072 -0.0099 52 ALA A CA  
393 C C   . ALA A 52 ? 0.3433 0.2394 0.2346 0.0663  -0.0035 -0.0171 52 ALA A C   
394 O O   . ALA A 52 ? 0.4208 0.3112 0.3054 0.0776  -0.0020 -0.0207 52 ALA A O   
395 C CB  . ALA A 52 ? 0.3601 0.2871 0.2819 0.0557  -0.0010 -0.0069 52 ALA A CB  
396 N N   . ALA A 53 ? 0.3471 0.2454 0.2333 0.0620  -0.0021 -0.0190 53 ALA A N   
397 C CA  . ALA A 53 ? 0.3868 0.2824 0.2585 0.0697  0.0027  -0.0257 53 ALA A CA  
398 C C   . ALA A 53 ? 0.5113 0.3784 0.3626 0.0765  -0.0023 -0.0311 53 ALA A C   
399 O O   . ALA A 53 ? 0.5018 0.3665 0.3421 0.0879  0.0027  -0.0373 53 ALA A O   
400 C CB  . ALA A 53 ? 0.4128 0.3126 0.2800 0.0621  0.0038  -0.0257 53 ALA A CB  
401 N N   . LYS A 54 ? 0.4322 0.2780 0.2789 0.0696  -0.0123 -0.0287 54 LYS A N   
402 C CA  . LYS A 54 ? 0.5031 0.3178 0.3290 0.0746  -0.0188 -0.0336 54 LYS A CA  
403 C C   . LYS A 54 ? 0.5553 0.3639 0.3794 0.0874  -0.0173 -0.0357 54 LYS A C   
404 O O   . LYS A 54 ? 0.5628 0.3475 0.3678 0.0963  -0.0202 -0.0418 54 LYS A O   
405 C CB  . LYS A 54 ? 0.4888 0.2836 0.3123 0.0622  -0.0306 -0.0294 54 LYS A CB  
406 C CG  . LYS A 54 ? 0.4780 0.2767 0.3029 0.0505  -0.0340 -0.0274 54 LYS A CG  
407 C CD  . LYS A 54 ? 0.6348 0.4136 0.4574 0.0389  -0.0465 -0.0239 54 LYS A CD  
408 C CE  . LYS A 54 ? 0.7214 0.5043 0.5457 0.0284  -0.0510 -0.0221 54 LYS A CE  
409 N NZ  . LYS A 54 ? 0.8655 0.6338 0.6917 0.0162  -0.0636 -0.0179 54 LYS A NZ  
410 N N   . LEU A 55 ? 0.6072 0.4365 0.4502 0.0888  -0.0134 -0.0308 55 LEU A N   
411 C CA  . LEU A 55 ? 0.6312 0.4564 0.4742 0.1010  -0.0132 -0.0317 55 LEU A CA  
412 C C   . LEU A 55 ? 0.6647 0.5084 0.5098 0.1157  -0.0034 -0.0374 55 LEU A C   
413 O O   . LEU A 55 ? 0.7031 0.5571 0.5575 0.1248  -0.0014 -0.0364 55 LEU A O   
414 C CB  . LEU A 55 ? 0.6233 0.4590 0.4833 0.0954  -0.0151 -0.0234 55 LEU A CB  
415 C CG  . LEU A 55 ? 0.5583 0.3750 0.4168 0.0831  -0.0244 -0.0173 55 LEU A CG  
416 C CD1 . LEU A 55 ? 0.5667 0.3960 0.4403 0.0793  -0.0242 -0.0095 55 LEU A CD1 
417 C CD2 . LEU A 55 ? 0.5454 0.3258 0.3831 0.0873  -0.0328 -0.0204 55 LEU A CD2 
418 N N   . THR A 56 ? 0.6735 0.8015 0.5576 0.1827  0.1928  0.0519  56 THR A N   
419 C CA  . THR A 56 ? 0.7788 0.9032 0.6676 0.1853  0.1976  0.0642  56 THR A CA  
420 C C   . THR A 56 ? 0.9617 1.0973 0.8416 0.1965  0.2024  0.0683  56 THR A C   
421 O O   . THR A 56 ? 1.0026 1.1486 0.8722 0.2050  0.2011  0.0653  56 THR A O   
422 C CB  . THR A 56 ? 0.7732 0.8881 0.6720 0.1832  0.1977  0.0765  56 THR A CB  
423 O OG1 . THR A 56 ? 0.8770 0.9947 0.7693 0.1900  0.1980  0.0811  56 THR A OG1 
424 C CG2 . THR A 56 ? 0.7760 0.8793 0.6829 0.1736  0.1925  0.0731  56 THR A CG2 
425 N N   . SER A 57 ? 1.0789 1.2130 0.9618 0.1980  0.2080  0.0748  57 SER A N   
426 C CA  . SER A 57 ? 1.1549 1.2952 1.0306 0.2093  0.2147  0.0832  57 SER A CA  
427 C C   . SER A 57 ? 1.1879 1.3194 1.0763 0.2074  0.2205  0.0978  57 SER A C   
428 O O   . SER A 57 ? 1.1778 1.3033 1.0809 0.1980  0.2190  0.0987  57 SER A O   
429 C CB  . SER A 57 ? 1.1938 1.3396 1.0638 0.2122  0.2180  0.0783  57 SER A CB  
430 O OG  . SER A 57 ? 1.2135 1.3645 1.0744 0.2244  0.2248  0.0865  57 SER A OG  
431 N N   . ASP A 58 ? 1.2453 1.3760 1.1280 0.2165  0.2279  0.1085  58 ASP A N   
432 C CA  . ASP A 58 ? 1.2875 1.4086 1.1835 0.2133  0.2359  0.1213  58 ASP A CA  
433 C C   . ASP A 58 ? 1.3001 1.4223 1.2129 0.2075  0.2407  0.1246  58 ASP A C   
434 O O   . ASP A 58 ? 1.3210 1.4479 1.2374 0.2033  0.2353  0.1167  58 ASP A O   
435 C CB  . ASP A 58 ? 1.3055 1.4222 1.1875 0.2261  0.2458  0.1321  58 ASP A CB  
436 C CG  . ASP A 58 ? 1.2834 1.3996 1.1497 0.2329  0.2405  0.1290  58 ASP A CG  
437 O OD1 . ASP A 58 ? 1.2826 1.3867 1.1477 0.2346  0.2460  0.1378  58 ASP A OD1 
438 O OD2 . ASP A 58 ? 1.2536 1.3815 1.1098 0.2363  0.2312  0.1170  58 ASP A OD2 
439 N N   . PRO A 59 ? 1.3037 1.4217 1.2274 0.2075  0.2520  0.1358  59 PRO A N   
440 C CA  . PRO A 59 ? 1.3167 1.4245 1.2367 0.2123  0.2630  0.1468  59 PRO A CA  
441 C C   . PRO A 59 ? 1.2874 1.3854 1.2148 0.2043  0.2593  0.1467  59 PRO A C   
442 O O   . PRO A 59 ? 1.3095 1.4070 1.2584 0.1918  0.2555  0.1436  59 PRO A O   
443 C CB  . PRO A 59 ? 1.3364 1.4433 1.2739 0.2095  0.2765  0.1554  59 PRO A CB  
444 C CG  . PRO A 59 ? 1.3261 1.4457 1.2692 0.2087  0.2723  0.1497  59 PRO A CG  
445 C CD  . PRO A 59 ? 1.3109 1.4344 1.2531 0.2027  0.2563  0.1375  59 PRO A CD  
446 N N   . THR A 60 ? 1.2269 1.3178 1.1351 0.2130  0.2601  0.1495  60 THR A N   
447 C CA  . THR A 60 ? 1.1379 1.2169 1.0488 0.2078  0.2585  0.1508  60 THR A CA  
448 C C   . THR A 60 ? 0.9340 1.0157 0.8617 0.1936  0.2451  0.1407  60 THR A C   
449 O O   . THR A 60 ? 1.0132 1.0848 0.9519 0.1852  0.2449  0.1418  60 THR A O   
450 C CB  . THR A 60 ? 1.2380 1.3010 1.1584 0.2050  0.2750  0.1626  60 THR A CB  
451 O OG1 . THR A 60 ? 1.2999 1.3485 1.2164 0.2029  0.2747  0.1644  60 THR A OG1 
452 C CG2 . THR A 60 ? 1.2431 1.3103 1.1944 0.1903  0.2776  0.1610  60 THR A CG2 
453 N N   . ASP A 61 ? 0.7291 0.8222 0.6564 0.1919  0.2347  0.1307  61 ASP A N   
454 C CA  . ASP A 61 ? 0.5617 0.6549 0.5000 0.1811  0.2231  0.1214  61 ASP A CA  
455 C C   . ASP A 61 ? 0.5802 0.6710 0.5052 0.1826  0.2145  0.1149  61 ASP A C   
456 O O   . ASP A 61 ? 0.6095 0.7062 0.5288 0.1818  0.2069  0.1050  61 ASP A O   
457 C CB  . ASP A 61 ? 0.5465 0.6489 0.4886 0.1792  0.2187  0.1143  61 ASP A CB  
458 C CG  . ASP A 61 ? 0.6178 0.7174 0.5717 0.1699  0.2095  0.1070  61 ASP A CG  
459 O OD1 . ASP A 61 ? 0.6461 0.7489 0.5968 0.1698  0.2051  0.0999  61 ASP A OD1 
460 O OD2 . ASP A 61 ? 0.4420 0.5350 0.4068 0.1635  0.2072  0.1082  61 ASP A OD2 
461 N N   . ILE A 62 ? 0.6133 0.6946 0.5335 0.1846  0.2172  0.1204  62 ILE A N   
462 C CA  . ILE A 62 ? 0.6735 0.7531 0.5825 0.1866  0.2097  0.1151  62 ILE A CA  
463 C C   . ILE A 62 ? 0.5438 0.6170 0.4643 0.1749  0.2009  0.1084  62 ILE A C   
464 O O   . ILE A 62 ? 0.5802 0.6431 0.5128 0.1679  0.2023  0.1125  62 ILE A O   
465 C CB  . ILE A 62 ? 0.7983 0.8670 0.6967 0.1942  0.2167  0.1243  62 ILE A CB  
466 C CG1 . ILE A 62 ? 0.8497 0.9111 0.7494 0.1983  0.2313  0.1366  62 ILE A CG1 
467 C CG2 . ILE A 62 ? 0.8153 0.8926 0.6923 0.2074  0.2129  0.1203  62 ILE A CG2 
468 C CD1 . ILE A 62 ? 0.8340 0.8770 0.7265 0.2023  0.2413  0.1468  62 ILE A CD1 
469 N N   . PRO A 63 ? 0.5342 0.6124 0.4503 0.1729  0.1925  0.0975  63 PRO A N   
470 C CA  . PRO A 63 ? 0.3695 0.4393 0.2930 0.1638  0.1851  0.0917  63 PRO A CA  
471 C C   . PRO A 63 ? 0.4066 0.4659 0.3277 0.1627  0.1830  0.0941  63 PRO A C   
472 O O   . PRO A 63 ? 0.5409 0.6024 0.4496 0.1699  0.1838  0.0948  63 PRO A O   
473 C CB  . PRO A 63 ? 0.4455 0.5211 0.3608 0.1636  0.1805  0.0801  63 PRO A CB  
474 C CG  . PRO A 63 ? 0.5436 0.6323 0.4527 0.1702  0.1850  0.0791  63 PRO A CG  
475 C CD  . PRO A 63 ? 0.5586 0.6499 0.4634 0.1785  0.1909  0.0893  63 PRO A CD  
476 N N   . VAL A 64 ? 0.2957 0.3441 0.2279 0.1549  0.1798  0.0946  64 VAL A N   
477 C CA  . VAL A 64 ? 0.2916 0.3279 0.2210 0.1527  0.1765  0.0948  64 VAL A CA  
478 C C   . VAL A 64 ? 0.3200 0.3554 0.2420 0.1515  0.1690  0.0852  64 VAL A C   
479 O O   . VAL A 64 ? 0.3333 0.3697 0.2578 0.1483  0.1656  0.0788  64 VAL A O   
480 C CB  . VAL A 64 ? 0.3380 0.3643 0.2829 0.1442  0.1748  0.0963  64 VAL A CB  
481 C CG1 . VAL A 64 ? 0.3669 0.3790 0.3075 0.1419  0.1712  0.0957  64 VAL A CG1 
482 C CG2 . VAL A 64 ? 0.3987 0.4255 0.3550 0.1430  0.1846  0.1043  64 VAL A CG2 
483 N N   . VAL A 65 ? 0.2164 0.2300 0.1826 0.0766  0.0578  0.0445  65 VAL A N   
484 C CA  . VAL A 65 ? 0.2222 0.2102 0.1785 0.0723  0.0587  0.0366  65 VAL A CA  
485 C C   . VAL A 65 ? 0.2267 0.2182 0.1890 0.0608  0.0545  0.0362  65 VAL A C   
486 O O   . VAL A 65 ? 0.2528 0.2540 0.2260 0.0512  0.0496  0.0357  65 VAL A O   
487 C CB  . VAL A 65 ? 0.3140 0.2822 0.2685 0.0669  0.0595  0.0270  65 VAL A CB  
488 C CG1 . VAL A 65 ? 0.3047 0.2512 0.2531 0.0603  0.0611  0.0206  65 VAL A CG1 
489 C CG2 . VAL A 65 ? 0.2983 0.2571 0.2423 0.0784  0.0620  0.0265  65 VAL A CG2 
490 N N   . CYS A 66 ? 0.2429 0.2238 0.1950 0.0626  0.0556  0.0367  66 CYS A N   
491 C CA  A CYS A 66 ? 0.2466 0.2252 0.1988 0.0535  0.0523  0.0355  66 CYS A CA  
492 C CA  B CYS A 66 ? 0.2535 0.2321 0.2058 0.0534  0.0523  0.0354  66 CYS A CA  
493 C CA  C CYS A 66 ? 0.2566 0.2352 0.2087 0.0535  0.0522  0.0354  66 CYS A CA  
494 C C   . CYS A 66 ? 0.2776 0.2317 0.2192 0.0498  0.0577  0.0283  66 CYS A C   
495 O O   . CYS A 66 ? 0.3398 0.2785 0.2703 0.0556  0.0624  0.0277  66 CYS A O   
496 C CB  A CYS A 66 ? 0.2994 0.2885 0.2481 0.0583  0.0483  0.0436  66 CYS A CB  
497 C CB  B CYS A 66 ? 0.2895 0.2788 0.2385 0.0579  0.0481  0.0434  66 CYS A CB  
498 C CB  C CYS A 66 ? 0.2871 0.2765 0.2360 0.0582  0.0481  0.0435  66 CYS A CB  
499 S SG  A CYS A 66 ? 0.5554 0.5402 0.5001 0.0486  0.0415  0.0429  66 CYS A SG  
500 S SG  B CYS A 66 ? 0.4100 0.3773 0.3377 0.0660  0.0527  0.0436  66 CYS A SG  
501 S SG  C CYS A 66 ? 0.3562 0.3805 0.3227 0.0593  0.0409  0.0543  66 CYS A SG  
502 N N   . LEU A 67 ? 0.2315 0.1818 0.1759 0.0405  0.0567  0.0236  67 LEU A N   
503 C CA  . LEU A 67 ? 0.2408 0.1728 0.1773 0.0366  0.0629  0.0185  67 LEU A CA  
504 C C   . LEU A 67 ? 0.2338 0.1639 0.1619 0.0342  0.0609  0.0199  67 LEU A C   
505 O O   . LEU A 67 ? 0.2491 0.1886 0.1820 0.0306  0.0539  0.0200  67 LEU A O   
506 C CB  . LEU A 67 ? 0.2673 0.1971 0.2147 0.0294  0.0649  0.0110  67 LEU A CB  
507 C CG  . LEU A 67 ? 0.4245 0.3507 0.3778 0.0308  0.0661  0.0082  67 LEU A CG  
508 C CD1 . LEU A 67 ? 0.4926 0.4334 0.4543 0.0332  0.0602  0.0098  67 LEU A CD1 
509 C CD2 . LEU A 67 ? 0.4943 0.4138 0.4560 0.0233  0.0693  0.0011  67 LEU A CD2 
510 N N   . GLU A 68 ? 0.2298 0.1449 0.1428 0.0362  0.0660  0.0212  68 GLU A N   
511 C CA  . GLU A 68 ? 0.2621 0.1711 0.1626 0.0351  0.0645  0.0221  68 GLU A CA  
512 C C   . GLU A 68 ? 0.2717 0.1643 0.1623 0.0319  0.0745  0.0188  68 GLU A C   
513 O O   . GLU A 68 ? 0.3066 0.1880 0.1925 0.0324  0.0817  0.0197  68 GLU A O   
514 C CB  . GLU A 68 ? 0.3655 0.2739 0.2538 0.0422  0.0597  0.0293  68 GLU A CB  
515 C CG  . GLU A 68 ? 0.5959 0.4965 0.4692 0.0415  0.0554  0.0304  68 GLU A CG  
516 C CD  . GLU A 68 ? 0.8931 0.8013 0.7617 0.0471  0.0453  0.0378  68 GLU A CD  
517 O OE1 . GLU A 68 ? 1.0362 0.9375 0.8944 0.0546  0.0476  0.0418  68 GLU A OE1 
518 O OE2 . GLU A 68 ? 0.9506 0.8711 0.8258 0.0440  0.0343  0.0398  68 GLU A OE2 
519 N N   . SER A 69 ? 0.2907 0.1811 0.1772 0.0289  0.0748  0.0155  69 SER A N   
520 C CA  . SER A 69 ? 0.3239 0.2017 0.2003 0.0270  0.0857  0.0135  69 SER A CA  
521 C C   . SER A 69 ? 0.3361 0.2079 0.1969 0.0288  0.0828  0.0123  69 SER A C   
522 O O   . SER A 69 ? 0.2969 0.1726 0.1550 0.0301  0.0708  0.0132  69 SER A O   
523 C CB  . SER A 69 ? 0.3546 0.2386 0.2489 0.0216  0.0928  0.0082  69 SER A CB  
524 O OG  . SER A 69 ? 0.3651 0.2585 0.2682 0.0206  0.0874  0.0029  69 SER A OG  
525 N N   . ASP A 70 ? 0.3464 0.2083 0.1964 0.0288  0.0934  0.0108  70 ASP A N   
526 C CA  . ASP A 70 ? 0.3344 0.1874 0.1661 0.0323  0.0915  0.0084  70 ASP A CA  
527 C C   . ASP A 70 ? 0.3432 0.2047 0.1843 0.0315  0.0823  0.0027  70 ASP A C   
528 O O   . ASP A 70 ? 0.3808 0.2331 0.2052 0.0345  0.0732  0.0013  70 ASP A O   
529 C CB  . ASP A 70 ? 0.3730 0.2174 0.1937 0.0334  0.1074  0.0079  70 ASP A CB  
530 C CG  . ASP A 70 ? 0.4723 0.3010 0.2724 0.0349  0.1144  0.0144  70 ASP A CG  
531 O OD1 . ASP A 70 ? 0.5040 0.3267 0.2956 0.0369  0.1052  0.0185  70 ASP A OD1 
532 O OD2 . ASP A 70 ? 0.6433 0.4660 0.4360 0.0343  0.1289  0.0160  70 ASP A OD2 
533 N N   . ASN A 71 ? 0.3216 0.1975 0.1869 0.0276  0.0830  -0.0008 71 ASN A N   
534 C CA  . ASN A 71 ? 0.3359 0.2171 0.2080 0.0270  0.0739  -0.0062 71 ASN A CA  
535 C C   . ASN A 71 ? 0.3247 0.2133 0.2041 0.0240  0.0586  -0.0036 71 ASN A C   
536 O O   . ASN A 71 ? 0.3131 0.2065 0.2005 0.0218  0.0504  -0.0072 71 ASN A O   
537 C CB  . ASN A 71 ? 0.3643 0.2559 0.2561 0.0252  0.0813  -0.0119 71 ASN A CB  
538 C CG  . ASN A 71 ? 0.4354 0.3243 0.3223 0.0286  0.0768  -0.0187 71 ASN A CG  
539 O OD1 . ASN A 71 ? 0.4696 0.3452 0.3340 0.0344  0.0772  -0.0201 71 ASN A OD1 
540 N ND2 . ASN A 71 ? 0.4683 0.3668 0.3731 0.0263  0.0717  -0.0232 71 ASN A ND2 
541 N N   . GLY A 72 ? 0.3075 0.1972 0.1834 0.0244  0.0548  0.0032  72 GLY A N   
542 C CA  . GLY A 72 ? 0.2919 0.1913 0.1743 0.0221  0.0407  0.0078  72 GLY A CA  
543 C C   . GLY A 72 ? 0.2717 0.1860 0.1718 0.0219  0.0428  0.0120  72 GLY A C   
544 O O   . GLY A 72 ? 0.2861 0.1978 0.1867 0.0245  0.0527  0.0128  72 GLY A O   
545 N N   . ASN A 73 ? 0.2220 0.1506 0.1344 0.0191  0.0328  0.0153  73 ASN A N   
546 C CA  A ASN A 73 ? 0.2247 0.1681 0.1514 0.0210  0.0344  0.0200  73 ASN A CA  
547 C CA  B ASN A 73 ? 0.2275 0.1703 0.1542 0.0210  0.0349  0.0197  73 ASN A CA  
548 C C   . ASN A 73 ? 0.2120 0.1666 0.1551 0.0168  0.0314  0.0178  73 ASN A C   
549 O O   . ASN A 73 ? 0.2065 0.1624 0.1511 0.0114  0.0222  0.0168  73 ASN A O   
550 C CB  A ASN A 73 ? 0.2712 0.2256 0.1972 0.0235  0.0261  0.0294  73 ASN A CB  
551 C CB  B ASN A 73 ? 0.2884 0.2416 0.2141 0.0245  0.0285  0.0289  73 ASN A CB  
552 C CG  A ASN A 73 ? 0.3941 0.3355 0.3018 0.0283  0.0274  0.0316  73 ASN A CG  
553 C CG  B ASN A 73 ? 0.2919 0.2584 0.2245 0.0190  0.0144  0.0341  73 ASN A CG  
554 O OD1 A ASN A 73 ? 0.3999 0.3264 0.2968 0.0314  0.0378  0.0282  73 ASN A OD1 
555 O OD1 B ASN A 73 ? 0.4087 0.3935 0.3574 0.0172  0.0114  0.0386  73 ASN A OD1 
556 N ND2 A ASN A 73 ? 0.5215 0.4683 0.4252 0.0283  0.0160  0.0380  73 ASN A ND2 
557 N ND2 B ASN A 73 ? 0.4604 0.4165 0.3799 0.0159  0.0052  0.0343  73 ASN A ND2 
558 N N   . ILE A 74 ? 0.1893 0.1485 0.1418 0.0194  0.0380  0.0171  74 ILE A N   
559 C CA  . ILE A 74 ? 0.1774 0.1462 0.1431 0.0169  0.0353  0.0159  74 ILE A CA  
560 C C   . ILE A 74 ? 0.2008 0.1836 0.1726 0.0222  0.0358  0.0234  74 ILE A C   
561 O O   . ILE A 74 ? 0.2330 0.2119 0.1997 0.0293  0.0424  0.0249  74 ILE A O   
562 C CB  . ILE A 74 ? 0.1900 0.1500 0.1603 0.0161  0.0420  0.0074  74 ILE A CB  
563 C CG1 . ILE A 74 ? 0.2338 0.1848 0.2006 0.0122  0.0413  0.0003  74 ILE A CG1 
564 C CG2 . ILE A 74 ? 0.2442 0.2120 0.2255 0.0154  0.0395  0.0067  74 ILE A CG2 
565 C CD1 . ILE A 74 ? 0.2817 0.2270 0.2552 0.0118  0.0489  -0.0072 74 ILE A CD1 
566 N N   . MET A 75 ? 0.1587 0.1575 0.1398 0.0193  0.0289  0.0289  75 MET A N   
567 C CA  A MET A 75 ? 0.1437 0.1601 0.1319 0.0254  0.0304  0.0370  75 MET A CA  
568 C CA  B MET A 75 ? 0.1570 0.1734 0.1452 0.0254  0.0304  0.0370  75 MET A CA  
569 C C   . MET A 75 ? 0.1483 0.1674 0.1436 0.0243  0.0315  0.0346  75 MET A C   
570 O O   . MET A 75 ? 0.1613 0.1810 0.1611 0.0160  0.0252  0.0328  75 MET A O   
571 C CB  A MET A 75 ? 0.1819 0.2192 0.1774 0.0222  0.0217  0.0479  75 MET A CB  
572 C CB  B MET A 75 ? 0.1855 0.2224 0.1807 0.0224  0.0218  0.0479  75 MET A CB  
573 C CG  A MET A 75 ? 0.3236 0.3558 0.3109 0.0206  0.0162  0.0497  75 MET A CG  
574 C CG  B MET A 75 ? 0.1143 0.1747 0.1183 0.0307  0.0248  0.0581  75 MET A CG  
575 S SD  A MET A 75 ? 0.9141 0.9642 0.9034 0.0311  0.0170  0.0607  75 MET A SD  
576 S SD  B MET A 75 ? 0.5180 0.5779 0.5129 0.0448  0.0305  0.0617  75 MET A SD  
577 C CE  A MET A 75 ? 0.3249 0.3616 0.3049 0.0443  0.0312  0.0553  75 MET A CE  
578 C CE  B MET A 75 ? 0.7435 0.8416 0.7550 0.0505  0.0279  0.0773  75 MET A CE  
579 N N   . ILE A 76 ? 0.1495 0.1673 0.1427 0.0334  0.0387  0.0344  76 ILE A N   
580 C CA  . ILE A 76 ? 0.1369 0.1534 0.1329 0.0343  0.0400  0.0316  76 ILE A CA  
581 C C   . ILE A 76 ? 0.1943 0.2284 0.1922 0.0436  0.0433  0.0409  76 ILE A C   
582 O O   . ILE A 76 ? 0.1880 0.2226 0.1793 0.0549  0.0487  0.0441  76 ILE A O   
583 C CB  . ILE A 76 ? 0.1642 0.1584 0.1530 0.0373  0.0449  0.0216  76 ILE A CB  
584 C CG1 . ILE A 76 ? 0.1831 0.1644 0.1721 0.0293  0.0438  0.0138  76 ILE A CG1 
585 C CG2 . ILE A 76 ? 0.2116 0.2015 0.2014 0.0383  0.0443  0.0181  76 ILE A CG2 
586 C CD1 . ILE A 76 ? 0.2276 0.1903 0.2122 0.0307  0.0489  0.0064  76 ILE A CD1 
587 N N   . GLN A 77 ? 0.1744 0.2225 0.1800 0.0398  0.0404  0.0459  77 GLN A N   
588 C CA  . GLN A 77 ? 0.1451 0.2137 0.1535 0.0489  0.0450  0.0562  77 GLN A CA  
589 C C   . GLN A 77 ? 0.1989 0.2686 0.2088 0.0455  0.0441  0.0565  77 GLN A C   
590 O O   . GLN A 77 ? 0.2117 0.2739 0.2247 0.0335  0.0372  0.0520  77 GLN A O   
591 C CB  . GLN A 77 ? 0.2256 0.3231 0.2466 0.0460  0.0416  0.0692  77 GLN A CB  
592 C CG  . GLN A 77 ? 0.3455 0.4703 0.3724 0.0571  0.0480  0.0816  77 GLN A CG  
593 C CD  . GLN A 77 ? 0.3953 0.5512 0.4383 0.0536  0.0436  0.0950  77 GLN A CD  
594 O OE1 . GLN A 77 ? 0.4227 0.5774 0.4710 0.0406  0.0338  0.0948  77 GLN A OE1 
595 N NE2 . GLN A 77 ? 0.4450 0.6289 0.4949 0.0658  0.0503  0.1067  77 GLN A NE2 
596 N N   . LYS A 78 ? 0.2111 0.2888 0.2164 0.0572  0.0511  0.0617  78 LYS A N   
597 C CA  . LYS A 78 ? 0.2436 0.3243 0.2488 0.0546  0.0509  0.0641  78 LYS A CA  
598 C C   . LYS A 78 ? 0.2299 0.3433 0.2505 0.0474  0.0493  0.0793  78 LYS A C   
599 O O   . LYS A 78 ? 0.2250 0.3637 0.2547 0.0525  0.0526  0.0901  78 LYS A O   
600 C CB  . LYS A 78 ? 0.3616 0.4314 0.3509 0.0708  0.0589  0.0621  78 LYS A CB  
601 C CG  . LYS A 78 ? 0.4146 0.4491 0.3902 0.0724  0.0566  0.0469  78 LYS A CG  
602 C CD  . LYS A 78 ? 0.5089 0.5269 0.4665 0.0851  0.0605  0.0437  78 LYS A CD  
603 C CE  . LYS A 78 ? 0.5383 0.5219 0.4850 0.0842  0.0557  0.0293  78 LYS A CE  
604 N NZ  . LYS A 78 ? 0.5692 0.5317 0.4957 0.0957  0.0565  0.0253  78 LYS A NZ  
605 N N   . HIS A 79 ? 0.2216 0.3335 0.2454 0.0349  0.0431  0.0803  79 HIS A N   
606 C CA  . HIS A 79 ? 0.2265 0.3664 0.2642 0.0249  0.0402  0.0954  79 HIS A CA  
607 C C   . HIS A 79 ? 0.2786 0.4122 0.3094 0.0222  0.0408  0.0966  79 HIS A C   
608 O O   . HIS A 79 ? 0.2857 0.3937 0.3085 0.0146  0.0336  0.0861  79 HIS A O   
609 C CB  A HIS A 79 ? 0.2995 0.4397 0.3468 0.0071  0.0271  0.0961  79 HIS A CB  
610 C CB  B HIS A 79 ? 0.2983 0.4385 0.3456 0.0069  0.0270  0.0962  79 HIS A CB  
611 C CG  A HIS A 79 ? 0.3680 0.5392 0.4321 -0.0044 0.0222  0.1134  79 HIS A CG  
612 C CG  B HIS A 79 ? 0.3529 0.4987 0.4055 0.0084  0.0250  0.0961  79 HIS A CG  
613 N ND1 A HIS A 79 ? 0.4247 0.6275 0.5037 -0.0009 0.0248  0.1260  79 HIS A ND1 
614 N ND1 B HIS A 79 ? 0.3781 0.5551 0.4436 0.0129  0.0281  0.1094  79 HIS A ND1 
615 C CD2 A HIS A 79 ? 0.3872 0.5624 0.4561 -0.0203 0.0139  0.1209  79 HIS A CD2 
616 C CD2 B HIS A 79 ? 0.3129 0.4377 0.3592 0.0064  0.0203  0.0849  79 HIS A CD2 
617 C CE1 A HIS A 79 ? 0.4038 0.6314 0.4985 -0.0150 0.0183  0.1412  79 HIS A CE1 
618 C CE1 B HIS A 79 ? 0.3504 0.5225 0.4157 0.0136  0.0243  0.1058  79 HIS A CE1 
619 N NE2 A HIS A 79 ? 0.3461 0.5563 0.4340 -0.0275 0.0115  0.1385  79 HIS A NE2 
620 N NE2 B HIS A 79 ? 0.3804 0.5207 0.4333 0.0096  0.0201  0.0911  79 HIS A NE2 
621 N N   . ASP A 80 ? 0.2808 0.4376 0.3137 0.0296  0.0499  0.1094  80 ASP A N   
622 C CA  . ASP A 80 ? 0.3064 0.4589 0.3315 0.0270  0.0514  0.1130  80 ASP A CA  
623 C C   . ASP A 80 ? 0.3060 0.4202 0.3098 0.0337  0.0505  0.0964  80 ASP A C   
624 O O   . ASP A 80 ? 0.2863 0.3846 0.2829 0.0254  0.0445  0.0934  80 ASP A O   
625 C CB  . ASP A 80 ? 0.3713 0.5305 0.4072 0.0050  0.0399  0.1207  80 ASP A CB  
626 C CG  . ASP A 80 ? 0.4732 0.6735 0.5314 -0.0031 0.0402  0.1403  80 ASP A CG  
627 O OD1 . ASP A 80 ? 0.4727 0.7011 0.5377 0.0106  0.0523  0.1503  80 ASP A OD1 
628 O OD2 . ASP A 80 ? 0.4244 0.6285 0.4929 -0.0226 0.0275  0.1458  80 ASP A OD2 
629 N N   . GLY A 81 ? 0.3222 0.4206 0.3156 0.0481  0.0552  0.0860  81 GLY A N   
630 C CA  . GLY A 81 ? 0.2649 0.3289 0.2390 0.0551  0.0539  0.0718  81 GLY A CA  
631 C C   . GLY A 81 ? 0.3776 0.4161 0.3521 0.0480  0.0447  0.0560  81 GLY A C   
632 O O   . GLY A 81 ? 0.3975 0.4104 0.3594 0.0552  0.0440  0.0444  81 GLY A O   
633 N N   . ILE A 82 ? 0.2827 0.3278 0.2712 0.0341  0.0373  0.0561  82 ILE A N   
634 C CA  . ILE A 82 ? 0.2048 0.2280 0.1936 0.0283  0.0300  0.0420  82 ILE A CA  
635 C C   . ILE A 82 ? 0.2032 0.2313 0.1988 0.0296  0.0321  0.0404  82 ILE A C   
636 O O   . ILE A 82 ? 0.2229 0.2727 0.2254 0.0313  0.0357  0.0507  82 ILE A O   
637 C CB  . ILE A 82 ? 0.2658 0.2820 0.2585 0.0136  0.0189  0.0391  82 ILE A CB  
638 C CG1 . ILE A 82 ? 0.3002 0.3357 0.3047 0.0023  0.0143  0.0489  82 ILE A CG1 
639 C CG2 . ILE A 82 ? 0.2554 0.2648 0.2392 0.0124  0.0166  0.0414  82 ILE A CG2 
640 C CD1 . ILE A 82 ? 0.3937 0.4178 0.3975 -0.0118 0.0016  0.0464  82 ILE A CD1 
641 N N   . THR A 83 ? 0.1775 0.1856 0.1708 0.0291  0.0296  0.0280  83 THR A N   
642 C CA  . THR A 83 ? 0.1782 0.1867 0.1751 0.0298  0.0317  0.0257  83 THR A CA  
643 C C   . THR A 83 ? 0.1657 0.1765 0.1703 0.0176  0.0244  0.0246  83 THR A C   
644 O O   . THR A 83 ? 0.1880 0.1861 0.1925 0.0111  0.0181  0.0168  83 THR A O   
645 C CB  . THR A 83 ? 0.2003 0.1863 0.1904 0.0349  0.0337  0.0142  83 THR A CB  
646 O OG1 . THR A 83 ? 0.2443 0.2237 0.2228 0.0468  0.0386  0.0152  83 THR A OG1 
647 C CG2 . THR A 83 ? 0.1825 0.1671 0.1741 0.0355  0.0368  0.0127  83 THR A CG2 
648 N N   . VAL A 84 ? 0.1534 0.1791 0.1630 0.0158  0.0246  0.0322  84 VAL A N   
649 C CA  . VAL A 84 ? 0.1336 0.1596 0.1468 0.0051  0.0164  0.0321  84 VAL A CA  
650 C C   . VAL A 84 ? 0.1151 0.1358 0.1260 0.0076  0.0191  0.0285  84 VAL A C   
651 O O   . VAL A 84 ? 0.1330 0.1635 0.1441 0.0145  0.0244  0.0344  84 VAL A O   
652 C CB  . VAL A 84 ? 0.1479 0.1952 0.1684 -0.0020 0.0108  0.0456  84 VAL A CB  
653 C CG1 . VAL A 84 ? 0.1791 0.2200 0.1988 -0.0134 -0.0005 0.0446  84 VAL A CG1 
654 C CG2 . VAL A 84 ? 0.1780 0.2324 0.2002 -0.0048 0.0098  0.0517  84 VAL A CG2 
655 N N   . ALA A 85 ? 0.1401 0.1453 0.1477 0.0032  0.0157  0.0193  85 ALA A N   
656 C CA  . ALA A 85 ? 0.1289 0.1274 0.1322 0.0048  0.0186  0.0161  85 ALA A CA  
657 C C   . ALA A 85 ? 0.1284 0.1244 0.1283 -0.0028 0.0094  0.0169  85 ALA A C   
658 O O   . ALA A 85 ? 0.1524 0.1407 0.1506 -0.0086 0.0020  0.0128  85 ALA A O   
659 C CB  . ALA A 85 ? 0.1690 0.1514 0.1703 0.0075  0.0241  0.0049  85 ALA A CB  
660 N N   . VAL A 86 ? 0.1358 0.1357 0.1320 -0.0021 0.0090  0.0218  86 VAL A N   
661 C CA  . VAL A 86 ? 0.1530 0.1472 0.1419 -0.0083 -0.0008 0.0228  86 VAL A CA  
662 C C   . VAL A 86 ? 0.1596 0.1420 0.1379 -0.0036 0.0043  0.0184  86 VAL A C   
663 O O   . VAL A 86 ? 0.1746 0.1618 0.1529 0.0023  0.0115  0.0217  86 VAL A O   
664 C CB  . VAL A 86 ? 0.1560 0.1679 0.1507 -0.0133 -0.0093 0.0356  86 VAL A CB  
665 C CG1 . VAL A 86 ? 0.1977 0.2004 0.1820 -0.0192 -0.0208 0.0368  86 VAL A CG1 
666 C CG2 . VAL A 86 ? 0.1690 0.1919 0.1731 -0.0201 -0.0149 0.0411  86 VAL A CG2 
667 N N   . HIS A 87 ? 0.1527 0.1185 0.1202 -0.0054 0.0010  0.0110  87 HIS A N   
668 C CA  . HIS A 87 ? 0.1842 0.1374 0.1391 -0.0009 0.0066  0.0069  87 HIS A CA  
669 C C   . HIS A 87 ? 0.1833 0.1283 0.1235 -0.0039 -0.0048 0.0103  87 HIS A C   
670 O O   . HIS A 87 ? 0.1855 0.1224 0.1198 -0.0091 -0.0163 0.0088  87 HIS A O   
671 C CB  . HIS A 87 ? 0.1783 0.1193 0.1307 0.0015  0.0129  -0.0039 87 HIS A CB  
672 C CG  . HIS A 87 ? 0.1750 0.1041 0.1143 0.0063  0.0207  -0.0077 87 HIS A CG  
673 N ND1 . HIS A 87 ? 0.2125 0.1316 0.1463 0.0093  0.0247  -0.0161 87 HIS A ND1 
674 C CD2 . HIS A 87 ? 0.1834 0.1093 0.1132 0.0094  0.0254  -0.0038 87 HIS A CD2 
675 C CE1 . HIS A 87 ? 0.2512 0.1625 0.1730 0.0135  0.0329  -0.0165 87 HIS A CE1 
676 N NE2 . HIS A 87 ? 0.2512 0.1648 0.1692 0.0133  0.0331  -0.0093 87 HIS A NE2 
677 N N   . LYS A 88 ? 0.1938 0.1391 0.1272 -0.0007 -0.0031 0.0151  88 LYS A N   
678 C CA  . LYS A 88 ? 0.2629 0.1972 0.1795 -0.0026 -0.0144 0.0179  88 LYS A CA  
679 C C   . LYS A 88 ? 0.3177 0.2349 0.2159 0.0047  -0.0055 0.0130  88 LYS A C   
680 O O   . LYS A 88 ? 0.2611 0.1810 0.1629 0.0098  0.0081  0.0121  88 LYS A O   
681 C CB  . LYS A 88 ? 0.2878 0.2393 0.2124 -0.0049 -0.0222 0.0296  88 LYS A CB  
682 C CG  . LYS A 88 ? 0.2858 0.2567 0.2285 -0.0130 -0.0312 0.0369  88 LYS A CG  
683 C CD  . LYS A 88 ? 0.3515 0.3444 0.3051 -0.0146 -0.0381 0.0497  88 LYS A CD  
684 C CE  . LYS A 88 ? 0.4137 0.4303 0.3879 -0.0224 -0.0438 0.0586  88 LYS A CE  
685 N NZ  . LYS A 88 ? 0.5333 0.5758 0.5214 -0.0245 -0.0512 0.0726  88 LYS A NZ  
686 N N   . MET A 89 ? 0.3675 0.2650 0.2437 0.0052  -0.0134 0.0102  89 MET A N   
687 C CA  . MET A 89 ? 0.5165 0.3966 0.3720 0.0128  -0.0038 0.0062  89 MET A CA  
688 C C   . MET A 89 ? 0.6393 0.5193 0.4867 0.0153  -0.0049 0.0133  89 MET A C   
689 O O   . MET A 89 ? 0.4888 0.3821 0.3459 0.0116  -0.0151 0.0213  89 MET A O   
690 C CB  . MET A 89 ? 0.5425 0.3981 0.3724 0.0154  -0.0104 -0.0003 89 MET A CB  
691 C CG  . MET A 89 ? 0.5896 0.4415 0.4223 0.0174  -0.0051 -0.0093 89 MET A CG  
692 S SD  . MET A 89 ? 0.4684 0.3336 0.3192 0.0221  0.0185  -0.0135 89 MET A SD  
693 C CE  . MET A 89 ? 0.3924 0.2428 0.2195 0.0304  0.0315  -0.0135 89 MET A CE  
694 N N   . ALA A 90 ? 0.9202 0.7855 0.7496 0.0221  0.0059  0.0110  90 ALA A N   
695 C CA  . ALA A 90 ? 1.1242 0.9838 0.9403 0.0261  0.0052  0.0168  90 ALA A CA  
696 C C   . ALA A 90 ? 1.1801 1.0309 0.9872 0.0320  0.0239  0.0148  90 ALA A C   
697 O O   . ALA A 90 ? 1.1563 1.0074 0.9692 0.0324  0.0365  0.0092  90 ALA A O   
698 C CB  . ALA A 90 ? 1.1597 1.0408 0.9951 0.0237  -0.0012 0.0255  90 ALA A CB  
# 
